data_1DU6
#
_entry.id   1DU6
#
_cell.length_a   1.000
_cell.length_b   1.000
_cell.length_c   1.000
_cell.angle_alpha   90.00
_cell.angle_beta   90.00
_cell.angle_gamma   90.00
#
_symmetry.space_group_name_H-M   'P 1'
#
_entity_poly.entity_id   1
_entity_poly.type   'polypeptide(L)'
_entity_poly.pdbx_seq_one_letter_code
;SSGHIEGRHMNKQATEILNEYFYSHLSNPYPSEEAKEELAKKCGITVSQVSNWFGNKRIRYKKN
;
_entity_poly.pdbx_strand_id   A
#
# COMPACT_ATOMS: atom_id res chain seq x y z
N SER A 1 0.05 -16.42 12.13
CA SER A 1 0.76 -17.36 13.04
C SER A 1 1.63 -16.61 14.05
N SER A 2 2.54 -15.78 13.53
CA SER A 2 3.43 -15.01 14.38
C SER A 2 3.38 -13.53 14.02
N GLY A 3 3.77 -12.67 14.96
CA GLY A 3 3.77 -11.25 14.72
C GLY A 3 2.95 -10.49 15.75
N HIS A 4 1.65 -10.38 15.50
CA HIS A 4 0.76 -9.67 16.42
C HIS A 4 1.18 -8.22 16.56
N ILE A 5 0.31 -7.40 17.14
CA ILE A 5 0.59 -5.99 17.35
C ILE A 5 0.84 -5.28 16.02
N GLU A 6 -0.21 -5.17 15.20
CA GLU A 6 -0.09 -4.52 13.91
C GLU A 6 -1.45 -4.01 13.44
N GLY A 7 -1.61 -2.69 13.46
CA GLY A 7 -2.86 -2.09 13.03
C GLY A 7 -2.92 -0.60 13.31
N ARG A 8 -2.49 0.20 12.34
CA ARG A 8 -2.49 1.65 12.47
C ARG A 8 -2.46 2.31 11.10
N HIS A 9 -3.51 3.07 10.79
CA HIS A 9 -3.60 3.76 9.51
C HIS A 9 -3.59 2.76 8.35
N MET A 10 -4.19 3.16 7.24
CA MET A 10 -4.25 2.30 6.04
C MET A 10 -5.33 1.24 6.21
N ASN A 11 -6.52 1.67 6.63
CA ASN A 11 -7.64 0.76 6.84
C ASN A 11 -7.24 -0.40 7.74
N LYS A 12 -8.09 -1.41 7.82
CA LYS A 12 -7.81 -2.58 8.65
C LYS A 12 -6.62 -3.36 8.11
N GLN A 13 -6.89 -4.47 7.41
CA GLN A 13 -5.83 -5.30 6.85
C GLN A 13 -5.35 -4.78 5.49
N ALA A 14 -5.67 -3.53 5.18
CA ALA A 14 -5.25 -2.94 3.90
C ALA A 14 -3.75 -3.04 3.72
N THR A 15 -3.01 -2.51 4.70
CA THR A 15 -1.55 -2.55 4.66
C THR A 15 -1.06 -3.99 4.52
N GLU A 16 -1.88 -4.93 4.96
CA GLU A 16 -1.54 -6.34 4.86
C GLU A 16 -1.79 -6.80 3.43
N ILE A 17 -2.82 -6.20 2.84
CA ILE A 17 -3.18 -6.48 1.46
C ILE A 17 -2.11 -5.90 0.54
N LEU A 18 -1.81 -4.63 0.78
CA LEU A 18 -0.80 -3.92 0.02
C LEU A 18 0.55 -4.59 0.21
N ASN A 19 0.91 -4.81 1.48
CA ASN A 19 2.16 -5.46 1.82
C ASN A 19 2.22 -6.84 1.20
N GLU A 20 1.32 -7.71 1.65
CA GLU A 20 1.26 -9.07 1.12
C GLU A 20 1.18 -9.04 -0.40
N TYR A 21 0.62 -7.96 -0.95
CA TYR A 21 0.50 -7.83 -2.39
C TYR A 21 1.84 -7.46 -3.02
N PHE A 22 2.38 -6.32 -2.63
CA PHE A 22 3.65 -5.85 -3.16
C PHE A 22 4.80 -6.83 -2.84
N TYR A 23 4.89 -7.21 -1.58
CA TYR A 23 5.94 -8.13 -1.15
C TYR A 23 6.02 -9.34 -2.08
N SER A 24 5.05 -10.25 -1.93
CA SER A 24 4.96 -11.45 -2.77
C SER A 24 5.33 -11.15 -4.20
N HIS A 25 4.93 -9.96 -4.62
CA HIS A 25 5.12 -9.49 -5.97
C HIS A 25 6.22 -8.44 -6.07
N LEU A 26 7.19 -8.50 -5.17
CA LEU A 26 8.29 -7.53 -5.17
C LEU A 26 9.21 -7.74 -6.36
N SER A 27 9.17 -8.94 -6.94
CA SER A 27 10.00 -9.26 -8.10
C SER A 27 9.61 -8.38 -9.29
N ASN A 28 8.36 -7.92 -9.30
CA ASN A 28 7.87 -7.08 -10.38
C ASN A 28 6.50 -6.49 -10.02
N PRO A 29 6.46 -5.63 -8.99
CA PRO A 29 5.23 -5.00 -8.54
C PRO A 29 4.81 -3.82 -9.42
N TYR A 30 5.28 -2.62 -9.08
CA TYR A 30 4.96 -1.41 -9.85
C TYR A 30 3.49 -1.38 -10.23
N PRO A 31 2.57 -1.53 -9.26
CA PRO A 31 1.13 -1.51 -9.52
C PRO A 31 0.71 -0.29 -10.34
N SER A 32 0.40 -0.53 -11.62
CA SER A 32 -0.01 0.54 -12.52
C SER A 32 -1.14 1.36 -11.89
N GLU A 33 -1.47 2.48 -12.53
CA GLU A 33 -2.54 3.34 -12.05
C GLU A 33 -3.82 2.55 -11.78
N GLU A 34 -4.03 1.50 -12.58
CA GLU A 34 -5.20 0.66 -12.44
C GLU A 34 -5.13 -0.18 -11.17
N ALA A 35 -4.04 -0.93 -11.03
CA ALA A 35 -3.84 -1.78 -9.86
C ALA A 35 -3.86 -0.97 -8.57
N LYS A 36 -3.15 0.14 -8.57
CA LYS A 36 -3.10 1.01 -7.40
C LYS A 36 -4.50 1.47 -7.02
N GLU A 37 -5.18 2.10 -7.97
CA GLU A 37 -6.54 2.58 -7.74
C GLU A 37 -7.43 1.42 -7.29
N GLU A 38 -7.24 0.27 -7.93
CA GLU A 38 -8.02 -0.92 -7.60
C GLU A 38 -7.90 -1.26 -6.12
N LEU A 39 -6.67 -1.55 -5.69
CA LEU A 39 -6.42 -1.87 -4.29
C LEU A 39 -6.96 -0.77 -3.39
N ALA A 40 -6.70 0.47 -3.80
CA ALA A 40 -7.14 1.62 -3.05
C ALA A 40 -8.65 1.61 -2.86
N LYS A 41 -9.38 1.56 -3.98
CA LYS A 41 -10.84 1.53 -3.95
C LYS A 41 -11.37 0.16 -3.53
N LYS A 42 -10.48 -0.83 -3.44
CA LYS A 42 -10.88 -2.17 -3.05
C LYS A 42 -11.14 -2.22 -1.55
N CYS A 43 -10.37 -1.43 -0.80
CA CYS A 43 -10.52 -1.35 0.65
C CYS A 43 -11.46 -0.21 1.03
N GLY A 44 -11.70 0.69 0.07
CA GLY A 44 -12.56 1.81 0.34
C GLY A 44 -11.81 2.92 1.04
N ILE A 45 -10.50 2.97 0.83
CA ILE A 45 -9.65 3.97 1.46
C ILE A 45 -9.46 5.20 0.55
N THR A 46 -8.24 5.38 0.10
CA THR A 46 -7.86 6.47 -0.76
C THR A 46 -6.54 6.13 -1.37
N VAL A 47 -6.44 6.34 -2.66
CA VAL A 47 -5.25 6.01 -3.37
C VAL A 47 -4.00 6.53 -2.72
N SER A 48 -4.05 7.70 -2.15
CA SER A 48 -2.86 8.22 -1.51
C SER A 48 -2.39 7.23 -0.45
N GLN A 49 -3.33 6.48 0.13
CA GLN A 49 -2.98 5.44 1.08
C GLN A 49 -2.16 4.41 0.33
N VAL A 50 -2.59 4.16 -0.90
CA VAL A 50 -1.92 3.25 -1.81
C VAL A 50 -0.80 4.03 -2.49
N SER A 51 -1.17 5.11 -3.18
CA SER A 51 -0.22 5.98 -3.86
C SER A 51 1.07 6.16 -3.06
N ASN A 52 0.92 6.46 -1.77
CA ASN A 52 2.07 6.68 -0.89
C ASN A 52 2.75 5.37 -0.48
N TRP A 53 1.94 4.39 -0.06
CA TRP A 53 2.47 3.10 0.39
C TRP A 53 3.52 2.54 -0.56
N PHE A 54 3.17 2.44 -1.83
CA PHE A 54 4.07 1.90 -2.84
C PHE A 54 5.14 2.91 -3.20
N GLY A 55 4.85 4.19 -2.98
CA GLY A 55 5.82 5.23 -3.27
C GLY A 55 7.09 5.05 -2.45
N ASN A 56 6.92 4.51 -1.25
CA ASN A 56 8.05 4.26 -0.35
C ASN A 56 8.53 2.82 -0.49
N LYS A 57 7.63 1.94 -0.93
CA LYS A 57 7.97 0.54 -1.12
C LYS A 57 8.80 0.38 -2.38
N ARG A 58 8.63 1.31 -3.31
CA ARG A 58 9.40 1.29 -4.54
C ARG A 58 10.82 1.77 -4.24
N ILE A 59 11.06 2.10 -2.96
CA ILE A 59 12.36 2.55 -2.50
C ILE A 59 13.32 1.37 -2.38
N ARG A 60 12.76 0.17 -2.54
CA ARG A 60 13.51 -1.06 -2.43
C ARG A 60 13.78 -1.37 -0.97
N TYR A 61 12.73 -1.86 -0.31
CA TYR A 61 12.78 -2.22 1.09
C TYR A 61 13.77 -3.35 1.39
N LYS A 62 14.56 -3.72 0.39
CA LYS A 62 15.54 -4.77 0.53
C LYS A 62 16.86 -4.21 1.06
N LYS A 63 17.97 -4.74 0.58
CA LYS A 63 19.29 -4.27 0.99
C LYS A 63 19.67 -2.97 0.29
N ASN A 64 18.83 -1.96 0.44
CA ASN A 64 19.08 -0.66 -0.20
C ASN A 64 19.13 -0.81 -1.71
N SER A 1 -0.99 16.43 8.27
CA SER A 1 -0.04 17.44 8.78
C SER A 1 1.24 16.79 9.27
N SER A 2 1.11 15.83 10.19
CA SER A 2 2.25 15.14 10.74
C SER A 2 1.90 13.69 11.09
N GLY A 3 0.82 13.51 11.84
CA GLY A 3 0.38 12.19 12.23
C GLY A 3 -0.10 12.13 13.66
N HIS A 4 -0.80 11.05 13.99
CA HIS A 4 -1.33 10.87 15.35
C HIS A 4 -2.35 11.96 15.67
N ILE A 5 -3.53 11.55 16.12
CA ILE A 5 -4.59 12.48 16.47
C ILE A 5 -4.99 13.33 15.28
N GLU A 6 -6.06 12.94 14.59
CA GLU A 6 -6.54 13.67 13.44
C GLU A 6 -5.48 13.71 12.34
N GLY A 7 -5.48 12.71 11.47
CA GLY A 7 -4.51 12.65 10.39
C GLY A 7 -4.14 11.23 10.02
N ARG A 8 -4.04 10.97 8.72
CA ARG A 8 -3.68 9.64 8.23
C ARG A 8 -4.60 8.58 8.83
N HIS A 9 -5.60 8.16 8.05
CA HIS A 9 -6.54 7.15 8.52
C HIS A 9 -5.96 5.75 8.34
N MET A 10 -6.02 5.24 7.10
CA MET A 10 -5.50 3.91 6.78
C MET A 10 -6.55 2.85 7.11
N ASN A 11 -6.57 1.79 6.33
CA ASN A 11 -7.53 0.72 6.55
C ASN A 11 -6.99 -0.31 7.53
N LYS A 12 -7.85 -1.21 7.98
CA LYS A 12 -7.46 -2.24 8.93
C LYS A 12 -6.46 -3.20 8.31
N GLN A 13 -6.96 -4.27 7.68
CA GLN A 13 -6.11 -5.26 7.05
C GLN A 13 -5.70 -4.86 5.63
N ALA A 14 -5.61 -3.56 5.39
CA ALA A 14 -5.22 -3.07 4.08
C ALA A 14 -3.70 -3.16 3.90
N THR A 15 -2.98 -2.76 4.95
CA THR A 15 -1.52 -2.81 4.93
C THR A 15 -1.04 -4.24 4.66
N GLU A 16 -1.87 -5.21 5.01
CA GLU A 16 -1.53 -6.61 4.78
C GLU A 16 -1.81 -6.96 3.33
N ILE A 17 -2.81 -6.28 2.78
CA ILE A 17 -3.17 -6.44 1.39
C ILE A 17 -2.09 -5.82 0.52
N LEU A 18 -1.73 -4.60 0.89
CA LEU A 18 -0.70 -3.84 0.21
C LEU A 18 0.66 -4.51 0.38
N ASN A 19 0.96 -4.86 1.63
CA ASN A 19 2.23 -5.51 1.95
C ASN A 19 2.31 -6.86 1.24
N GLU A 20 1.24 -7.64 1.34
CA GLU A 20 1.17 -8.93 0.69
C GLU A 20 1.10 -8.77 -0.82
N TYR A 21 0.52 -7.64 -1.26
CA TYR A 21 0.40 -7.37 -2.69
C TYR A 21 1.71 -6.83 -3.25
N PHE A 22 2.45 -6.13 -2.42
CA PHE A 22 3.72 -5.55 -2.81
C PHE A 22 4.85 -6.58 -2.75
N TYR A 23 4.77 -7.46 -1.76
CA TYR A 23 5.78 -8.50 -1.59
C TYR A 23 5.54 -9.67 -2.54
N SER A 24 4.40 -10.34 -2.38
CA SER A 24 4.01 -11.45 -3.24
C SER A 24 4.43 -11.18 -4.67
N HIS A 25 4.26 -9.92 -5.03
CA HIS A 25 4.54 -9.44 -6.36
C HIS A 25 5.76 -8.53 -6.37
N LEU A 26 6.74 -8.84 -5.54
CA LEU A 26 7.95 -8.04 -5.44
C LEU A 26 8.80 -8.18 -6.71
N SER A 27 8.60 -9.28 -7.43
CA SER A 27 9.34 -9.52 -8.66
C SER A 27 9.08 -8.41 -9.67
N ASN A 28 7.89 -7.81 -9.59
CA ASN A 28 7.51 -6.73 -10.50
C ASN A 28 6.14 -6.17 -10.12
N PRO A 29 6.07 -5.36 -9.05
CA PRO A 29 4.82 -4.77 -8.59
C PRO A 29 4.47 -3.50 -9.35
N TYR A 30 5.12 -2.38 -9.00
CA TYR A 30 4.87 -1.10 -9.65
C TYR A 30 3.38 -0.89 -9.93
N PRO A 31 2.58 -0.70 -8.86
CA PRO A 31 1.14 -0.50 -8.98
C PRO A 31 0.78 0.59 -9.98
N SER A 32 0.39 0.17 -11.19
CA SER A 32 0.03 1.11 -12.24
C SER A 32 -1.34 1.73 -11.95
N GLU A 33 -1.89 2.44 -12.93
CA GLU A 33 -3.19 3.07 -12.78
C GLU A 33 -4.26 2.03 -12.45
N GLU A 34 -4.12 0.84 -13.03
CA GLU A 34 -5.07 -0.24 -12.81
C GLU A 34 -4.95 -0.80 -11.40
N ALA A 35 -3.71 -1.06 -10.99
CA ALA A 35 -3.45 -1.60 -9.66
C ALA A 35 -3.92 -0.66 -8.57
N LYS A 36 -3.39 0.57 -8.58
CA LYS A 36 -3.76 1.57 -7.59
C LYS A 36 -5.28 1.68 -7.48
N GLU A 37 -5.95 1.66 -8.63
CA GLU A 37 -7.41 1.74 -8.66
C GLU A 37 -8.03 0.51 -8.02
N GLU A 38 -7.30 -0.60 -8.03
CA GLU A 38 -7.79 -1.84 -7.46
C GLU A 38 -7.57 -1.83 -5.94
N LEU A 39 -6.35 -1.53 -5.53
CA LEU A 39 -6.02 -1.47 -4.12
C LEU A 39 -6.91 -0.45 -3.42
N ALA A 40 -7.29 0.58 -4.18
CA ALA A 40 -8.14 1.64 -3.65
C ALA A 40 -9.51 1.09 -3.24
N LYS A 41 -10.14 0.34 -4.15
CA LYS A 41 -11.45 -0.22 -3.88
C LYS A 41 -11.39 -1.29 -2.78
N LYS A 42 -10.41 -2.18 -2.87
CA LYS A 42 -10.25 -3.25 -1.88
C LYS A 42 -10.37 -2.71 -0.46
N CYS A 43 -9.61 -1.66 -0.16
CA CYS A 43 -9.62 -1.06 1.17
C CYS A 43 -10.62 0.11 1.24
N GLY A 44 -11.06 0.58 0.08
CA GLY A 44 -12.00 1.69 0.05
C GLY A 44 -11.42 2.97 0.63
N ILE A 45 -10.14 3.20 0.36
CA ILE A 45 -9.45 4.38 0.85
C ILE A 45 -9.19 5.38 -0.28
N THR A 46 -7.94 5.78 -0.41
CA THR A 46 -7.50 6.69 -1.44
C THR A 46 -6.15 6.23 -1.87
N VAL A 47 -5.98 6.11 -3.16
CA VAL A 47 -4.76 5.63 -3.70
C VAL A 47 -3.53 6.31 -3.16
N SER A 48 -3.61 7.58 -2.83
CA SER A 48 -2.44 8.22 -2.28
C SER A 48 -1.98 7.45 -1.05
N GLN A 49 -2.94 6.82 -0.36
CA GLN A 49 -2.61 5.98 0.78
C GLN A 49 -1.76 4.84 0.23
N VAL A 50 -2.19 4.36 -0.93
CA VAL A 50 -1.49 3.33 -1.67
C VAL A 50 -0.32 3.98 -2.41
N SER A 51 -0.67 4.91 -3.31
CA SER A 51 0.32 5.66 -4.08
C SER A 51 1.56 5.99 -3.24
N ASN A 52 1.31 6.48 -2.02
CA ASN A 52 2.39 6.83 -1.11
C ASN A 52 3.03 5.60 -0.46
N TRP A 53 2.20 4.61 -0.14
CA TRP A 53 2.69 3.38 0.50
C TRP A 53 3.79 2.72 -0.31
N PHE A 54 3.47 2.37 -1.54
CA PHE A 54 4.41 1.69 -2.42
C PHE A 54 5.59 2.61 -2.75
N GLY A 55 5.32 3.91 -2.80
CA GLY A 55 6.36 4.87 -3.09
C GLY A 55 7.26 5.11 -1.88
N ASN A 56 6.80 4.67 -0.71
CA ASN A 56 7.55 4.82 0.53
C ASN A 56 8.31 3.54 0.83
N LYS A 57 7.58 2.43 0.90
CA LYS A 57 8.19 1.12 1.16
C LYS A 57 9.34 0.87 0.21
N ARG A 58 9.32 1.54 -0.93
CA ARG A 58 10.40 1.41 -1.90
C ARG A 58 11.70 1.92 -1.28
N ILE A 59 11.59 2.52 -0.11
CA ILE A 59 12.74 3.06 0.61
C ILE A 59 13.78 1.97 0.85
N ARG A 60 13.50 1.13 1.84
CA ARG A 60 14.36 0.02 2.21
C ARG A 60 13.55 -0.98 3.03
N TYR A 61 12.53 -1.53 2.42
CA TYR A 61 11.66 -2.48 3.06
C TYR A 61 12.34 -3.80 3.39
N LYS A 62 13.67 -3.79 3.45
CA LYS A 62 14.43 -5.00 3.73
C LYS A 62 14.46 -5.29 5.22
N LYS A 63 13.33 -5.71 5.76
CA LYS A 63 13.20 -6.04 7.17
C LYS A 63 12.00 -6.94 7.41
N ASN A 64 11.67 -7.75 6.41
CA ASN A 64 10.53 -8.66 6.50
C ASN A 64 9.24 -7.90 6.77
N SER A 1 16.08 10.96 11.09
CA SER A 1 14.78 11.27 10.46
C SER A 1 14.51 10.37 9.26
N SER A 2 13.87 9.24 9.49
CA SER A 2 13.55 8.30 8.41
C SER A 2 12.16 8.55 7.87
N GLY A 3 11.15 8.42 8.72
CA GLY A 3 9.78 8.64 8.30
C GLY A 3 8.92 9.26 9.39
N HIS A 4 7.61 9.19 9.21
CA HIS A 4 6.68 9.76 10.18
C HIS A 4 5.51 8.80 10.45
N ILE A 5 4.57 9.25 11.27
CA ILE A 5 3.41 8.44 11.60
C ILE A 5 2.22 9.31 11.98
N GLU A 6 2.16 10.50 11.38
CA GLU A 6 1.07 11.43 11.66
C GLU A 6 -0.15 11.11 10.80
N GLY A 7 -0.96 10.15 11.25
CA GLY A 7 -2.14 9.78 10.51
C GLY A 7 -2.70 8.43 10.94
N ARG A 8 -1.93 7.37 10.71
CA ARG A 8 -2.35 6.02 11.08
C ARG A 8 -3.78 5.75 10.65
N HIS A 9 -3.96 5.46 9.36
CA HIS A 9 -5.28 5.18 8.81
C HIS A 9 -5.16 4.38 7.52
N MET A 10 -5.33 3.07 7.61
CA MET A 10 -5.25 2.19 6.45
C MET A 10 -5.89 0.84 6.75
N ASN A 11 -7.08 0.88 7.34
CA ASN A 11 -7.82 -0.34 7.68
C ASN A 11 -6.97 -1.27 8.54
N LYS A 12 -7.61 -2.30 9.09
CA LYS A 12 -6.91 -3.26 9.94
C LYS A 12 -5.91 -4.08 9.14
N GLN A 13 -6.37 -5.18 8.55
CA GLN A 13 -5.51 -6.06 7.76
C GLN A 13 -5.35 -5.58 6.32
N ALA A 14 -5.46 -4.27 6.10
CA ALA A 14 -5.31 -3.72 4.76
C ALA A 14 -3.84 -3.61 4.39
N THR A 15 -3.02 -3.26 5.37
CA THR A 15 -1.59 -3.13 5.17
C THR A 15 -0.99 -4.50 4.85
N GLU A 16 -1.68 -5.56 5.27
CA GLU A 16 -1.23 -6.92 5.01
C GLU A 16 -1.63 -7.29 3.59
N ILE A 17 -2.71 -6.66 3.13
CA ILE A 17 -3.22 -6.86 1.79
C ILE A 17 -2.24 -6.21 0.82
N LEU A 18 -1.77 -5.05 1.23
CA LEU A 18 -0.82 -4.27 0.46
C LEU A 18 0.56 -4.92 0.54
N ASN A 19 0.89 -5.43 1.72
CA ASN A 19 2.16 -6.09 1.94
C ASN A 19 2.17 -7.42 1.19
N GLU A 20 1.08 -8.16 1.35
CA GLU A 20 0.94 -9.44 0.66
C GLU A 20 0.82 -9.18 -0.83
N TYR A 21 0.28 -8.02 -1.19
CA TYR A 21 0.14 -7.66 -2.59
C TYR A 21 1.46 -7.14 -3.14
N PHE A 22 2.23 -6.51 -2.26
CA PHE A 22 3.52 -5.95 -2.63
C PHE A 22 4.55 -7.07 -2.84
N TYR A 23 4.79 -7.84 -1.79
CA TYR A 23 5.75 -8.95 -1.85
C TYR A 23 5.47 -9.85 -3.04
N SER A 24 4.29 -10.48 -3.04
CA SER A 24 3.86 -11.36 -4.13
C SER A 24 4.30 -10.78 -5.46
N HIS A 25 4.20 -9.46 -5.52
CA HIS A 25 4.54 -8.70 -6.69
C HIS A 25 5.84 -7.95 -6.50
N LEU A 26 6.78 -8.60 -5.82
CA LEU A 26 8.08 -8.01 -5.55
C LEU A 26 8.90 -7.89 -6.83
N SER A 27 8.70 -8.82 -7.75
CA SER A 27 9.42 -8.79 -9.02
C SER A 27 9.02 -7.54 -9.81
N ASN A 28 7.77 -7.12 -9.61
CA ASN A 28 7.24 -5.93 -10.27
C ASN A 28 6.26 -5.23 -9.34
N PRO A 29 6.77 -4.58 -8.27
CA PRO A 29 5.95 -3.88 -7.30
C PRO A 29 5.66 -2.44 -7.70
N TYR A 30 5.24 -2.25 -8.94
CA TYR A 30 4.92 -0.91 -9.43
C TYR A 30 3.46 -0.85 -9.89
N PRO A 31 2.52 -0.84 -8.94
CA PRO A 31 1.08 -0.79 -9.23
C PRO A 31 0.73 0.28 -10.26
N SER A 32 0.28 -0.17 -11.43
CA SER A 32 -0.11 0.75 -12.49
C SER A 32 -1.46 1.40 -12.17
N GLU A 33 -2.08 1.99 -13.17
CA GLU A 33 -3.38 2.64 -12.98
C GLU A 33 -4.41 1.65 -12.48
N GLU A 34 -4.36 0.43 -13.00
CA GLU A 34 -5.30 -0.62 -12.61
C GLU A 34 -5.00 -1.11 -11.20
N ALA A 35 -3.72 -1.33 -10.91
CA ALA A 35 -3.29 -1.80 -9.60
C ALA A 35 -3.68 -0.82 -8.50
N LYS A 36 -3.21 0.42 -8.63
CA LYS A 36 -3.51 1.45 -7.63
C LYS A 36 -5.01 1.55 -7.41
N GLU A 37 -5.77 1.49 -8.50
CA GLU A 37 -7.22 1.56 -8.41
C GLU A 37 -7.74 0.31 -7.71
N GLU A 38 -7.17 -0.84 -8.06
CA GLU A 38 -7.57 -2.10 -7.45
C GLU A 38 -7.44 -2.04 -5.94
N LEU A 39 -6.23 -1.71 -5.46
CA LEU A 39 -5.99 -1.60 -4.03
C LEU A 39 -6.91 -0.55 -3.43
N ALA A 40 -7.11 0.53 -4.18
CA ALA A 40 -7.97 1.62 -3.74
C ALA A 40 -9.37 1.11 -3.35
N LYS A 41 -9.88 0.14 -4.10
CA LYS A 41 -11.19 -0.43 -3.83
C LYS A 41 -11.18 -1.23 -2.53
N LYS A 42 -10.21 -2.12 -2.39
CA LYS A 42 -10.10 -2.96 -1.21
C LYS A 42 -10.27 -2.14 0.07
N CYS A 43 -9.57 -1.01 0.12
CA CYS A 43 -9.63 -0.13 1.29
C CYS A 43 -10.68 0.96 1.10
N GLY A 44 -11.16 1.15 -0.13
CA GLY A 44 -12.14 2.18 -0.38
C GLY A 44 -11.65 3.53 0.07
N ILE A 45 -10.34 3.74 -0.09
CA ILE A 45 -9.70 4.98 0.32
C ILE A 45 -9.36 5.85 -0.90
N THR A 46 -8.11 6.27 -0.98
CA THR A 46 -7.60 7.07 -2.06
C THR A 46 -6.21 6.57 -2.34
N VAL A 47 -5.94 6.33 -3.58
CA VAL A 47 -4.69 5.78 -3.99
C VAL A 47 -3.50 6.50 -3.41
N SER A 48 -3.59 7.77 -3.12
CA SER A 48 -2.44 8.45 -2.54
C SER A 48 -2.04 7.71 -1.28
N GLN A 49 -3.02 7.12 -0.60
CA GLN A 49 -2.73 6.31 0.59
C GLN A 49 -1.90 5.12 0.11
N VAL A 50 -2.30 4.60 -1.04
CA VAL A 50 -1.60 3.52 -1.71
C VAL A 50 -0.37 4.12 -2.37
N SER A 51 -0.60 5.07 -3.29
CA SER A 51 0.48 5.76 -3.99
C SER A 51 1.67 6.00 -3.07
N ASN A 52 1.40 6.48 -1.86
CA ASN A 52 2.45 6.74 -0.89
C ASN A 52 3.09 5.44 -0.41
N TRP A 53 2.25 4.46 -0.08
CA TRP A 53 2.74 3.16 0.38
C TRP A 53 3.76 2.58 -0.58
N PHE A 54 3.41 2.52 -1.86
CA PHE A 54 4.30 1.98 -2.88
C PHE A 54 5.33 2.99 -3.33
N GLY A 55 5.28 4.17 -2.75
CA GLY A 55 6.26 5.16 -3.10
C GLY A 55 7.53 4.94 -2.29
N ASN A 56 7.35 4.82 -0.98
CA ASN A 56 8.44 4.56 -0.05
C ASN A 56 8.49 3.09 0.35
N LYS A 57 7.37 2.61 0.87
CA LYS A 57 7.26 1.22 1.33
C LYS A 57 7.39 0.22 0.19
N ARG A 58 7.31 0.71 -1.05
CA ARG A 58 7.47 -0.18 -2.20
C ARG A 58 8.82 -0.83 -2.10
N ILE A 59 9.74 -0.17 -1.42
CA ILE A 59 11.06 -0.72 -1.25
C ILE A 59 11.10 -1.58 0.01
N ARG A 60 11.51 -0.97 1.11
CA ARG A 60 11.61 -1.66 2.41
C ARG A 60 12.55 -2.86 2.37
N TYR A 61 12.81 -3.34 1.18
CA TYR A 61 13.69 -4.49 0.98
C TYR A 61 15.12 -4.07 0.68
N LYS A 62 15.56 -3.00 1.33
CA LYS A 62 16.92 -2.49 1.14
C LYS A 62 17.38 -1.70 2.36
N LYS A 63 17.99 -2.41 3.30
CA LYS A 63 18.49 -1.79 4.53
C LYS A 63 17.44 -0.88 5.16
N ASN A 64 16.18 -1.31 5.10
CA ASN A 64 15.08 -0.54 5.67
C ASN A 64 14.99 0.83 4.99
N SER A 1 15.47 -1.43 16.14
CA SER A 1 14.91 -0.28 16.91
C SER A 1 13.86 0.47 16.10
N SER A 2 13.32 1.54 16.67
CA SER A 2 12.31 2.34 15.99
C SER A 2 12.56 3.83 16.21
N GLY A 3 11.63 4.65 15.73
CA GLY A 3 11.77 6.09 15.88
C GLY A 3 10.60 6.71 16.63
N HIS A 4 9.67 7.29 15.89
CA HIS A 4 8.50 7.91 16.49
C HIS A 4 7.47 8.31 15.43
N ILE A 5 6.23 8.51 15.86
CA ILE A 5 5.16 8.90 14.95
C ILE A 5 5.17 8.07 13.66
N GLU A 6 4.36 7.00 13.65
CA GLU A 6 4.28 6.12 12.48
C GLU A 6 2.95 5.40 12.45
N GLY A 7 2.18 5.63 11.38
CA GLY A 7 0.89 4.99 11.25
C GLY A 7 -0.20 5.95 10.82
N ARG A 8 -0.64 6.79 11.75
CA ARG A 8 -1.69 7.76 11.48
C ARG A 8 -3.01 7.08 11.12
N HIS A 9 -3.23 6.83 9.83
CA HIS A 9 -4.45 6.17 9.38
C HIS A 9 -4.28 5.57 7.98
N MET A 10 -4.52 4.27 7.87
CA MET A 10 -4.40 3.57 6.59
C MET A 10 -5.07 2.21 6.67
N ASN A 11 -6.31 2.19 7.13
CA ASN A 11 -7.09 0.95 7.25
C ASN A 11 -6.35 -0.07 8.10
N LYS A 12 -7.10 -1.05 8.60
CA LYS A 12 -6.52 -2.09 9.43
C LYS A 12 -5.55 -2.99 8.65
N GLN A 13 -6.10 -3.96 7.93
CA GLN A 13 -5.29 -4.89 7.16
C GLN A 13 -4.94 -4.33 5.77
N ALA A 14 -5.20 -3.05 5.55
CA ALA A 14 -4.90 -2.42 4.27
C ALA A 14 -3.41 -2.56 3.95
N THR A 15 -2.58 -2.11 4.88
CA THR A 15 -1.13 -2.20 4.72
C THR A 15 -0.72 -3.63 4.47
N GLU A 16 -1.54 -4.57 4.94
CA GLU A 16 -1.27 -5.99 4.74
C GLU A 16 -1.68 -6.36 3.33
N ILE A 17 -2.74 -5.71 2.87
CA ILE A 17 -3.24 -5.91 1.52
C ILE A 17 -2.24 -5.35 0.52
N LEU A 18 -1.67 -4.21 0.88
CA LEU A 18 -0.68 -3.54 0.08
C LEU A 18 0.66 -4.24 0.20
N ASN A 19 1.02 -4.57 1.44
CA ASN A 19 2.27 -5.25 1.72
C ASN A 19 2.24 -6.64 1.11
N GLU A 20 1.18 -7.38 1.39
CA GLU A 20 1.02 -8.71 0.85
C GLU A 20 0.91 -8.65 -0.66
N TYR A 21 0.38 -7.53 -1.17
CA TYR A 21 0.25 -7.35 -2.61
C TYR A 21 1.58 -6.96 -3.24
N PHE A 22 2.34 -6.15 -2.52
CA PHE A 22 3.63 -5.68 -2.99
C PHE A 22 4.67 -6.81 -2.99
N TYR A 23 4.93 -7.35 -1.81
CA TYR A 23 5.90 -8.43 -1.67
C TYR A 23 5.55 -9.61 -2.56
N SER A 24 4.36 -10.19 -2.35
CA SER A 24 3.86 -11.30 -3.16
C SER A 24 4.26 -11.11 -4.61
N HIS A 25 4.21 -9.86 -5.01
CA HIS A 25 4.51 -9.45 -6.36
C HIS A 25 5.83 -8.70 -6.43
N LEU A 26 6.78 -9.11 -5.60
CA LEU A 26 8.09 -8.49 -5.57
C LEU A 26 8.88 -8.79 -6.83
N SER A 27 8.54 -9.89 -7.50
CA SER A 27 9.21 -10.27 -8.73
C SER A 27 8.98 -9.23 -9.81
N ASN A 28 7.88 -8.49 -9.70
CA ASN A 28 7.54 -7.45 -10.66
C ASN A 28 6.32 -6.67 -10.21
N PRO A 29 6.44 -5.93 -9.09
CA PRO A 29 5.32 -5.14 -8.55
C PRO A 29 4.99 -3.94 -9.43
N TYR A 30 5.66 -2.80 -9.19
CA TYR A 30 5.43 -1.58 -9.96
C TYR A 30 3.96 -1.38 -10.30
N PRO A 31 3.06 -1.53 -9.29
CA PRO A 31 1.62 -1.36 -9.49
C PRO A 31 1.28 0.00 -10.11
N SER A 32 1.04 0.00 -11.42
CA SER A 32 0.71 1.22 -12.14
C SER A 32 -0.54 1.86 -11.55
N GLU A 33 -1.05 2.88 -12.24
CA GLU A 33 -2.25 3.58 -11.79
C GLU A 33 -3.44 2.63 -11.69
N GLU A 34 -3.46 1.62 -12.56
CA GLU A 34 -4.54 0.64 -12.57
C GLU A 34 -4.45 -0.29 -11.36
N ALA A 35 -3.23 -0.48 -10.85
CA ALA A 35 -3.02 -1.33 -9.70
C ALA A 35 -3.37 -0.62 -8.39
N LYS A 36 -2.81 0.59 -8.23
CA LYS A 36 -3.07 1.38 -7.03
C LYS A 36 -4.56 1.65 -6.89
N GLU A 37 -5.20 1.96 -8.00
CA GLU A 37 -6.64 2.23 -8.00
C GLU A 37 -7.40 0.96 -7.65
N GLU A 38 -6.93 -0.17 -8.18
CA GLU A 38 -7.56 -1.46 -7.93
C GLU A 38 -7.56 -1.76 -6.43
N LEU A 39 -6.39 -1.73 -5.81
CA LEU A 39 -6.27 -2.00 -4.39
C LEU A 39 -7.09 -0.97 -3.60
N ALA A 40 -7.07 0.26 -4.08
CA ALA A 40 -7.79 1.35 -3.44
C ALA A 40 -9.25 0.97 -3.18
N LYS A 41 -9.85 0.24 -4.13
CA LYS A 41 -11.25 -0.16 -4.01
C LYS A 41 -11.40 -1.31 -3.01
N LYS A 42 -10.41 -2.20 -2.95
CA LYS A 42 -10.46 -3.34 -2.05
C LYS A 42 -10.87 -2.90 -0.64
N CYS A 43 -10.10 -1.98 -0.07
CA CYS A 43 -10.37 -1.49 1.27
C CYS A 43 -11.23 -0.22 1.23
N GLY A 44 -11.59 0.23 0.03
CA GLY A 44 -12.40 1.43 -0.10
C GLY A 44 -11.80 2.60 0.65
N ILE A 45 -10.52 2.86 0.41
CA ILE A 45 -9.82 3.95 1.07
C ILE A 45 -9.59 5.13 0.12
N THR A 46 -8.33 5.48 -0.05
CA THR A 46 -7.91 6.54 -0.92
C THR A 46 -6.54 6.19 -1.43
N VAL A 47 -6.37 6.30 -2.71
CA VAL A 47 -5.15 5.93 -3.32
C VAL A 47 -3.92 6.52 -2.66
N SER A 48 -4.02 7.71 -2.12
CA SER A 48 -2.85 8.27 -1.46
C SER A 48 -2.39 7.31 -0.38
N GLN A 49 -3.34 6.57 0.20
CA GLN A 49 -2.99 5.56 1.19
C GLN A 49 -2.12 4.53 0.48
N VAL A 50 -2.54 4.23 -0.76
CA VAL A 50 -1.83 3.33 -1.65
C VAL A 50 -0.69 4.10 -2.31
N SER A 51 -1.06 5.16 -3.03
CA SER A 51 -0.11 6.04 -3.71
C SER A 51 1.15 6.24 -2.87
N ASN A 52 0.96 6.62 -1.61
CA ASN A 52 2.08 6.85 -0.70
C ASN A 52 2.75 5.54 -0.30
N TRP A 53 1.95 4.49 -0.17
CA TRP A 53 2.47 3.18 0.21
C TRP A 53 3.49 2.67 -0.79
N PHE A 54 3.08 2.57 -2.05
CA PHE A 54 3.95 2.07 -3.09
C PHE A 54 4.96 3.12 -3.52
N GLY A 55 4.85 4.31 -2.98
CA GLY A 55 5.79 5.37 -3.30
C GLY A 55 7.05 5.25 -2.47
N ASN A 56 6.86 5.04 -1.16
CA ASN A 56 7.96 4.88 -0.22
C ASN A 56 8.19 3.41 0.04
N LYS A 57 7.16 2.75 0.57
CA LYS A 57 7.24 1.32 0.87
C LYS A 57 7.73 0.54 -0.34
N ARG A 58 7.72 1.17 -1.51
CA ARG A 58 8.21 0.54 -2.72
C ARG A 58 9.62 0.06 -2.46
N ILE A 59 10.31 0.78 -1.59
CA ILE A 59 11.66 0.42 -1.24
C ILE A 59 11.63 -0.53 -0.04
N ARG A 60 11.80 0.00 1.16
CA ARG A 60 11.76 -0.77 2.41
C ARG A 60 12.73 -1.95 2.47
N TYR A 61 12.87 -2.63 1.37
CA TYR A 61 13.73 -3.82 1.29
C TYR A 61 15.15 -3.51 0.82
N LYS A 62 15.54 -2.24 0.93
CA LYS A 62 16.90 -1.82 0.53
C LYS A 62 17.36 -2.50 -0.76
N LYS A 63 16.97 -1.95 -1.90
CA LYS A 63 17.35 -2.50 -3.19
C LYS A 63 17.16 -1.45 -4.29
N ASN A 64 18.09 -0.50 -4.35
CA ASN A 64 18.04 0.56 -5.35
C ASN A 64 16.77 1.38 -5.20
N SER A 1 -0.12 -5.39 24.44
CA SER A 1 -0.37 -4.04 23.88
C SER A 1 0.77 -3.60 22.97
N SER A 2 1.31 -4.54 22.21
CA SER A 2 2.41 -4.25 21.30
C SER A 2 2.64 -5.40 20.32
N GLY A 3 3.42 -5.14 19.27
CA GLY A 3 3.69 -6.16 18.28
C GLY A 3 4.75 -5.74 17.29
N HIS A 4 4.67 -4.48 16.85
CA HIS A 4 5.63 -3.95 15.88
C HIS A 4 5.77 -2.44 16.03
N ILE A 5 5.79 -1.97 17.27
CA ILE A 5 5.92 -0.55 17.56
C ILE A 5 4.77 0.23 16.95
N GLU A 6 3.55 -0.32 17.05
CA GLU A 6 2.36 0.32 16.51
C GLU A 6 2.53 0.62 15.03
N GLY A 7 1.96 -0.25 14.20
CA GLY A 7 2.06 -0.07 12.76
C GLY A 7 0.75 0.38 12.14
N ARG A 8 0.06 -0.55 11.49
CA ARG A 8 -1.22 -0.25 10.84
C ARG A 8 -1.14 1.05 10.03
N HIS A 9 -1.71 2.13 10.55
CA HIS A 9 -1.69 3.41 9.85
C HIS A 9 -2.08 3.27 8.38
N MET A 10 -2.87 2.24 8.09
CA MET A 10 -3.32 1.98 6.72
C MET A 10 -4.49 1.01 6.72
N ASN A 11 -5.69 1.54 6.93
CA ASN A 11 -6.91 0.72 6.96
C ASN A 11 -6.71 -0.51 7.85
N LYS A 12 -7.67 -1.42 7.80
CA LYS A 12 -7.59 -2.64 8.60
C LYS A 12 -6.44 -3.53 8.09
N GLN A 13 -6.78 -4.59 7.36
CA GLN A 13 -5.77 -5.50 6.83
C GLN A 13 -5.21 -4.99 5.50
N ALA A 14 -5.44 -3.71 5.19
CA ALA A 14 -4.96 -3.13 3.95
C ALA A 14 -3.45 -3.29 3.83
N THR A 15 -2.72 -2.88 4.86
CA THR A 15 -1.26 -2.99 4.86
C THR A 15 -0.85 -4.43 4.56
N GLU A 16 -1.73 -5.37 4.87
CA GLU A 16 -1.46 -6.78 4.61
C GLU A 16 -1.76 -7.05 3.14
N ILE A 17 -2.75 -6.33 2.64
CA ILE A 17 -3.15 -6.42 1.25
C ILE A 17 -2.06 -5.83 0.39
N LEU A 18 -1.68 -4.62 0.75
CA LEU A 18 -0.63 -3.88 0.06
C LEU A 18 0.70 -4.57 0.20
N ASN A 19 1.02 -4.98 1.42
CA ASN A 19 2.28 -5.67 1.70
C ASN A 19 2.29 -7.00 0.97
N GLU A 20 1.21 -7.74 1.09
CA GLU A 20 1.10 -9.03 0.43
C GLU A 20 1.03 -8.83 -1.08
N TYR A 21 0.47 -7.71 -1.50
CA TYR A 21 0.35 -7.41 -2.93
C TYR A 21 1.67 -6.88 -3.47
N PHE A 22 2.40 -6.17 -2.63
CA PHE A 22 3.69 -5.59 -3.01
C PHE A 22 4.81 -6.61 -2.91
N TYR A 23 4.81 -7.38 -1.83
CA TYR A 23 5.84 -8.39 -1.59
C TYR A 23 5.67 -9.56 -2.56
N SER A 24 4.52 -10.25 -2.46
CA SER A 24 4.21 -11.39 -3.32
C SER A 24 4.69 -11.12 -4.73
N HIS A 25 4.46 -9.88 -5.13
CA HIS A 25 4.81 -9.40 -6.45
C HIS A 25 6.07 -8.54 -6.41
N LEU A 26 6.98 -8.88 -5.51
CA LEU A 26 8.22 -8.15 -5.36
C LEU A 26 9.14 -8.38 -6.56
N SER A 27 9.01 -9.53 -7.20
CA SER A 27 9.82 -9.85 -8.37
C SER A 27 9.64 -8.78 -9.45
N ASN A 28 8.48 -8.11 -9.42
CA ASN A 28 8.18 -7.05 -10.37
C ASN A 28 6.84 -6.41 -10.04
N PRO A 29 6.76 -5.70 -8.90
CA PRO A 29 5.51 -5.04 -8.48
C PRO A 29 5.10 -3.91 -9.42
N TYR A 30 5.62 -2.71 -9.18
CA TYR A 30 5.29 -1.55 -10.01
C TYR A 30 3.81 -1.53 -10.41
N PRO A 31 2.91 -1.71 -9.42
CA PRO A 31 1.47 -1.71 -9.67
C PRO A 31 1.00 -0.44 -10.35
N SER A 32 0.73 -0.53 -11.65
CA SER A 32 0.28 0.61 -12.42
C SER A 32 -0.92 1.28 -11.75
N GLU A 33 -1.41 2.36 -12.36
CA GLU A 33 -2.55 3.08 -11.82
C GLU A 33 -3.72 2.14 -11.52
N GLU A 34 -3.90 1.14 -12.39
CA GLU A 34 -4.97 0.17 -12.23
C GLU A 34 -4.85 -0.57 -10.89
N ALA A 35 -3.73 -1.25 -10.70
CA ALA A 35 -3.48 -2.00 -9.47
C ALA A 35 -3.66 -1.13 -8.24
N LYS A 36 -3.00 0.03 -8.23
CA LYS A 36 -3.09 0.95 -7.11
C LYS A 36 -4.54 1.35 -6.86
N GLU A 37 -5.18 1.93 -7.88
CA GLU A 37 -6.58 2.33 -7.75
C GLU A 37 -7.43 1.14 -7.36
N GLU A 38 -7.11 -0.02 -7.93
CA GLU A 38 -7.85 -1.25 -7.63
C GLU A 38 -7.85 -1.51 -6.14
N LEU A 39 -6.67 -1.59 -5.54
CA LEU A 39 -6.55 -1.82 -4.11
C LEU A 39 -7.19 -0.67 -3.34
N ALA A 40 -6.98 0.54 -3.84
CA ALA A 40 -7.53 1.73 -3.20
C ALA A 40 -9.04 1.59 -2.96
N LYS A 41 -9.75 1.08 -3.96
CA LYS A 41 -11.19 0.90 -3.86
C LYS A 41 -11.55 -0.30 -2.96
N LYS A 42 -10.68 -1.31 -2.96
CA LYS A 42 -10.91 -2.51 -2.15
C LYS A 42 -11.29 -2.14 -0.72
N CYS A 43 -10.45 -1.34 -0.08
CA CYS A 43 -10.69 -0.92 1.30
C CYS A 43 -11.43 0.42 1.36
N GLY A 44 -11.90 0.90 0.22
CA GLY A 44 -12.61 2.17 0.17
C GLY A 44 -11.89 3.26 0.93
N ILE A 45 -10.61 3.45 0.61
CA ILE A 45 -9.80 4.46 1.27
C ILE A 45 -9.55 5.66 0.36
N THR A 46 -8.33 5.77 -0.09
CA THR A 46 -7.90 6.84 -0.98
C THR A 46 -6.58 6.42 -1.57
N VAL A 47 -6.48 6.55 -2.87
CA VAL A 47 -5.31 6.16 -3.56
C VAL A 47 -4.03 6.66 -2.93
N SER A 48 -4.03 7.87 -2.42
CA SER A 48 -2.81 8.36 -1.81
C SER A 48 -2.38 7.39 -0.70
N GLN A 49 -3.36 6.72 -0.10
CA GLN A 49 -3.06 5.72 0.91
C GLN A 49 -2.25 4.62 0.23
N VAL A 50 -2.67 4.32 -1.00
CA VAL A 50 -2.00 3.35 -1.84
C VAL A 50 -0.88 4.05 -2.60
N SER A 51 -1.24 5.11 -3.33
CA SER A 51 -0.28 5.91 -4.10
C SER A 51 1.05 6.08 -3.36
N ASN A 52 0.96 6.51 -2.11
CA ASN A 52 2.15 6.75 -1.28
C ASN A 52 2.77 5.44 -0.76
N TRP A 53 1.94 4.55 -0.24
CA TRP A 53 2.41 3.29 0.33
C TRP A 53 3.46 2.60 -0.54
N PHE A 54 3.17 2.49 -1.83
CA PHE A 54 4.07 1.82 -2.75
C PHE A 54 5.29 2.68 -3.04
N GLY A 55 5.06 3.95 -3.35
CA GLY A 55 6.17 4.84 -3.64
C GLY A 55 6.94 5.23 -2.38
N ASN A 56 6.45 4.77 -1.23
CA ASN A 56 7.09 5.06 0.05
C ASN A 56 7.99 3.90 0.47
N LYS A 57 7.52 2.67 0.26
CA LYS A 57 8.27 1.48 0.61
C LYS A 57 9.29 1.11 -0.46
N ARG A 58 9.07 1.58 -1.68
CA ARG A 58 9.97 1.29 -2.79
C ARG A 58 11.35 1.92 -2.54
N ILE A 59 11.41 2.83 -1.57
CA ILE A 59 12.65 3.50 -1.25
C ILE A 59 13.77 2.52 -0.87
N ARG A 60 13.56 1.77 0.19
CA ARG A 60 14.51 0.79 0.67
C ARG A 60 13.86 -0.08 1.72
N TYR A 61 12.81 -0.76 1.30
CA TYR A 61 12.04 -1.65 2.17
C TYR A 61 12.87 -2.80 2.73
N LYS A 62 14.19 -2.69 2.65
CA LYS A 62 15.10 -3.71 3.17
C LYS A 62 14.66 -5.12 2.77
N LYS A 63 13.97 -5.23 1.64
CA LYS A 63 13.50 -6.53 1.15
C LYS A 63 12.93 -7.37 2.28
N ASN A 64 11.65 -7.17 2.59
CA ASN A 64 11.00 -7.92 3.65
C ASN A 64 11.65 -7.65 5.00
N SER A 1 6.85 12.77 26.32
CA SER A 1 6.89 12.42 24.88
C SER A 1 5.71 13.05 24.13
N SER A 2 4.51 12.55 24.41
CA SER A 2 3.31 13.06 23.77
C SER A 2 3.39 12.88 22.25
N GLY A 3 2.36 13.36 21.56
CA GLY A 3 2.34 13.25 20.12
C GLY A 3 1.55 12.05 19.63
N HIS A 4 2.07 11.38 18.61
CA HIS A 4 1.41 10.19 18.06
C HIS A 4 0.02 10.54 17.56
N ILE A 5 -0.09 11.68 16.90
CA ILE A 5 -1.37 12.13 16.36
C ILE A 5 -1.62 11.56 14.97
N GLU A 6 -2.39 10.47 14.91
CA GLU A 6 -2.69 9.83 13.63
C GLU A 6 -3.99 9.03 13.73
N GLY A 7 -5.11 9.69 13.45
CA GLY A 7 -6.40 9.03 13.50
C GLY A 7 -6.52 7.90 12.50
N ARG A 8 -7.28 8.14 11.43
CA ARG A 8 -7.47 7.14 10.39
C ARG A 8 -6.25 7.06 9.47
N HIS A 9 -5.71 5.85 9.32
CA HIS A 9 -4.55 5.64 8.47
C HIS A 9 -4.45 4.18 8.03
N MET A 10 -4.87 3.91 6.80
CA MET A 10 -4.85 2.56 6.25
C MET A 10 -6.11 1.80 6.67
N ASN A 11 -6.49 0.82 5.87
CA ASN A 11 -7.68 0.04 6.18
C ASN A 11 -7.34 -1.14 7.07
N LYS A 12 -8.31 -2.03 7.29
CA LYS A 12 -8.10 -3.20 8.13
C LYS A 12 -6.99 -4.09 7.57
N GLN A 13 -7.36 -5.16 6.87
CA GLN A 13 -6.39 -6.08 6.29
C GLN A 13 -5.89 -5.60 4.94
N ALA A 14 -5.84 -4.29 4.74
CA ALA A 14 -5.38 -3.72 3.48
C ALA A 14 -3.85 -3.74 3.42
N THR A 15 -3.21 -3.36 4.51
CA THR A 15 -1.76 -3.35 4.59
C THR A 15 -1.20 -4.73 4.30
N GLU A 16 -2.01 -5.76 4.56
CA GLU A 16 -1.58 -7.13 4.29
C GLU A 16 -1.77 -7.43 2.81
N ILE A 17 -2.75 -6.76 2.23
CA ILE A 17 -3.05 -6.88 0.82
C ILE A 17 -1.96 -6.16 0.03
N LEU A 18 -1.63 -4.97 0.51
CA LEU A 18 -0.61 -4.15 -0.09
C LEU A 18 0.77 -4.77 0.10
N ASN A 19 1.01 -5.21 1.33
CA ASN A 19 2.28 -5.85 1.67
C ASN A 19 2.42 -7.15 0.91
N GLU A 20 1.34 -7.94 0.90
CA GLU A 20 1.33 -9.20 0.18
C GLU A 20 1.36 -8.94 -1.32
N TYR A 21 0.80 -7.80 -1.73
CA TYR A 21 0.79 -7.44 -3.14
C TYR A 21 2.13 -6.85 -3.56
N PHE A 22 2.79 -6.19 -2.61
CA PHE A 22 4.08 -5.58 -2.86
C PHE A 22 5.22 -6.58 -2.69
N TYR A 23 5.05 -7.52 -1.76
CA TYR A 23 6.06 -8.53 -1.50
C TYR A 23 5.98 -9.66 -2.53
N SER A 24 4.85 -10.37 -2.54
CA SER A 24 4.61 -11.47 -3.48
C SER A 24 5.18 -11.11 -4.84
N HIS A 25 5.00 -9.85 -5.16
CA HIS A 25 5.43 -9.29 -6.43
C HIS A 25 6.60 -8.33 -6.25
N LEU A 26 7.46 -8.63 -5.29
CA LEU A 26 8.62 -7.79 -5.02
C LEU A 26 9.62 -7.81 -6.17
N SER A 27 9.49 -8.81 -7.05
CA SER A 27 10.38 -8.92 -8.19
C SER A 27 10.15 -7.76 -9.16
N ASN A 28 8.93 -7.23 -9.15
CA ASN A 28 8.58 -6.12 -10.03
C ASN A 28 7.16 -5.63 -9.72
N PRO A 29 6.94 -5.12 -8.49
CA PRO A 29 5.63 -4.63 -8.06
C PRO A 29 5.38 -3.19 -8.48
N TYR A 30 4.51 -3.01 -9.48
CA TYR A 30 4.17 -1.69 -9.96
C TYR A 30 2.66 -1.54 -10.14
N PRO A 31 1.95 -1.07 -9.10
CA PRO A 31 0.49 -0.90 -9.15
C PRO A 31 0.06 0.11 -10.20
N SER A 32 -0.32 -0.39 -11.36
CA SER A 32 -0.76 0.48 -12.45
C SER A 32 -2.07 1.17 -12.09
N GLU A 33 -2.73 1.74 -13.10
CA GLU A 33 -3.99 2.44 -12.89
C GLU A 33 -5.05 1.49 -12.32
N GLU A 34 -5.04 0.24 -12.78
CA GLU A 34 -5.99 -0.75 -12.33
C GLU A 34 -5.70 -1.17 -10.89
N ALA A 35 -4.44 -1.51 -10.62
CA ALA A 35 -4.03 -1.94 -9.29
C ALA A 35 -4.34 -0.88 -8.24
N LYS A 36 -3.86 0.34 -8.47
CA LYS A 36 -4.09 1.44 -7.53
C LYS A 36 -5.57 1.65 -7.30
N GLU A 37 -6.35 1.62 -8.38
CA GLU A 37 -7.78 1.79 -8.28
C GLU A 37 -8.41 0.62 -7.54
N GLU A 38 -8.00 -0.59 -7.89
CA GLU A 38 -8.51 -1.80 -7.26
C GLU A 38 -8.37 -1.71 -5.75
N LEU A 39 -7.15 -1.50 -5.27
CA LEU A 39 -6.89 -1.39 -3.84
C LEU A 39 -7.69 -0.23 -3.26
N ALA A 40 -7.73 0.87 -3.99
CA ALA A 40 -8.46 2.05 -3.54
C ALA A 40 -9.89 1.70 -3.13
N LYS A 41 -10.52 0.81 -3.89
CA LYS A 41 -11.88 0.39 -3.60
C LYS A 41 -11.94 -0.43 -2.31
N LYS A 42 -11.24 -1.57 -2.30
CA LYS A 42 -11.20 -2.44 -1.14
C LYS A 42 -10.97 -1.63 0.14
N CYS A 43 -9.85 -0.91 0.15
CA CYS A 43 -9.50 -0.07 1.30
C CYS A 43 -10.43 1.13 1.41
N GLY A 44 -11.06 1.49 0.29
CA GLY A 44 -11.97 2.63 0.27
C GLY A 44 -11.29 3.92 0.68
N ILE A 45 -9.97 3.98 0.49
CA ILE A 45 -9.20 5.16 0.85
C ILE A 45 -8.94 6.06 -0.37
N THR A 46 -7.69 6.39 -0.58
CA THR A 46 -7.26 7.19 -1.70
C THR A 46 -5.96 6.61 -2.15
N VAL A 47 -5.84 6.41 -3.42
CA VAL A 47 -4.68 5.79 -3.95
C VAL A 47 -3.39 6.38 -3.46
N SER A 48 -3.37 7.65 -3.14
CA SER A 48 -2.14 8.21 -2.62
C SER A 48 -1.75 7.43 -1.38
N GLN A 49 -2.75 6.92 -0.66
CA GLN A 49 -2.50 6.07 0.50
C GLN A 49 -1.72 4.86 0.00
N VAL A 50 -2.16 4.38 -1.17
CA VAL A 50 -1.52 3.28 -1.86
C VAL A 50 -0.32 3.84 -2.62
N SER A 51 -0.61 4.75 -3.56
CA SER A 51 0.43 5.41 -4.35
C SER A 51 1.68 5.69 -3.52
N ASN A 52 1.49 6.23 -2.33
CA ASN A 52 2.60 6.56 -1.44
C ASN A 52 3.18 5.31 -0.76
N TRP A 53 2.30 4.47 -0.22
CA TRP A 53 2.72 3.26 0.49
C TRP A 53 3.79 2.50 -0.26
N PHE A 54 3.58 2.31 -1.55
CA PHE A 54 4.52 1.56 -2.38
C PHE A 54 5.81 2.34 -2.57
N GLY A 55 5.68 3.61 -2.95
CA GLY A 55 6.84 4.44 -3.16
C GLY A 55 7.53 4.80 -1.85
N ASN A 56 6.85 4.51 -0.73
CA ASN A 56 7.39 4.78 0.58
C ASN A 56 8.05 3.53 1.16
N LYS A 57 7.26 2.48 1.31
CA LYS A 57 7.77 1.22 1.85
C LYS A 57 9.02 0.78 1.09
N ARG A 58 9.20 1.30 -0.11
CA ARG A 58 10.37 0.97 -0.90
C ARG A 58 11.63 1.46 -0.20
N ILE A 59 11.46 2.33 0.78
CA ILE A 59 12.61 2.87 1.51
C ILE A 59 13.44 1.75 2.16
N ARG A 60 12.86 1.07 3.14
CA ARG A 60 13.51 -0.03 3.83
C ARG A 60 12.46 -0.87 4.53
N TYR A 61 11.63 -1.52 3.72
CA TYR A 61 10.54 -2.35 4.23
C TYR A 61 11.06 -3.64 4.86
N LYS A 62 12.32 -3.64 5.28
CA LYS A 62 12.91 -4.81 5.89
C LYS A 62 12.51 -4.90 7.36
N LYS A 63 13.38 -5.48 8.16
CA LYS A 63 13.11 -5.63 9.59
C LYS A 63 11.73 -6.27 9.83
N ASN A 64 11.22 -6.96 8.81
CA ASN A 64 9.92 -7.61 8.91
C ASN A 64 9.85 -8.82 7.99
N SER A 1 12.65 -3.86 18.17
CA SER A 1 12.63 -2.74 17.20
C SER A 1 11.30 -2.68 16.45
N SER A 2 10.32 -2.02 17.05
CA SER A 2 9.00 -1.89 16.44
C SER A 2 8.86 -0.54 15.72
N GLY A 3 8.90 0.54 16.49
CA GLY A 3 8.78 1.86 15.90
C GLY A 3 8.15 2.87 16.85
N HIS A 4 7.08 2.46 17.52
CA HIS A 4 6.39 3.33 18.47
C HIS A 4 5.86 4.57 17.76
N ILE A 5 5.27 5.48 18.54
CA ILE A 5 4.71 6.71 17.99
C ILE A 5 3.56 6.42 17.05
N GLU A 6 2.36 6.84 17.43
CA GLU A 6 1.18 6.63 16.62
C GLU A 6 0.88 5.14 16.48
N GLY A 7 1.49 4.56 15.49
CA GLY A 7 1.31 3.14 15.22
C GLY A 7 1.21 2.85 13.74
N ARG A 8 2.03 3.50 12.94
CA ARG A 8 2.04 3.31 11.49
C ARG A 8 0.78 3.90 10.86
N HIS A 9 0.96 4.93 10.05
CA HIS A 9 -0.16 5.58 9.38
C HIS A 9 -0.58 4.81 8.13
N MET A 10 -1.74 4.16 8.21
CA MET A 10 -2.25 3.37 7.08
C MET A 10 -3.72 3.05 7.28
N ASN A 11 -4.23 2.16 6.43
CA ASN A 11 -5.63 1.75 6.50
C ASN A 11 -5.79 0.56 7.45
N LYS A 12 -6.98 -0.05 7.43
CA LYS A 12 -7.25 -1.19 8.29
C LYS A 12 -6.26 -2.34 8.00
N GLN A 13 -6.77 -3.49 7.56
CA GLN A 13 -5.90 -4.62 7.26
C GLN A 13 -5.30 -4.51 5.85
N ALA A 14 -5.73 -3.52 5.09
CA ALA A 14 -5.23 -3.32 3.73
C ALA A 14 -3.71 -3.44 3.67
N THR A 15 -3.05 -2.97 4.74
CA THR A 15 -1.59 -3.04 4.82
C THR A 15 -1.11 -4.45 4.53
N GLU A 16 -1.95 -5.43 4.85
CA GLU A 16 -1.62 -6.82 4.61
C GLU A 16 -1.87 -7.15 3.15
N ILE A 17 -2.88 -6.48 2.61
CA ILE A 17 -3.23 -6.62 1.21
C ILE A 17 -2.14 -5.98 0.35
N LEU A 18 -1.76 -4.77 0.75
CA LEU A 18 -0.74 -4.00 0.09
C LEU A 18 0.62 -4.69 0.24
N ASN A 19 0.91 -5.10 1.46
CA ASN A 19 2.17 -5.78 1.76
C ASN A 19 2.22 -7.11 1.03
N GLU A 20 1.11 -7.83 1.07
CA GLU A 20 1.01 -9.12 0.40
C GLU A 20 1.00 -8.90 -1.11
N TYR A 21 0.45 -7.76 -1.53
CA TYR A 21 0.40 -7.43 -2.95
C TYR A 21 1.74 -6.89 -3.43
N PHE A 22 2.46 -6.27 -2.52
CA PHE A 22 3.76 -5.68 -2.82
C PHE A 22 4.87 -6.73 -2.74
N TYR A 23 4.70 -7.70 -1.86
CA TYR A 23 5.67 -8.76 -1.68
C TYR A 23 5.53 -9.83 -2.76
N SER A 24 4.42 -10.56 -2.73
CA SER A 24 4.13 -11.60 -3.71
C SER A 24 4.59 -11.19 -5.08
N HIS A 25 4.39 -9.91 -5.34
CA HIS A 25 4.71 -9.29 -6.60
C HIS A 25 5.92 -8.38 -6.47
N LEU A 26 6.86 -8.80 -5.64
CA LEU A 26 8.07 -8.03 -5.39
C LEU A 26 8.99 -8.02 -6.61
N SER A 27 8.82 -9.02 -7.48
CA SER A 27 9.63 -9.10 -8.70
C SER A 27 9.36 -7.90 -9.59
N ASN A 28 8.14 -7.37 -9.49
CA ASN A 28 7.74 -6.20 -10.26
C ASN A 28 6.77 -5.36 -9.45
N PRO A 29 7.28 -4.68 -8.41
CA PRO A 29 6.47 -3.84 -7.53
C PRO A 29 6.11 -2.49 -8.13
N TYR A 30 5.54 -2.51 -9.33
CA TYR A 30 5.16 -1.29 -10.02
C TYR A 30 3.70 -1.37 -10.48
N PRO A 31 2.78 -1.50 -9.51
CA PRO A 31 1.34 -1.60 -9.80
C PRO A 31 0.83 -0.39 -10.59
N SER A 32 0.44 -0.63 -11.84
CA SER A 32 -0.07 0.43 -12.69
C SER A 32 -1.27 1.11 -12.05
N GLU A 33 -1.94 1.97 -12.80
CA GLU A 33 -3.11 2.68 -12.31
C GLU A 33 -4.20 1.70 -11.85
N GLU A 34 -4.38 0.64 -12.64
CA GLU A 34 -5.38 -0.37 -12.32
C GLU A 34 -5.14 -0.99 -10.94
N ALA A 35 -3.94 -1.54 -10.76
CA ALA A 35 -3.58 -2.17 -9.49
C ALA A 35 -3.83 -1.22 -8.32
N LYS A 36 -3.21 -0.04 -8.38
CA LYS A 36 -3.35 0.96 -7.32
C LYS A 36 -4.83 1.23 -7.06
N GLU A 37 -5.54 1.71 -8.07
CA GLU A 37 -6.97 1.99 -7.94
C GLU A 37 -7.71 0.77 -7.41
N GLU A 38 -7.35 -0.40 -7.95
CA GLU A 38 -7.98 -1.65 -7.53
C GLU A 38 -7.91 -1.80 -6.02
N LEU A 39 -6.69 -1.78 -5.48
CA LEU A 39 -6.48 -1.91 -4.05
C LEU A 39 -7.17 -0.76 -3.33
N ALA A 40 -7.07 0.43 -3.90
CA ALA A 40 -7.68 1.61 -3.32
C ALA A 40 -9.17 1.41 -3.07
N LYS A 41 -9.87 0.90 -4.07
CA LYS A 41 -11.31 0.65 -3.96
C LYS A 41 -11.60 -0.47 -2.97
N LYS A 42 -10.67 -1.42 -2.86
CA LYS A 42 -10.84 -2.55 -1.95
C LYS A 42 -11.22 -2.07 -0.55
N CYS A 43 -10.37 -1.25 0.04
CA CYS A 43 -10.60 -0.73 1.38
C CYS A 43 -11.33 0.62 1.34
N GLY A 44 -11.72 1.06 0.14
CA GLY A 44 -12.42 2.32 0.01
C GLY A 44 -11.70 3.45 0.73
N ILE A 45 -10.39 3.55 0.51
CA ILE A 45 -9.59 4.58 1.14
C ILE A 45 -9.28 5.73 0.18
N THR A 46 -8.00 5.97 -0.04
CA THR A 46 -7.52 7.00 -0.93
C THR A 46 -6.25 6.49 -1.53
N VAL A 47 -6.16 6.59 -2.82
CA VAL A 47 -5.03 6.08 -3.52
C VAL A 47 -3.72 6.55 -2.95
N SER A 48 -3.64 7.77 -2.48
CA SER A 48 -2.38 8.21 -1.91
C SER A 48 -1.98 7.25 -0.80
N GLN A 49 -2.98 6.66 -0.14
CA GLN A 49 -2.71 5.67 0.89
C GLN A 49 -1.94 4.54 0.22
N VAL A 50 -2.41 4.21 -0.99
CA VAL A 50 -1.78 3.22 -1.83
C VAL A 50 -0.65 3.90 -2.61
N SER A 51 -1.02 4.89 -3.42
CA SER A 51 -0.06 5.65 -4.21
C SER A 51 1.25 5.88 -3.45
N ASN A 52 1.12 6.36 -2.21
CA ASN A 52 2.29 6.64 -1.38
C ASN A 52 2.92 5.38 -0.80
N TRP A 53 2.08 4.47 -0.29
CA TRP A 53 2.57 3.23 0.32
C TRP A 53 3.62 2.54 -0.54
N PHE A 54 3.29 2.34 -1.80
CA PHE A 54 4.20 1.65 -2.72
C PHE A 54 5.39 2.54 -3.10
N GLY A 55 5.14 3.84 -3.14
CA GLY A 55 6.21 4.77 -3.50
C GLY A 55 7.22 4.98 -2.38
N ASN A 56 6.80 4.74 -1.15
CA ASN A 56 7.68 4.91 0.00
C ASN A 56 8.29 3.58 0.42
N LYS A 57 7.44 2.55 0.58
CA LYS A 57 7.92 1.23 0.98
C LYS A 57 9.07 0.78 0.10
N ARG A 58 9.14 1.32 -1.11
CA ARG A 58 10.22 1.00 -2.02
C ARG A 58 11.54 1.46 -1.41
N ILE A 59 11.44 2.20 -0.29
CA ILE A 59 12.61 2.70 0.42
C ILE A 59 13.54 1.58 0.84
N ARG A 60 13.16 0.91 1.92
CA ARG A 60 13.90 -0.20 2.48
C ARG A 60 12.99 -0.97 3.41
N TYR A 61 11.99 -1.62 2.83
CA TYR A 61 11.01 -2.37 3.59
C TYR A 61 11.62 -3.59 4.29
N LYS A 62 12.93 -3.60 4.45
CA LYS A 62 13.63 -4.72 5.11
C LYS A 62 13.62 -5.95 4.21
N LYS A 63 14.79 -6.58 4.09
CA LYS A 63 14.94 -7.77 3.27
C LYS A 63 14.76 -7.45 1.79
N ASN A 64 15.87 -7.43 1.06
CA ASN A 64 15.84 -7.12 -0.37
C ASN A 64 17.00 -7.80 -1.09
N SER A 1 -0.74 9.14 20.47
CA SER A 1 -1.75 8.90 21.52
C SER A 1 -1.66 7.47 22.05
N SER A 2 -1.75 6.50 21.14
CA SER A 2 -1.67 5.09 21.53
C SER A 2 -1.19 4.24 20.36
N GLY A 3 -2.06 4.08 19.35
CA GLY A 3 -1.70 3.28 18.20
C GLY A 3 -0.68 3.98 17.31
N HIS A 4 -0.36 3.35 16.19
CA HIS A 4 0.62 3.91 15.26
C HIS A 4 -0.08 4.61 14.10
N ILE A 5 0.70 5.15 13.18
CA ILE A 5 0.17 5.86 12.02
C ILE A 5 -0.70 7.04 12.45
N GLU A 6 -0.10 7.97 13.19
CA GLU A 6 -0.81 9.15 13.67
C GLU A 6 -0.84 10.24 12.60
N GLY A 7 -1.80 10.14 11.70
CA GLY A 7 -1.92 11.12 10.64
C GLY A 7 -2.96 10.73 9.60
N ARG A 8 -2.54 9.92 8.62
CA ARG A 8 -3.43 9.48 7.56
C ARG A 8 -4.34 8.35 8.05
N HIS A 9 -5.60 8.40 7.66
CA HIS A 9 -6.57 7.39 8.05
C HIS A 9 -6.46 6.14 7.17
N MET A 10 -5.33 5.44 7.28
CA MET A 10 -5.11 4.23 6.51
C MET A 10 -5.83 3.06 7.16
N ASN A 11 -5.36 1.86 6.91
CA ASN A 11 -5.98 0.68 7.51
C ASN A 11 -4.95 -0.42 7.73
N LYS A 12 -5.13 -1.19 8.79
CA LYS A 12 -4.22 -2.28 9.12
C LYS A 12 -4.28 -3.40 8.09
N GLN A 13 -5.46 -3.99 7.92
CA GLN A 13 -5.64 -5.08 6.97
C GLN A 13 -5.16 -4.70 5.58
N ALA A 14 -5.67 -3.60 5.04
CA ALA A 14 -5.25 -3.15 3.72
C ALA A 14 -3.73 -3.11 3.65
N THR A 15 -3.11 -2.55 4.68
CA THR A 15 -1.66 -2.46 4.75
C THR A 15 -1.06 -3.86 4.64
N GLU A 16 -1.80 -4.84 5.13
CA GLU A 16 -1.38 -6.23 5.08
C GLU A 16 -1.65 -6.77 3.68
N ILE A 17 -2.68 -6.20 3.07
CA ILE A 17 -3.08 -6.56 1.73
C ILE A 17 -2.04 -6.00 0.76
N LEU A 18 -1.66 -4.77 1.01
CA LEU A 18 -0.66 -4.07 0.21
C LEU A 18 0.70 -4.71 0.41
N ASN A 19 0.99 -5.08 1.64
CA ASN A 19 2.25 -5.73 1.97
C ASN A 19 2.34 -7.07 1.27
N GLU A 20 1.29 -7.86 1.43
CA GLU A 20 1.23 -9.17 0.81
C GLU A 20 1.06 -9.02 -0.70
N TYR A 21 0.50 -7.88 -1.12
CA TYR A 21 0.29 -7.63 -2.54
C TYR A 21 1.58 -7.17 -3.22
N PHE A 22 2.31 -6.30 -2.54
CA PHE A 22 3.56 -5.77 -3.09
C PHE A 22 4.67 -6.82 -3.07
N TYR A 23 5.03 -7.24 -1.85
CA TYR A 23 6.09 -8.22 -1.68
C TYR A 23 5.89 -9.42 -2.60
N SER A 24 4.77 -10.13 -2.42
CA SER A 24 4.42 -11.27 -3.26
C SER A 24 4.80 -10.99 -4.70
N HIS A 25 4.57 -9.74 -5.07
CA HIS A 25 4.82 -9.25 -6.40
C HIS A 25 6.02 -8.31 -6.45
N LEU A 26 7.01 -8.58 -5.61
CA LEU A 26 8.21 -7.76 -5.54
C LEU A 26 9.06 -7.93 -6.80
N SER A 27 8.80 -8.99 -7.55
CA SER A 27 9.54 -9.26 -8.78
C SER A 27 9.09 -8.33 -9.90
N ASN A 28 7.83 -7.89 -9.82
CA ASN A 28 7.27 -6.98 -10.82
C ASN A 28 6.02 -6.30 -10.30
N PRO A 29 6.13 -5.54 -9.20
CA PRO A 29 4.99 -4.85 -8.59
C PRO A 29 4.61 -3.59 -9.37
N TYR A 30 5.17 -2.43 -8.98
CA TYR A 30 4.90 -1.17 -9.64
C TYR A 30 3.42 -1.04 -10.01
N PRO A 31 2.53 -1.09 -9.00
CA PRO A 31 1.08 -0.97 -9.22
C PRO A 31 0.72 0.22 -10.09
N SER A 32 0.43 -0.06 -11.36
CA SER A 32 0.06 0.99 -12.31
C SER A 32 -1.30 1.60 -11.94
N GLU A 33 -1.85 2.39 -12.85
CA GLU A 33 -3.14 3.03 -12.61
C GLU A 33 -4.22 1.98 -12.35
N GLU A 34 -4.11 0.85 -13.04
CA GLU A 34 -5.08 -0.23 -12.89
C GLU A 34 -4.92 -0.92 -11.53
N ALA A 35 -3.71 -0.89 -10.99
CA ALA A 35 -3.43 -1.50 -9.70
C ALA A 35 -3.84 -0.60 -8.55
N LYS A 36 -3.34 0.64 -8.55
CA LYS A 36 -3.67 1.60 -7.51
C LYS A 36 -5.19 1.71 -7.34
N GLU A 37 -5.89 1.76 -8.46
CA GLU A 37 -7.34 1.85 -8.44
C GLU A 37 -7.93 0.57 -7.84
N GLU A 38 -7.38 -0.56 -8.25
CA GLU A 38 -7.84 -1.85 -7.74
C GLU A 38 -7.77 -1.90 -6.22
N LEU A 39 -6.57 -1.70 -5.68
CA LEU A 39 -6.39 -1.70 -4.23
C LEU A 39 -7.27 -0.64 -3.59
N ALA A 40 -7.41 0.49 -4.26
CA ALA A 40 -8.23 1.59 -3.76
C ALA A 40 -9.65 1.11 -3.44
N LYS A 41 -10.20 0.27 -4.31
CA LYS A 41 -11.55 -0.26 -4.12
C LYS A 41 -11.63 -1.14 -2.86
N LYS A 42 -10.86 -2.21 -2.85
CA LYS A 42 -10.84 -3.13 -1.71
C LYS A 42 -10.72 -2.38 -0.40
N CYS A 43 -9.63 -1.63 -0.27
CA CYS A 43 -9.38 -0.86 0.93
C CYS A 43 -10.39 0.27 1.09
N GLY A 44 -11.05 0.63 -0.01
CA GLY A 44 -12.05 1.69 0.03
C GLY A 44 -11.48 2.98 0.58
N ILE A 45 -10.18 3.19 0.36
CA ILE A 45 -9.52 4.39 0.84
C ILE A 45 -9.25 5.37 -0.31
N THR A 46 -8.03 5.86 -0.39
CA THR A 46 -7.61 6.76 -1.43
C THR A 46 -6.22 6.33 -1.81
N VAL A 47 -6.02 6.21 -3.09
CA VAL A 47 -4.77 5.75 -3.60
C VAL A 47 -3.58 6.45 -3.03
N SER A 48 -3.70 7.71 -2.67
CA SER A 48 -2.55 8.38 -2.08
C SER A 48 -2.07 7.58 -0.88
N GLN A 49 -3.01 6.88 -0.22
CA GLN A 49 -2.65 6.01 0.89
C GLN A 49 -1.80 4.91 0.31
N VAL A 50 -2.21 4.45 -0.87
CA VAL A 50 -1.49 3.45 -1.62
C VAL A 50 -0.32 4.14 -2.32
N SER A 51 -0.65 5.12 -3.17
CA SER A 51 0.34 5.90 -3.90
C SER A 51 1.58 6.15 -3.03
N ASN A 52 1.34 6.57 -1.79
CA ASN A 52 2.44 6.83 -0.86
C ASN A 52 3.03 5.53 -0.32
N TRP A 53 2.16 4.59 0.03
CA TRP A 53 2.59 3.30 0.57
C TRP A 53 3.69 2.68 -0.28
N PHE A 54 3.45 2.61 -1.58
CA PHE A 54 4.40 2.00 -2.50
C PHE A 54 5.54 2.95 -2.82
N GLY A 55 5.33 4.22 -2.56
CA GLY A 55 6.38 5.18 -2.81
C GLY A 55 7.61 4.87 -1.97
N ASN A 56 7.41 4.84 -0.65
CA ASN A 56 8.48 4.55 0.29
C ASN A 56 8.44 3.10 0.78
N LYS A 57 7.31 2.71 1.37
CA LYS A 57 7.14 1.37 1.92
C LYS A 57 7.40 0.27 0.90
N ARG A 58 7.37 0.60 -0.38
CA ARG A 58 7.64 -0.40 -1.41
C ARG A 58 9.08 -0.82 -1.29
N ILE A 59 9.94 0.13 -0.98
CA ILE A 59 11.36 -0.15 -0.82
C ILE A 59 11.67 -0.70 0.55
N ARG A 60 10.67 -1.28 1.16
CA ARG A 60 10.81 -1.86 2.48
C ARG A 60 11.37 -3.28 2.41
N TYR A 61 12.11 -3.61 1.36
CA TYR A 61 12.70 -4.94 1.27
C TYR A 61 14.00 -4.98 2.02
N LYS A 62 15.05 -4.73 1.27
CA LYS A 62 16.41 -4.70 1.81
C LYS A 62 17.36 -3.97 0.86
N LYS A 63 17.20 -2.65 0.78
CA LYS A 63 18.03 -1.85 -0.08
C LYS A 63 17.99 -0.38 0.37
N ASN A 64 18.09 0.55 -0.57
CA ASN A 64 18.07 1.97 -0.27
C ASN A 64 19.23 2.34 0.65
N SER A 1 -4.62 23.28 0.37
CA SER A 1 -3.31 22.99 1.00
C SER A 1 -3.48 22.40 2.40
N SER A 2 -4.11 23.16 3.28
CA SER A 2 -4.33 22.71 4.65
C SER A 2 -5.25 21.48 4.68
N GLY A 3 -4.63 20.30 4.69
CA GLY A 3 -5.40 19.07 4.72
C GLY A 3 -4.52 17.83 4.60
N HIS A 4 -4.49 17.04 5.66
CA HIS A 4 -3.68 15.82 5.67
C HIS A 4 -4.57 14.58 5.63
N ILE A 5 -4.76 14.03 4.44
CA ILE A 5 -5.58 12.85 4.25
C ILE A 5 -4.78 11.57 4.49
N GLU A 6 -4.45 11.30 5.74
CA GLU A 6 -3.67 10.12 6.09
C GLU A 6 -3.90 9.73 7.55
N GLY A 7 -4.43 8.52 7.75
CA GLY A 7 -4.70 8.05 9.09
C GLY A 7 -3.44 7.57 9.79
N ARG A 8 -3.52 6.39 10.42
CA ARG A 8 -2.39 5.82 11.13
C ARG A 8 -2.53 4.31 11.24
N HIS A 9 -3.10 3.69 10.21
CA HIS A 9 -3.30 2.24 10.20
C HIS A 9 -3.48 1.72 8.77
N MET A 10 -4.24 2.45 7.96
CA MET A 10 -4.50 2.06 6.57
C MET A 10 -5.54 0.95 6.50
N ASN A 11 -6.77 1.29 6.88
CA ASN A 11 -7.87 0.33 6.87
C ASN A 11 -7.51 -0.93 7.64
N LYS A 12 -8.43 -1.89 7.68
CA LYS A 12 -8.21 -3.14 8.39
C LYS A 12 -6.95 -3.85 7.85
N GLN A 13 -7.14 -4.92 7.07
CA GLN A 13 -6.01 -5.67 6.52
C GLN A 13 -5.49 -5.04 5.22
N ALA A 14 -5.78 -3.76 5.01
CA ALA A 14 -5.32 -3.08 3.81
C ALA A 14 -3.81 -3.14 3.69
N THR A 15 -3.11 -2.67 4.72
CA THR A 15 -1.66 -2.71 4.75
C THR A 15 -1.17 -4.13 4.49
N GLU A 16 -2.01 -5.10 4.83
CA GLU A 16 -1.69 -6.50 4.61
C GLU A 16 -1.95 -6.82 3.15
N ILE A 17 -2.99 -6.20 2.62
CA ILE A 17 -3.37 -6.34 1.23
C ILE A 17 -2.25 -5.80 0.37
N LEU A 18 -1.83 -4.59 0.72
CA LEU A 18 -0.75 -3.91 0.04
C LEU A 18 0.55 -4.68 0.20
N ASN A 19 0.80 -5.14 1.43
CA ASN A 19 2.00 -5.89 1.74
C ASN A 19 2.00 -7.21 0.98
N GLU A 20 0.86 -7.89 1.01
CA GLU A 20 0.73 -9.15 0.32
C GLU A 20 0.73 -8.92 -1.18
N TYR A 21 0.22 -7.76 -1.61
CA TYR A 21 0.19 -7.43 -3.04
C TYR A 21 1.56 -6.93 -3.50
N PHE A 22 2.26 -6.25 -2.60
CA PHE A 22 3.58 -5.71 -2.89
C PHE A 22 4.66 -6.76 -2.74
N TYR A 23 4.61 -7.51 -1.65
CA TYR A 23 5.59 -8.56 -1.38
C TYR A 23 5.47 -9.68 -2.42
N SER A 24 4.30 -10.33 -2.45
CA SER A 24 4.02 -11.39 -3.41
C SER A 24 4.64 -11.06 -4.75
N HIS A 25 4.55 -9.78 -5.07
CA HIS A 25 5.02 -9.23 -6.32
C HIS A 25 6.26 -8.36 -6.11
N LEU A 26 7.06 -8.71 -5.10
CA LEU A 26 8.27 -7.96 -4.80
C LEU A 26 9.28 -8.07 -5.92
N SER A 27 9.33 -9.23 -6.56
CA SER A 27 10.25 -9.46 -7.67
C SER A 27 10.05 -8.42 -8.76
N ASN A 28 8.83 -7.90 -8.84
CA ASN A 28 8.49 -6.89 -9.84
C ASN A 28 7.05 -6.41 -9.63
N PRO A 29 6.82 -5.53 -8.64
CA PRO A 29 5.50 -5.00 -8.34
C PRO A 29 5.10 -3.87 -9.29
N TYR A 30 5.63 -2.67 -9.05
CA TYR A 30 5.35 -1.51 -9.88
C TYR A 30 3.89 -1.50 -10.35
N PRO A 31 2.93 -1.57 -9.40
CA PRO A 31 1.50 -1.58 -9.73
C PRO A 31 1.09 -0.35 -10.52
N SER A 32 0.62 -0.57 -11.75
CA SER A 32 0.18 0.53 -12.61
C SER A 32 -0.94 1.31 -11.96
N GLU A 33 -1.44 2.32 -12.65
CA GLU A 33 -2.52 3.15 -12.12
C GLU A 33 -3.75 2.31 -11.81
N GLU A 34 -3.89 1.18 -12.51
CA GLU A 34 -5.03 0.28 -12.31
C GLU A 34 -4.93 -0.45 -10.97
N ALA A 35 -3.83 -1.16 -10.76
CA ALA A 35 -3.62 -1.91 -9.53
C ALA A 35 -3.80 -1.02 -8.30
N LYS A 36 -3.16 0.14 -8.32
CA LYS A 36 -3.26 1.08 -7.20
C LYS A 36 -4.71 1.48 -6.97
N GLU A 37 -5.33 2.09 -7.98
CA GLU A 37 -6.73 2.50 -7.88
C GLU A 37 -7.59 1.31 -7.48
N GLU A 38 -7.14 0.11 -7.86
CA GLU A 38 -7.87 -1.11 -7.54
C GLU A 38 -7.82 -1.38 -6.04
N LEU A 39 -6.62 -1.56 -5.50
CA LEU A 39 -6.47 -1.81 -4.08
C LEU A 39 -7.13 -0.69 -3.28
N ALA A 40 -7.06 0.51 -3.82
CA ALA A 40 -7.65 1.67 -3.18
C ALA A 40 -9.13 1.45 -2.85
N LYS A 41 -9.90 1.06 -3.87
CA LYS A 41 -11.33 0.81 -3.68
C LYS A 41 -11.60 -0.52 -2.98
N LYS A 42 -10.58 -1.36 -2.87
CA LYS A 42 -10.74 -2.65 -2.20
C LYS A 42 -11.13 -2.47 -0.74
N CYS A 43 -10.35 -1.66 -0.03
CA CYS A 43 -10.60 -1.40 1.38
C CYS A 43 -11.46 -0.15 1.56
N GLY A 44 -11.48 0.72 0.54
CA GLY A 44 -12.26 1.93 0.62
C GLY A 44 -11.52 3.04 1.35
N ILE A 45 -10.24 3.20 1.03
CA ILE A 45 -9.41 4.21 1.66
C ILE A 45 -9.24 5.43 0.75
N THR A 46 -8.03 5.64 0.31
CA THR A 46 -7.68 6.74 -0.57
C THR A 46 -6.42 6.35 -1.27
N VAL A 47 -6.39 6.55 -2.56
CA VAL A 47 -5.27 6.16 -3.33
C VAL A 47 -3.97 6.65 -2.76
N SER A 48 -3.94 7.84 -2.21
CA SER A 48 -2.69 8.30 -1.62
C SER A 48 -2.24 7.29 -0.57
N GLN A 49 -3.22 6.63 0.07
CA GLN A 49 -2.90 5.59 1.02
C GLN A 49 -2.09 4.54 0.30
N VAL A 50 -2.51 4.28 -0.95
CA VAL A 50 -1.83 3.36 -1.84
C VAL A 50 -0.76 4.11 -2.63
N SER A 51 -1.19 5.15 -3.34
CA SER A 51 -0.29 5.98 -4.15
C SER A 51 1.06 6.19 -3.44
N ASN A 52 1.00 6.63 -2.19
CA ASN A 52 2.21 6.90 -1.41
C ASN A 52 2.86 5.62 -0.88
N TRP A 53 2.06 4.70 -0.37
CA TRP A 53 2.58 3.45 0.20
C TRP A 53 3.61 2.78 -0.70
N PHE A 54 3.26 2.61 -1.96
CA PHE A 54 4.15 1.95 -2.91
C PHE A 54 5.31 2.85 -3.30
N GLY A 55 5.00 4.12 -3.55
CA GLY A 55 6.05 5.06 -3.93
C GLY A 55 7.09 5.24 -2.85
N ASN A 56 6.77 4.82 -1.63
CA ASN A 56 7.68 4.92 -0.51
C ASN A 56 8.43 3.62 -0.30
N LYS A 57 7.74 2.51 -0.50
CA LYS A 57 8.36 1.20 -0.34
C LYS A 57 9.12 0.80 -1.60
N ARG A 58 8.72 1.37 -2.73
CA ARG A 58 9.37 1.07 -3.99
C ARG A 58 10.80 1.59 -4.00
N ILE A 59 11.19 2.31 -2.95
CA ILE A 59 12.52 2.86 -2.86
C ILE A 59 13.53 1.82 -2.36
N ARG A 60 13.55 1.58 -1.04
CA ARG A 60 14.46 0.61 -0.45
C ARG A 60 13.84 -0.76 -0.46
N TYR A 61 12.54 -0.75 -0.52
CA TYR A 61 11.75 -1.95 -0.50
C TYR A 61 11.42 -2.45 -1.89
N LYS A 62 12.37 -2.38 -2.78
CA LYS A 62 12.16 -2.85 -4.14
C LYS A 62 13.47 -3.37 -4.75
N LYS A 63 13.91 -4.52 -4.26
CA LYS A 63 15.14 -5.13 -4.74
C LYS A 63 15.20 -6.61 -4.39
N ASN A 64 14.02 -7.22 -4.22
CA ASN A 64 13.92 -8.64 -3.88
C ASN A 64 14.87 -9.00 -2.73
N SER A 1 -5.08 17.64 29.62
CA SER A 1 -3.74 16.99 29.53
C SER A 1 -3.57 16.25 28.21
N SER A 2 -2.84 16.86 27.28
CA SER A 2 -2.60 16.26 25.98
C SER A 2 -3.91 16.08 25.20
N GLY A 3 -3.85 16.32 23.90
CA GLY A 3 -5.03 16.19 23.08
C GLY A 3 -4.71 15.92 21.62
N HIS A 4 -3.53 15.35 21.38
CA HIS A 4 -3.11 15.03 20.01
C HIS A 4 -3.94 13.89 19.43
N ILE A 5 -4.53 14.12 18.27
CA ILE A 5 -5.36 13.12 17.62
C ILE A 5 -5.39 13.34 16.11
N GLU A 6 -6.17 12.52 15.41
CA GLU A 6 -6.28 12.62 13.96
C GLU A 6 -4.93 12.39 13.29
N GLY A 7 -4.50 11.14 13.28
CA GLY A 7 -3.23 10.79 12.67
C GLY A 7 -2.84 9.35 12.89
N ARG A 8 -3.69 8.44 12.41
CA ARG A 8 -3.45 7.00 12.57
C ARG A 8 -4.18 6.22 11.47
N HIS A 9 -3.84 6.52 10.23
CA HIS A 9 -4.46 5.85 9.09
C HIS A 9 -3.80 4.49 8.82
N MET A 10 -4.08 3.92 7.66
CA MET A 10 -3.53 2.63 7.27
C MET A 10 -4.29 1.49 7.94
N ASN A 11 -5.12 0.81 7.16
CA ASN A 11 -5.92 -0.30 7.67
C ASN A 11 -5.16 -1.62 7.54
N LYS A 12 -5.00 -2.31 8.67
CA LYS A 12 -4.27 -3.59 8.71
C LYS A 12 -4.66 -4.51 7.54
N GLN A 13 -5.93 -4.84 7.45
CA GLN A 13 -6.43 -5.73 6.39
C GLN A 13 -6.00 -5.26 5.00
N ALA A 14 -5.96 -3.94 4.79
CA ALA A 14 -5.54 -3.39 3.51
C ALA A 14 -4.03 -3.37 3.43
N THR A 15 -3.41 -2.82 4.47
CA THR A 15 -1.97 -2.77 4.57
C THR A 15 -1.38 -4.15 4.30
N GLU A 16 -2.10 -5.14 4.80
CA GLU A 16 -1.72 -6.53 4.61
C GLU A 16 -1.91 -6.91 3.16
N ILE A 17 -2.99 -6.38 2.60
CA ILE A 17 -3.33 -6.59 1.21
C ILE A 17 -2.23 -5.97 0.34
N LEU A 18 -1.77 -4.81 0.80
CA LEU A 18 -0.71 -4.07 0.11
C LEU A 18 0.63 -4.75 0.32
N ASN A 19 0.89 -5.16 1.56
CA ASN A 19 2.13 -5.83 1.90
C ASN A 19 2.22 -7.15 1.14
N GLU A 20 1.12 -7.89 1.16
CA GLU A 20 1.05 -9.17 0.47
C GLU A 20 1.05 -8.95 -1.03
N TYR A 21 0.52 -7.80 -1.47
CA TYR A 21 0.48 -7.48 -2.89
C TYR A 21 1.83 -6.95 -3.35
N PHE A 22 2.50 -6.21 -2.49
CA PHE A 22 3.79 -5.63 -2.81
C PHE A 22 4.88 -6.70 -2.82
N TYR A 23 5.02 -7.40 -1.70
CA TYR A 23 6.02 -8.45 -1.57
C TYR A 23 5.86 -9.51 -2.66
N SER A 24 4.70 -10.17 -2.67
CA SER A 24 4.38 -11.17 -3.68
C SER A 24 4.90 -10.74 -5.03
N HIS A 25 4.80 -9.43 -5.23
CA HIS A 25 5.19 -8.79 -6.47
C HIS A 25 6.41 -7.90 -6.26
N LEU A 26 7.32 -8.35 -5.42
CA LEU A 26 8.52 -7.59 -5.12
C LEU A 26 9.42 -7.48 -6.35
N SER A 27 9.40 -8.51 -7.19
CA SER A 27 10.19 -8.51 -8.42
C SER A 27 9.70 -7.41 -9.35
N ASN A 28 8.40 -7.13 -9.26
CA ASN A 28 7.78 -6.09 -10.08
C ASN A 28 6.63 -5.46 -9.32
N PRO A 29 6.95 -4.66 -8.28
CA PRO A 29 5.96 -4.00 -7.45
C PRO A 29 5.55 -2.63 -7.99
N TYR A 30 5.29 -2.56 -9.29
CA TYR A 30 4.90 -1.32 -9.93
C TYR A 30 3.48 -1.45 -10.50
N PRO A 31 2.48 -1.61 -9.61
CA PRO A 31 1.08 -1.75 -10.00
C PRO A 31 0.60 -0.61 -10.91
N SER A 32 -0.11 -0.96 -11.97
CA SER A 32 -0.62 0.03 -12.91
C SER A 32 -1.66 0.92 -12.24
N GLU A 33 -2.42 1.64 -13.05
CA GLU A 33 -3.46 2.53 -12.53
C GLU A 33 -4.70 1.74 -12.13
N GLU A 34 -5.04 0.72 -12.91
CA GLU A 34 -6.20 -0.12 -12.63
C GLU A 34 -5.95 -1.00 -11.41
N ALA A 35 -4.69 -1.28 -11.12
CA ALA A 35 -4.33 -2.12 -9.99
C ALA A 35 -4.37 -1.31 -8.70
N LYS A 36 -3.64 -0.20 -8.68
CA LYS A 36 -3.60 0.66 -7.50
C LYS A 36 -5.01 1.10 -7.13
N GLU A 37 -5.75 1.66 -8.08
CA GLU A 37 -7.12 2.09 -7.84
C GLU A 37 -7.91 0.99 -7.16
N GLU A 38 -7.70 -0.24 -7.63
CA GLU A 38 -8.37 -1.39 -7.05
C GLU A 38 -8.01 -1.53 -5.58
N LEU A 39 -6.71 -1.56 -5.30
CA LEU A 39 -6.25 -1.67 -3.92
C LEU A 39 -6.89 -0.57 -3.08
N ALA A 40 -6.92 0.64 -3.63
CA ALA A 40 -7.53 1.76 -2.95
C ALA A 40 -9.02 1.50 -2.72
N LYS A 41 -9.74 1.34 -3.83
CA LYS A 41 -11.17 1.07 -3.79
C LYS A 41 -11.49 -0.10 -2.85
N LYS A 42 -10.57 -1.07 -2.76
CA LYS A 42 -10.77 -2.22 -1.90
C LYS A 42 -11.09 -1.79 -0.47
N CYS A 43 -10.13 -1.13 0.16
CA CYS A 43 -10.31 -0.66 1.53
C CYS A 43 -11.37 0.42 1.59
N GLY A 44 -11.35 1.32 0.61
CA GLY A 44 -12.30 2.40 0.57
C GLY A 44 -11.64 3.75 0.80
N ILE A 45 -10.31 3.78 0.73
CA ILE A 45 -9.56 5.01 0.91
C ILE A 45 -9.22 5.62 -0.44
N THR A 46 -8.01 6.14 -0.57
CA THR A 46 -7.52 6.68 -1.79
C THR A 46 -6.13 6.15 -1.94
N VAL A 47 -5.85 5.61 -3.08
CA VAL A 47 -4.56 5.00 -3.34
C VAL A 47 -3.44 5.84 -2.81
N SER A 48 -3.56 7.15 -2.84
CA SER A 48 -2.47 7.97 -2.33
C SER A 48 -1.91 7.32 -1.06
N GLN A 49 -2.80 6.71 -0.28
CA GLN A 49 -2.37 5.95 0.88
C GLN A 49 -1.57 4.78 0.35
N VAL A 50 -2.10 4.22 -0.73
CA VAL A 50 -1.50 3.14 -1.50
C VAL A 50 -0.41 3.74 -2.39
N SER A 51 -0.80 4.65 -3.31
CA SER A 51 0.13 5.32 -4.20
C SER A 51 1.46 5.63 -3.50
N ASN A 52 1.36 6.23 -2.32
CA ASN A 52 2.55 6.60 -1.55
C ASN A 52 3.18 5.38 -0.87
N TRP A 53 2.33 4.51 -0.30
CA TRP A 53 2.79 3.31 0.39
C TRP A 53 3.86 2.59 -0.42
N PHE A 54 3.58 2.36 -1.68
CA PHE A 54 4.49 1.64 -2.55
C PHE A 54 5.69 2.51 -2.89
N GLY A 55 5.47 3.81 -2.98
CA GLY A 55 6.55 4.73 -3.29
C GLY A 55 7.65 4.71 -2.24
N ASN A 56 7.27 4.62 -0.97
CA ASN A 56 8.23 4.60 0.12
C ASN A 56 8.53 3.17 0.57
N LYS A 57 7.48 2.40 0.82
CA LYS A 57 7.63 1.02 1.27
C LYS A 57 8.44 0.20 0.26
N ARG A 58 8.59 0.72 -0.95
CA ARG A 58 9.36 0.02 -1.97
C ARG A 58 10.83 0.03 -1.56
N ILE A 59 11.23 1.11 -0.92
CA ILE A 59 12.60 1.24 -0.45
C ILE A 59 12.78 0.65 0.94
N ARG A 60 11.65 0.38 1.57
CA ARG A 60 11.64 -0.20 2.91
C ARG A 60 11.95 -1.68 2.86
N TYR A 61 12.62 -2.10 1.80
CA TYR A 61 12.90 -3.50 1.63
C TYR A 61 14.26 -3.95 2.14
N LYS A 62 14.83 -3.25 3.10
CA LYS A 62 16.11 -3.66 3.64
C LYS A 62 15.92 -4.50 4.91
N LYS A 63 14.72 -5.05 5.08
CA LYS A 63 14.40 -5.87 6.26
C LYS A 63 14.91 -7.30 6.07
N ASN A 64 16.18 -7.44 5.70
CA ASN A 64 16.77 -8.76 5.49
C ASN A 64 16.04 -9.51 4.38
N SER A 1 -4.87 -7.17 24.26
CA SER A 1 -5.49 -5.85 24.01
C SER A 1 -4.44 -4.74 24.04
N SER A 2 -3.23 -5.07 23.60
CA SER A 2 -2.14 -4.10 23.57
C SER A 2 -1.96 -3.52 22.17
N GLY A 3 -2.45 -2.32 21.97
CA GLY A 3 -2.34 -1.67 20.67
C GLY A 3 -2.55 -0.17 20.74
N HIS A 4 -3.26 0.37 19.75
CA HIS A 4 -3.54 1.80 19.70
C HIS A 4 -2.24 2.60 19.63
N ILE A 5 -1.20 1.99 19.08
CA ILE A 5 0.10 2.64 18.95
C ILE A 5 0.17 3.45 17.65
N GLU A 6 0.32 4.76 17.79
CA GLU A 6 0.41 5.64 16.63
C GLU A 6 -0.89 5.61 15.83
N GLY A 7 -1.44 6.78 15.54
CA GLY A 7 -2.68 6.87 14.78
C GLY A 7 -2.44 6.83 13.28
N ARG A 8 -2.26 5.64 12.73
CA ARG A 8 -2.03 5.48 11.29
C ARG A 8 -3.33 5.61 10.51
N HIS A 9 -3.27 6.32 9.39
CA HIS A 9 -4.45 6.52 8.55
C HIS A 9 -4.67 5.34 7.61
N MET A 10 -4.67 4.13 8.17
CA MET A 10 -4.88 2.92 7.38
C MET A 10 -5.15 1.72 8.28
N ASN A 11 -5.94 0.77 7.77
CA ASN A 11 -6.27 -0.43 8.54
C ASN A 11 -5.25 -1.54 8.29
N LYS A 12 -4.82 -2.17 9.36
CA LYS A 12 -3.82 -3.25 9.30
C LYS A 12 -4.07 -4.21 8.13
N GLN A 13 -5.33 -4.60 7.94
CA GLN A 13 -5.67 -5.53 6.87
C GLN A 13 -5.16 -5.05 5.52
N ALA A 14 -5.60 -3.85 5.11
CA ALA A 14 -5.15 -3.30 3.84
C ALA A 14 -3.63 -3.32 3.77
N THR A 15 -3.01 -2.91 4.85
CA THR A 15 -1.55 -2.89 4.95
C THR A 15 -1.00 -4.30 4.72
N GLU A 16 -1.76 -5.29 5.17
CA GLU A 16 -1.36 -6.69 5.00
C GLU A 16 -1.69 -7.13 3.59
N ILE A 17 -2.68 -6.46 3.01
CA ILE A 17 -3.10 -6.71 1.64
C ILE A 17 -2.08 -6.10 0.69
N LEU A 18 -1.57 -4.95 1.11
CA LEU A 18 -0.58 -4.22 0.35
C LEU A 18 0.79 -4.88 0.51
N ASN A 19 1.08 -5.31 1.73
CA ASN A 19 2.35 -5.98 2.01
C ASN A 19 2.37 -7.31 1.26
N GLU A 20 1.26 -8.04 1.35
CA GLU A 20 1.12 -9.31 0.68
C GLU A 20 1.05 -9.07 -0.82
N TYR A 21 0.50 -7.93 -1.22
CA TYR A 21 0.37 -7.60 -2.64
C TYR A 21 1.70 -7.07 -3.17
N PHE A 22 2.45 -6.39 -2.31
CA PHE A 22 3.74 -5.83 -2.69
C PHE A 22 4.81 -6.91 -2.77
N TYR A 23 4.95 -7.68 -1.71
CA TYR A 23 5.94 -8.74 -1.65
C TYR A 23 5.65 -9.82 -2.69
N SER A 24 4.48 -10.46 -2.57
CA SER A 24 4.04 -11.49 -3.50
C SER A 24 4.42 -11.13 -4.91
N HIS A 25 4.33 -9.83 -5.16
CA HIS A 25 4.61 -9.26 -6.45
C HIS A 25 5.83 -8.36 -6.40
N LEU A 26 6.82 -8.77 -5.63
CA LEU A 26 8.05 -8.00 -5.47
C LEU A 26 8.83 -7.95 -6.78
N SER A 27 8.47 -8.80 -7.74
CA SER A 27 9.12 -8.82 -9.04
C SER A 27 8.68 -7.63 -9.87
N ASN A 28 7.46 -7.17 -9.62
CA ASN A 28 6.89 -6.02 -10.32
C ASN A 28 5.97 -5.24 -9.39
N PRO A 29 6.53 -4.71 -8.29
CA PRO A 29 5.77 -3.93 -7.30
C PRO A 29 5.01 -2.77 -7.91
N TYR A 30 5.68 -2.05 -8.80
CA TYR A 30 5.09 -0.89 -9.47
C TYR A 30 3.65 -1.17 -9.91
N PRO A 31 2.66 -0.68 -9.14
CA PRO A 31 1.25 -0.89 -9.45
C PRO A 31 0.71 0.14 -10.44
N SER A 32 0.41 -0.33 -11.65
CA SER A 32 -0.12 0.56 -12.69
C SER A 32 -1.39 1.24 -12.21
N GLU A 33 -1.95 2.09 -13.07
CA GLU A 33 -3.18 2.81 -12.73
C GLU A 33 -4.27 1.85 -12.30
N GLU A 34 -4.27 0.66 -12.89
CA GLU A 34 -5.27 -0.36 -12.58
C GLU A 34 -5.04 -0.94 -11.19
N ALA A 35 -3.78 -1.19 -10.85
CA ALA A 35 -3.43 -1.74 -9.55
C ALA A 35 -3.87 -0.82 -8.43
N LYS A 36 -3.31 0.39 -8.41
CA LYS A 36 -3.66 1.37 -7.38
C LYS A 36 -5.17 1.50 -7.24
N GLU A 37 -5.86 1.60 -8.37
CA GLU A 37 -7.32 1.73 -8.37
C GLU A 37 -7.95 0.50 -7.74
N GLU A 38 -7.36 -0.68 -7.97
CA GLU A 38 -7.86 -1.91 -7.41
C GLU A 38 -7.70 -1.89 -5.90
N LEU A 39 -6.48 -1.61 -5.45
CA LEU A 39 -6.21 -1.54 -4.03
C LEU A 39 -7.06 -0.44 -3.40
N ALA A 40 -7.35 0.58 -4.20
CA ALA A 40 -8.15 1.70 -3.75
C ALA A 40 -9.58 1.27 -3.43
N LYS A 41 -10.22 0.58 -4.38
CA LYS A 41 -11.59 0.14 -4.22
C LYS A 41 -11.68 -1.08 -3.29
N LYS A 42 -10.55 -1.69 -2.97
CA LYS A 42 -10.52 -2.83 -2.09
C LYS A 42 -10.69 -2.37 -0.65
N CYS A 43 -9.99 -1.30 -0.31
CA CYS A 43 -10.05 -0.72 1.03
C CYS A 43 -11.09 0.39 1.08
N GLY A 44 -11.31 1.02 -0.07
CA GLY A 44 -12.25 2.11 -0.14
C GLY A 44 -11.63 3.41 0.36
N ILE A 45 -10.30 3.47 0.33
CA ILE A 45 -9.58 4.64 0.79
C ILE A 45 -9.28 5.62 -0.35
N THR A 46 -8.03 6.07 -0.40
CA THR A 46 -7.56 6.96 -1.42
C THR A 46 -6.21 6.47 -1.83
N VAL A 47 -6.02 6.35 -3.10
CA VAL A 47 -4.82 5.82 -3.63
C VAL A 47 -3.58 6.45 -3.06
N SER A 48 -3.61 7.71 -2.72
CA SER A 48 -2.42 8.31 -2.14
C SER A 48 -1.99 7.49 -0.93
N GLN A 49 -2.96 6.88 -0.26
CA GLN A 49 -2.66 5.99 0.86
C GLN A 49 -1.82 4.86 0.29
N VAL A 50 -2.24 4.41 -0.89
CA VAL A 50 -1.55 3.38 -1.65
C VAL A 50 -0.42 4.04 -2.42
N SER A 51 -0.77 4.98 -3.31
CA SER A 51 0.19 5.72 -4.11
C SER A 51 1.46 6.04 -3.31
N ASN A 52 1.27 6.56 -2.10
CA ASN A 52 2.40 6.92 -1.25
C ASN A 52 3.05 5.69 -0.61
N TRP A 53 2.24 4.76 -0.13
CA TRP A 53 2.73 3.55 0.52
C TRP A 53 3.83 2.88 -0.30
N PHE A 54 3.52 2.60 -1.56
CA PHE A 54 4.46 1.94 -2.45
C PHE A 54 5.62 2.86 -2.80
N GLY A 55 5.36 4.15 -2.81
CA GLY A 55 6.39 5.12 -3.14
C GLY A 55 7.67 4.88 -2.35
N ASN A 56 7.54 4.84 -1.03
CA ASN A 56 8.70 4.63 -0.14
C ASN A 56 8.83 3.17 0.27
N LYS A 57 7.74 2.60 0.78
CA LYS A 57 7.74 1.21 1.23
C LYS A 57 8.29 0.25 0.17
N ARG A 58 8.30 0.68 -1.08
CA ARG A 58 8.81 -0.14 -2.16
C ARG A 58 10.32 -0.20 -2.08
N ILE A 59 10.91 0.88 -1.60
CA ILE A 59 12.36 0.97 -1.47
C ILE A 59 12.81 0.44 -0.10
N ARG A 60 11.85 0.11 0.75
CA ARG A 60 12.14 -0.42 2.07
C ARG A 60 12.46 -1.90 1.99
N TYR A 61 12.89 -2.35 0.81
CA TYR A 61 13.18 -3.74 0.60
C TYR A 61 14.64 -4.09 0.81
N LYS A 62 15.38 -4.03 -0.24
CA LYS A 62 16.79 -4.36 -0.22
C LYS A 62 17.61 -3.08 -0.23
N LYS A 63 18.82 -3.15 -0.78
CA LYS A 63 19.68 -1.99 -0.88
C LYS A 63 19.33 -1.17 -2.13
N ASN A 64 18.16 -1.43 -2.70
CA ASN A 64 17.71 -0.72 -3.89
C ASN A 64 16.19 -0.69 -3.97
N SER A 1 -5.37 24.78 10.28
CA SER A 1 -4.43 24.14 9.34
C SER A 1 -3.52 23.13 10.05
N SER A 2 -2.61 23.63 10.87
CA SER A 2 -1.69 22.78 11.61
C SER A 2 -2.44 21.89 12.58
N GLY A 3 -1.88 20.71 12.86
CA GLY A 3 -2.52 19.79 13.78
C GLY A 3 -1.61 18.63 14.16
N HIS A 4 -1.74 18.15 15.39
CA HIS A 4 -0.92 17.04 15.87
C HIS A 4 -1.72 15.74 15.83
N ILE A 5 -2.45 15.53 14.74
CA ILE A 5 -3.25 14.32 14.57
C ILE A 5 -2.42 13.19 13.98
N GLU A 6 -2.45 12.03 14.64
CA GLU A 6 -1.70 10.88 14.19
C GLU A 6 -2.36 9.60 14.70
N GLY A 7 -1.56 8.57 14.97
CA GLY A 7 -2.10 7.31 15.46
C GLY A 7 -3.20 6.75 14.58
N ARG A 8 -3.22 7.18 13.32
CA ARG A 8 -4.22 6.72 12.36
C ARG A 8 -3.73 6.90 10.93
N HIS A 9 -4.66 6.99 9.98
CA HIS A 9 -4.30 7.17 8.57
C HIS A 9 -3.80 5.85 7.98
N MET A 10 -4.47 4.76 8.34
CA MET A 10 -4.09 3.44 7.85
C MET A 10 -5.21 2.43 8.11
N ASN A 11 -5.34 1.46 7.22
CA ASN A 11 -6.37 0.44 7.35
C ASN A 11 -5.86 -0.76 8.16
N LYS A 12 -6.78 -1.62 8.57
CA LYS A 12 -6.43 -2.80 9.35
C LYS A 12 -5.61 -3.79 8.53
N GLN A 13 -6.30 -4.67 7.81
CA GLN A 13 -5.64 -5.70 6.99
C GLN A 13 -5.22 -5.17 5.63
N ALA A 14 -5.53 -3.92 5.33
CA ALA A 14 -5.15 -3.33 4.05
C ALA A 14 -3.64 -3.37 3.88
N THR A 15 -2.92 -2.91 4.89
CA THR A 15 -1.47 -2.92 4.87
C THR A 15 -0.96 -4.33 4.59
N GLU A 16 -1.78 -5.32 4.93
CA GLU A 16 -1.44 -6.71 4.68
C GLU A 16 -1.75 -7.03 3.24
N ILE A 17 -2.80 -6.39 2.75
CA ILE A 17 -3.21 -6.52 1.37
C ILE A 17 -2.14 -5.92 0.48
N LEU A 18 -1.80 -4.69 0.81
CA LEU A 18 -0.78 -3.93 0.10
C LEU A 18 0.57 -4.61 0.24
N ASN A 19 0.87 -5.02 1.47
CA ASN A 19 2.14 -5.69 1.75
C ASN A 19 2.18 -7.02 1.03
N GLU A 20 1.16 -7.84 1.23
CA GLU A 20 1.07 -9.13 0.58
C GLU A 20 0.98 -8.95 -0.93
N TYR A 21 0.42 -7.81 -1.36
CA TYR A 21 0.29 -7.53 -2.78
C TYR A 21 1.60 -7.03 -3.38
N PHE A 22 2.28 -6.15 -2.64
CA PHE A 22 3.55 -5.59 -3.09
C PHE A 22 4.69 -6.58 -2.93
N TYR A 23 4.90 -7.04 -1.71
CA TYR A 23 5.98 -7.98 -1.42
C TYR A 23 5.94 -9.15 -2.39
N SER A 24 4.88 -9.95 -2.31
CA SER A 24 4.67 -11.11 -3.18
C SER A 24 5.12 -10.77 -4.60
N HIS A 25 4.84 -9.53 -4.96
CA HIS A 25 5.14 -9.00 -6.26
C HIS A 25 6.31 -8.03 -6.23
N LEU A 26 7.24 -8.28 -5.33
CA LEU A 26 8.42 -7.42 -5.18
C LEU A 26 9.34 -7.56 -6.38
N SER A 27 9.27 -8.69 -7.08
CA SER A 27 10.10 -8.93 -8.25
C SER A 27 9.67 -8.02 -9.39
N ASN A 28 8.38 -7.66 -9.42
CA ASN A 28 7.85 -6.80 -10.46
C ASN A 28 6.45 -6.31 -10.08
N PRO A 29 6.34 -5.46 -9.05
CA PRO A 29 5.06 -4.92 -8.59
C PRO A 29 4.59 -3.75 -9.44
N TYR A 30 5.19 -2.57 -9.22
CA TYR A 30 4.84 -1.38 -9.96
C TYR A 30 3.34 -1.27 -10.20
N PRO A 31 2.55 -1.08 -9.12
CA PRO A 31 1.09 -0.98 -9.21
C PRO A 31 0.65 0.06 -10.24
N SER A 32 0.44 -0.38 -11.47
CA SER A 32 0.02 0.52 -12.54
C SER A 32 -1.29 1.20 -12.16
N GLU A 33 -1.91 1.87 -13.14
CA GLU A 33 -3.17 2.56 -12.90
C GLU A 33 -4.24 1.59 -12.40
N GLU A 34 -4.16 0.35 -12.88
CA GLU A 34 -5.12 -0.68 -12.49
C GLU A 34 -4.94 -1.11 -11.04
N ALA A 35 -3.73 -1.54 -10.70
CA ALA A 35 -3.41 -1.99 -9.35
C ALA A 35 -3.81 -0.94 -8.32
N LYS A 36 -3.40 0.30 -8.57
CA LYS A 36 -3.73 1.40 -7.68
C LYS A 36 -5.24 1.56 -7.54
N GLU A 37 -5.89 1.96 -8.63
CA GLU A 37 -7.34 2.13 -8.62
C GLU A 37 -8.03 0.89 -8.05
N GLU A 38 -7.36 -0.26 -8.13
CA GLU A 38 -7.92 -1.51 -7.61
C GLU A 38 -7.88 -1.51 -6.08
N LEU A 39 -6.67 -1.45 -5.52
CA LEU A 39 -6.51 -1.45 -4.07
C LEU A 39 -7.40 -0.39 -3.44
N ALA A 40 -7.47 0.76 -4.09
CA ALA A 40 -8.28 1.86 -3.60
C ALA A 40 -9.69 1.38 -3.24
N LYS A 41 -10.36 0.76 -4.21
CA LYS A 41 -11.71 0.24 -4.00
C LYS A 41 -11.72 -0.90 -2.97
N LYS A 42 -10.59 -1.59 -2.83
CA LYS A 42 -10.50 -2.70 -1.89
C LYS A 42 -11.04 -2.27 -0.52
N CYS A 43 -10.35 -1.32 0.09
CA CYS A 43 -10.75 -0.81 1.40
C CYS A 43 -11.62 0.44 1.26
N GLY A 44 -11.40 1.20 0.19
CA GLY A 44 -12.15 2.42 -0.03
C GLY A 44 -11.51 3.60 0.66
N ILE A 45 -10.19 3.70 0.54
CA ILE A 45 -9.42 4.78 1.15
C ILE A 45 -9.10 5.87 0.13
N THR A 46 -7.82 6.23 0.05
CA THR A 46 -7.33 7.21 -0.88
C THR A 46 -6.07 6.64 -1.45
N VAL A 47 -5.95 6.73 -2.74
CA VAL A 47 -4.83 6.17 -3.41
C VAL A 47 -3.52 6.64 -2.84
N SER A 48 -3.43 7.87 -2.39
CA SER A 48 -2.17 8.30 -1.81
C SER A 48 -1.84 7.36 -0.65
N GLN A 49 -2.88 6.81 -0.02
CA GLN A 49 -2.70 5.82 1.03
C GLN A 49 -1.91 4.68 0.41
N VAL A 50 -2.31 4.34 -0.81
CA VAL A 50 -1.66 3.32 -1.61
C VAL A 50 -0.51 3.97 -2.37
N SER A 51 -0.84 4.94 -3.23
CA SER A 51 0.14 5.67 -4.01
C SER A 51 1.43 5.92 -3.21
N ASN A 52 1.28 6.36 -1.98
CA ASN A 52 2.41 6.64 -1.10
C ASN A 52 3.03 5.36 -0.53
N TRP A 53 2.18 4.43 -0.11
CA TRP A 53 2.64 3.17 0.49
C TRP A 53 3.68 2.46 -0.37
N PHE A 54 3.33 2.21 -1.62
CA PHE A 54 4.22 1.51 -2.53
C PHE A 54 5.44 2.36 -2.88
N GLY A 55 5.23 3.67 -2.99
CA GLY A 55 6.31 4.56 -3.31
C GLY A 55 7.28 4.73 -2.15
N ASN A 56 6.81 4.45 -0.94
CA ASN A 56 7.62 4.56 0.25
C ASN A 56 8.22 3.21 0.64
N LYS A 57 7.64 2.12 0.17
CA LYS A 57 8.14 0.80 0.49
C LYS A 57 9.29 0.40 -0.45
N ARG A 58 9.18 0.80 -1.70
CA ARG A 58 10.22 0.48 -2.68
C ARG A 58 11.53 1.19 -2.32
N ILE A 59 11.46 2.10 -1.35
CA ILE A 59 12.61 2.85 -0.90
C ILE A 59 13.68 1.95 -0.28
N ARG A 60 13.40 1.47 0.92
CA ARG A 60 14.27 0.60 1.67
C ARG A 60 13.48 -0.04 2.79
N TYR A 61 12.34 -0.54 2.38
CA TYR A 61 11.37 -1.18 3.24
C TYR A 61 11.93 -2.43 3.94
N LYS A 62 13.25 -2.54 3.97
CA LYS A 62 13.90 -3.67 4.61
C LYS A 62 15.31 -3.30 5.05
N LYS A 63 15.56 -3.41 6.36
CA LYS A 63 16.88 -3.08 6.90
C LYS A 63 17.89 -4.19 6.61
N ASN A 64 18.11 -4.45 5.32
CA ASN A 64 19.05 -5.49 4.91
C ASN A 64 18.63 -6.85 5.46
N SER A 1 -19.27 5.44 17.75
CA SER A 1 -19.56 6.04 19.08
C SER A 1 -18.76 7.33 19.28
N SER A 2 -17.45 7.22 19.20
CA SER A 2 -16.57 8.37 19.38
C SER A 2 -15.18 8.09 18.82
N GLY A 3 -14.90 8.61 17.63
CA GLY A 3 -13.60 8.40 17.02
C GLY A 3 -13.70 7.86 15.60
N HIS A 4 -14.17 8.70 14.69
CA HIS A 4 -14.33 8.31 13.29
C HIS A 4 -12.99 7.87 12.70
N ILE A 5 -13.03 6.78 11.94
CA ILE A 5 -11.82 6.26 11.31
C ILE A 5 -10.81 5.81 12.35
N GLU A 6 -10.21 4.64 12.13
CA GLU A 6 -9.22 4.10 13.04
C GLU A 6 -7.85 4.67 12.71
N GLY A 7 -6.82 3.85 12.85
CA GLY A 7 -5.46 4.30 12.57
C GLY A 7 -4.79 3.49 11.48
N ARG A 8 -3.49 3.22 11.66
CA ARG A 8 -2.73 2.45 10.69
C ARG A 8 -2.61 3.18 9.36
N HIS A 9 -2.98 4.46 9.33
CA HIS A 9 -2.92 5.27 8.13
C HIS A 9 -3.89 4.76 7.06
N MET A 10 -3.61 3.56 6.55
CA MET A 10 -4.46 2.94 5.55
C MET A 10 -5.61 2.26 6.27
N ASN A 11 -6.08 1.13 5.76
CA ASN A 11 -7.18 0.44 6.41
C ASN A 11 -6.66 -0.61 7.38
N LYS A 12 -7.58 -1.43 7.88
CA LYS A 12 -7.24 -2.49 8.83
C LYS A 12 -6.12 -3.39 8.30
N GLN A 13 -6.48 -4.50 7.68
CA GLN A 13 -5.49 -5.42 7.14
C GLN A 13 -5.00 -4.99 5.76
N ALA A 14 -5.57 -3.91 5.22
CA ALA A 14 -5.17 -3.42 3.91
C ALA A 14 -3.65 -3.34 3.79
N THR A 15 -3.00 -2.87 4.86
CA THR A 15 -1.55 -2.77 4.88
C THR A 15 -0.93 -4.14 4.68
N GLU A 16 -1.63 -5.16 5.16
CA GLU A 16 -1.17 -6.54 5.02
C GLU A 16 -1.50 -7.03 3.63
N ILE A 17 -2.52 -6.39 3.05
CA ILE A 17 -2.95 -6.68 1.70
C ILE A 17 -1.97 -6.07 0.72
N LEU A 18 -1.61 -4.82 1.02
CA LEU A 18 -0.68 -4.06 0.22
C LEU A 18 0.72 -4.65 0.35
N ASN A 19 1.08 -5.01 1.58
CA ASN A 19 2.37 -5.60 1.84
C ASN A 19 2.44 -6.98 1.22
N GLU A 20 1.38 -7.75 1.40
CA GLU A 20 1.28 -9.07 0.82
C GLU A 20 1.15 -8.96 -0.70
N TYR A 21 0.59 -7.84 -1.16
CA TYR A 21 0.42 -7.62 -2.59
C TYR A 21 1.72 -7.14 -3.20
N PHE A 22 2.48 -6.38 -2.43
CA PHE A 22 3.76 -5.85 -2.88
C PHE A 22 4.79 -6.96 -2.98
N TYR A 23 5.17 -7.51 -1.84
CA TYR A 23 6.14 -8.59 -1.77
C TYR A 23 5.78 -9.72 -2.75
N SER A 24 4.57 -10.27 -2.59
CA SER A 24 4.07 -11.33 -3.47
C SER A 24 4.48 -11.02 -4.90
N HIS A 25 4.39 -9.75 -5.21
CA HIS A 25 4.71 -9.22 -6.52
C HIS A 25 5.96 -8.36 -6.49
N LEU A 26 6.85 -8.66 -5.54
CA LEU A 26 8.08 -7.92 -5.38
C LEU A 26 8.94 -8.00 -6.64
N SER A 27 8.75 -9.08 -7.40
CA SER A 27 9.51 -9.27 -8.63
C SER A 27 9.27 -8.10 -9.58
N ASN A 28 8.12 -7.46 -9.47
CA ASN A 28 7.76 -6.32 -10.31
C ASN A 28 6.41 -5.73 -9.91
N PRO A 29 6.31 -5.18 -8.69
CA PRO A 29 5.08 -4.59 -8.18
C PRO A 29 4.96 -3.11 -8.48
N TYR A 30 4.43 -2.79 -9.65
CA TYR A 30 4.27 -1.40 -10.06
C TYR A 30 2.79 -1.03 -10.13
N PRO A 31 2.22 -0.53 -9.02
CA PRO A 31 0.81 -0.14 -8.95
C PRO A 31 0.41 0.81 -10.08
N SER A 32 0.05 0.23 -11.23
CA SER A 32 -0.36 1.02 -12.38
C SER A 32 -1.73 1.66 -12.11
N GLU A 33 -2.37 2.14 -13.16
CA GLU A 33 -3.68 2.76 -13.03
C GLU A 33 -4.70 1.73 -12.57
N GLU A 34 -4.65 0.54 -13.16
CA GLU A 34 -5.57 -0.53 -12.81
C GLU A 34 -5.24 -1.11 -11.44
N ALA A 35 -3.97 -1.10 -11.08
CA ALA A 35 -3.52 -1.63 -9.80
C ALA A 35 -3.89 -0.69 -8.64
N LYS A 36 -3.39 0.54 -8.71
CA LYS A 36 -3.67 1.53 -7.67
C LYS A 36 -5.17 1.63 -7.40
N GLU A 37 -5.95 1.71 -8.47
CA GLU A 37 -7.40 1.80 -8.34
C GLU A 37 -7.95 0.51 -7.73
N GLU A 38 -7.42 -0.62 -8.19
CA GLU A 38 -7.84 -1.93 -7.68
C GLU A 38 -7.72 -1.96 -6.15
N LEU A 39 -6.52 -1.69 -5.66
CA LEU A 39 -6.28 -1.68 -4.22
C LEU A 39 -7.13 -0.61 -3.56
N ALA A 40 -7.27 0.52 -4.25
CA ALA A 40 -8.07 1.64 -3.74
C ALA A 40 -9.48 1.18 -3.36
N LYS A 41 -10.11 0.42 -4.24
CA LYS A 41 -11.47 -0.07 -4.01
C LYS A 41 -11.50 -1.06 -2.84
N LYS A 42 -10.59 -2.03 -2.86
CA LYS A 42 -10.53 -3.04 -1.81
C LYS A 42 -10.63 -2.40 -0.42
N CYS A 43 -9.85 -1.36 -0.19
CA CYS A 43 -9.85 -0.67 1.10
C CYS A 43 -10.81 0.51 1.08
N GLY A 44 -11.24 0.92 -0.12
CA GLY A 44 -12.15 2.04 -0.23
C GLY A 44 -11.56 3.32 0.34
N ILE A 45 -10.26 3.52 0.10
CA ILE A 45 -9.56 4.69 0.60
C ILE A 45 -9.25 5.66 -0.55
N THR A 46 -7.99 6.06 -0.64
CA THR A 46 -7.52 6.93 -1.67
C THR A 46 -6.15 6.44 -2.05
N VAL A 47 -5.93 6.30 -3.31
CA VAL A 47 -4.71 5.78 -3.80
C VAL A 47 -3.49 6.43 -3.22
N SER A 48 -3.56 7.70 -2.87
CA SER A 48 -2.39 8.33 -2.29
C SER A 48 -1.97 7.53 -1.07
N GLN A 49 -2.94 6.91 -0.39
CA GLN A 49 -2.64 6.04 0.73
C GLN A 49 -1.80 4.90 0.19
N VAL A 50 -2.21 4.45 -0.99
CA VAL A 50 -1.51 3.42 -1.73
C VAL A 50 -0.31 4.07 -2.40
N SER A 51 -0.61 5.02 -3.31
CA SER A 51 0.42 5.78 -4.02
C SER A 51 1.63 6.06 -3.13
N ASN A 52 1.36 6.47 -1.90
CA ASN A 52 2.43 6.78 -0.95
C ASN A 52 3.06 5.51 -0.38
N TRP A 53 2.23 4.59 0.08
CA TRP A 53 2.70 3.33 0.65
C TRP A 53 3.80 2.70 -0.20
N PHE A 54 3.51 2.56 -1.48
CA PHE A 54 4.45 1.94 -2.41
C PHE A 54 5.62 2.87 -2.68
N GLY A 55 5.40 4.16 -2.50
CA GLY A 55 6.46 5.11 -2.72
C GLY A 55 7.69 4.80 -1.87
N ASN A 56 7.50 4.74 -0.56
CA ASN A 56 8.59 4.44 0.37
C ASN A 56 8.59 2.98 0.80
N LYS A 57 7.45 2.51 1.32
CA LYS A 57 7.33 1.13 1.80
C LYS A 57 7.81 0.12 0.77
N ARG A 58 7.84 0.52 -0.50
CA ARG A 58 8.31 -0.37 -1.54
C ARG A 58 9.77 -0.66 -1.29
N ILE A 59 10.48 0.36 -0.81
CA ILE A 59 11.88 0.23 -0.52
C ILE A 59 12.14 -0.25 0.89
N ARG A 60 11.21 -0.99 1.40
CA ARG A 60 11.33 -1.54 2.74
C ARG A 60 12.28 -2.73 2.71
N TYR A 61 12.64 -3.12 1.51
CA TYR A 61 13.55 -4.23 1.29
C TYR A 61 15.01 -3.80 1.15
N LYS A 62 15.30 -2.57 1.57
CA LYS A 62 16.67 -2.03 1.51
C LYS A 62 17.36 -2.34 0.18
N LYS A 63 16.57 -2.48 -0.88
CA LYS A 63 17.11 -2.77 -2.19
C LYS A 63 17.66 -1.50 -2.86
N ASN A 64 18.63 -0.88 -2.20
CA ASN A 64 19.24 0.34 -2.72
C ASN A 64 20.68 0.48 -2.24
N SER A 1 -7.53 2.89 21.13
CA SER A 1 -7.07 2.98 22.54
C SER A 1 -5.88 2.07 22.80
N SER A 2 -5.08 1.84 21.77
CA SER A 2 -3.90 0.99 21.87
C SER A 2 -3.12 0.97 20.57
N GLY A 3 -3.06 2.11 19.90
CA GLY A 3 -2.35 2.20 18.64
C GLY A 3 -2.16 3.63 18.16
N HIS A 4 -1.30 4.37 18.86
CA HIS A 4 -1.03 5.76 18.52
C HIS A 4 -2.30 6.60 18.61
N ILE A 5 -2.13 7.90 18.81
CA ILE A 5 -3.26 8.81 18.92
C ILE A 5 -3.72 9.29 17.54
N GLU A 6 -4.90 9.88 17.49
CA GLU A 6 -5.46 10.39 16.25
C GLU A 6 -5.64 9.28 15.22
N GLY A 7 -5.76 8.05 15.71
CA GLY A 7 -5.94 6.90 14.83
C GLY A 7 -4.93 6.88 13.68
N ARG A 8 -3.65 6.87 14.03
CA ARG A 8 -2.59 6.85 13.03
C ARG A 8 -2.42 5.46 12.44
N HIS A 9 -3.15 5.18 11.37
CA HIS A 9 -3.07 3.87 10.72
C HIS A 9 -3.55 3.94 9.27
N MET A 10 -3.86 2.79 8.69
CA MET A 10 -4.33 2.73 7.31
C MET A 10 -5.00 1.38 7.03
N ASN A 11 -6.20 1.21 7.59
CA ASN A 11 -6.97 -0.02 7.42
C ASN A 11 -6.15 -1.23 7.87
N LYS A 12 -6.60 -1.86 8.95
CA LYS A 12 -5.92 -3.02 9.51
C LYS A 12 -5.50 -4.02 8.43
N GLN A 13 -6.47 -4.56 7.72
CA GLN A 13 -6.18 -5.55 6.68
C GLN A 13 -5.81 -4.91 5.34
N ALA A 14 -5.53 -3.62 5.34
CA ALA A 14 -5.15 -2.94 4.10
C ALA A 14 -3.66 -3.12 3.86
N THR A 15 -2.87 -2.85 4.89
CA THR A 15 -1.42 -2.99 4.82
C THR A 15 -1.06 -4.42 4.44
N GLU A 16 -1.92 -5.35 4.79
CA GLU A 16 -1.68 -6.75 4.48
C GLU A 16 -2.02 -6.99 3.02
N ILE A 17 -3.00 -6.24 2.53
CA ILE A 17 -3.42 -6.31 1.15
C ILE A 17 -2.33 -5.72 0.27
N LEU A 18 -1.82 -4.59 0.72
CA LEU A 18 -0.75 -3.90 0.03
C LEU A 18 0.53 -4.70 0.12
N ASN A 19 0.86 -5.14 1.33
CA ASN A 19 2.06 -5.95 1.54
C ASN A 19 1.92 -7.26 0.80
N GLU A 20 0.92 -8.05 1.18
CA GLU A 20 0.67 -9.33 0.51
C GLU A 20 0.71 -9.13 -1.00
N TYR A 21 0.32 -7.94 -1.45
CA TYR A 21 0.34 -7.63 -2.87
C TYR A 21 1.74 -7.25 -3.32
N PHE A 22 2.16 -6.03 -3.03
CA PHE A 22 3.47 -5.52 -3.40
C PHE A 22 4.56 -6.56 -3.13
N TYR A 23 4.67 -6.99 -1.88
CA TYR A 23 5.67 -7.96 -1.48
C TYR A 23 5.64 -9.22 -2.32
N SER A 24 4.51 -9.94 -2.27
CA SER A 24 4.32 -11.18 -3.03
C SER A 24 4.93 -11.07 -4.40
N HIS A 25 4.90 -9.84 -4.91
CA HIS A 25 5.39 -9.57 -6.23
C HIS A 25 6.34 -8.37 -6.25
N LEU A 26 7.12 -8.22 -5.19
CA LEU A 26 8.08 -7.12 -5.08
C LEU A 26 9.15 -7.21 -6.16
N SER A 27 9.29 -8.40 -6.75
CA SER A 27 10.28 -8.62 -7.80
C SER A 27 9.95 -7.75 -9.03
N ASN A 28 8.67 -7.54 -9.26
CA ASN A 28 8.21 -6.73 -10.39
C ASN A 28 6.83 -6.16 -10.11
N PRO A 29 6.73 -5.23 -9.13
CA PRO A 29 5.47 -4.61 -8.75
C PRO A 29 5.06 -3.46 -9.67
N TYR A 30 5.45 -2.23 -9.32
CA TYR A 30 5.10 -1.07 -10.12
C TYR A 30 3.63 -1.09 -10.51
N PRO A 31 2.74 -1.22 -9.51
CA PRO A 31 1.29 -1.27 -9.74
C PRO A 31 0.79 -0.08 -10.56
N SER A 32 0.32 -0.36 -11.78
CA SER A 32 -0.18 0.68 -12.66
C SER A 32 -1.41 1.34 -12.05
N GLU A 33 -2.16 2.07 -12.87
CA GLU A 33 -3.36 2.75 -12.41
C GLU A 33 -4.45 1.75 -12.01
N GLU A 34 -4.42 0.59 -12.65
CA GLU A 34 -5.42 -0.45 -12.38
C GLU A 34 -5.19 -1.08 -11.01
N ALA A 35 -3.92 -1.25 -10.63
CA ALA A 35 -3.57 -1.84 -9.35
C ALA A 35 -3.92 -0.91 -8.20
N LYS A 36 -3.39 0.31 -8.25
CA LYS A 36 -3.66 1.30 -7.21
C LYS A 36 -5.16 1.46 -6.98
N GLU A 37 -5.90 1.72 -8.06
CA GLU A 37 -7.33 1.88 -7.97
C GLU A 37 -7.98 0.63 -7.39
N GLU A 38 -7.50 -0.53 -7.85
CA GLU A 38 -8.01 -1.81 -7.36
C GLU A 38 -7.94 -1.86 -5.83
N LEU A 39 -6.74 -1.67 -5.29
CA LEU A 39 -6.54 -1.68 -3.85
C LEU A 39 -7.30 -0.53 -3.21
N ALA A 40 -7.36 0.60 -3.93
CA ALA A 40 -8.05 1.78 -3.44
C ALA A 40 -9.52 1.47 -3.14
N LYS A 41 -10.19 0.80 -4.07
CA LYS A 41 -11.59 0.45 -3.90
C LYS A 41 -11.76 -0.72 -2.92
N LYS A 42 -10.73 -1.53 -2.79
CA LYS A 42 -10.76 -2.68 -1.89
C LYS A 42 -11.21 -2.27 -0.50
N CYS A 43 -10.44 -1.37 0.12
CA CYS A 43 -10.76 -0.90 1.47
C CYS A 43 -11.58 0.39 1.41
N GLY A 44 -11.43 1.13 0.31
CA GLY A 44 -12.16 2.38 0.17
C GLY A 44 -11.44 3.55 0.82
N ILE A 45 -10.14 3.63 0.60
CA ILE A 45 -9.33 4.70 1.17
C ILE A 45 -9.06 5.79 0.14
N THR A 46 -7.80 5.98 -0.18
CA THR A 46 -7.36 6.95 -1.15
C THR A 46 -6.07 6.44 -1.72
N VAL A 47 -5.97 6.46 -3.02
CA VAL A 47 -4.81 5.94 -3.66
C VAL A 47 -3.52 6.43 -3.06
N SER A 48 -3.48 7.66 -2.59
CA SER A 48 -2.24 8.13 -2.00
C SER A 48 -1.86 7.19 -0.86
N GLN A 49 -2.87 6.60 -0.21
CA GLN A 49 -2.60 5.63 0.85
C GLN A 49 -1.81 4.51 0.20
N VAL A 50 -2.23 4.17 -1.01
CA VAL A 50 -1.57 3.18 -1.84
C VAL A 50 -0.43 3.85 -2.58
N SER A 51 -0.77 4.84 -3.43
CA SER A 51 0.21 5.60 -4.18
C SER A 51 1.48 5.86 -3.37
N ASN A 52 1.29 6.32 -2.14
CA ASN A 52 2.42 6.63 -1.26
C ASN A 52 3.08 5.38 -0.68
N TRP A 53 2.26 4.45 -0.18
CA TRP A 53 2.77 3.23 0.44
C TRP A 53 3.83 2.55 -0.42
N PHE A 54 3.49 2.31 -1.68
CA PHE A 54 4.39 1.64 -2.60
C PHE A 54 5.60 2.50 -2.89
N GLY A 55 5.38 3.81 -2.98
CA GLY A 55 6.48 4.72 -3.22
C GLY A 55 7.29 5.00 -1.97
N ASN A 56 6.87 4.42 -0.84
CA ASN A 56 7.54 4.59 0.43
C ASN A 56 8.48 3.43 0.70
N LYS A 57 8.02 2.22 0.39
CA LYS A 57 8.82 1.01 0.60
C LYS A 57 9.80 0.80 -0.54
N ARG A 58 9.52 1.42 -1.68
CA ARG A 58 10.40 1.28 -2.84
C ARG A 58 11.75 1.91 -2.57
N ILE A 59 11.84 2.69 -1.50
CA ILE A 59 13.09 3.36 -1.15
C ILE A 59 14.25 2.37 -0.94
N ARG A 60 14.09 1.47 0.02
CA ARG A 60 15.09 0.48 0.32
C ARG A 60 14.54 -0.57 1.26
N TYR A 61 13.43 -1.14 0.84
CA TYR A 61 12.72 -2.18 1.58
C TYR A 61 13.57 -3.44 1.77
N LYS A 62 14.89 -3.29 1.68
CA LYS A 62 15.81 -4.41 1.83
C LYS A 62 15.70 -5.37 0.65
N LYS A 63 16.85 -5.72 0.07
CA LYS A 63 16.89 -6.62 -1.07
C LYS A 63 16.32 -5.95 -2.32
N ASN A 64 17.18 -5.65 -3.27
CA ASN A 64 16.77 -5.01 -4.50
C ASN A 64 17.70 -5.38 -5.65
N SER A 1 -17.57 10.79 13.52
CA SER A 1 -18.97 11.31 13.63
C SER A 1 -19.83 10.82 12.47
N SER A 2 -19.20 10.58 11.33
CA SER A 2 -19.92 10.09 10.15
C SER A 2 -20.28 8.62 10.30
N GLY A 3 -21.46 8.26 9.81
CA GLY A 3 -21.91 6.87 9.91
C GLY A 3 -22.37 6.51 11.30
N HIS A 4 -21.81 5.43 11.84
CA HIS A 4 -22.17 4.97 13.18
C HIS A 4 -21.13 5.41 14.20
N ILE A 5 -20.56 6.58 13.98
CA ILE A 5 -19.54 7.12 14.89
C ILE A 5 -18.36 6.16 15.01
N GLU A 6 -17.29 6.46 14.28
CA GLU A 6 -16.10 5.64 14.29
C GLU A 6 -14.88 6.48 13.92
N GLY A 7 -13.86 5.83 13.37
CA GLY A 7 -12.66 6.54 12.98
C GLY A 7 -11.54 5.59 12.61
N ARG A 8 -11.17 5.58 11.33
CA ARG A 8 -10.10 4.71 10.85
C ARG A 8 -9.52 5.23 9.55
N HIS A 9 -10.39 5.45 8.56
CA HIS A 9 -9.96 5.95 7.26
C HIS A 9 -9.17 4.89 6.50
N MET A 10 -8.00 4.55 7.04
CA MET A 10 -7.15 3.53 6.43
C MET A 10 -7.66 2.15 6.79
N ASN A 11 -6.78 1.16 6.72
CA ASN A 11 -7.18 -0.20 7.05
C ASN A 11 -5.99 -0.96 7.64
N LYS A 12 -6.10 -1.31 8.91
CA LYS A 12 -5.03 -2.03 9.61
C LYS A 12 -4.62 -3.30 8.86
N GLN A 13 -5.58 -3.97 8.26
CA GLN A 13 -5.30 -5.20 7.53
C GLN A 13 -4.85 -4.91 6.10
N ALA A 14 -5.32 -3.81 5.53
CA ALA A 14 -4.95 -3.45 4.15
C ALA A 14 -3.44 -3.55 3.96
N THR A 15 -2.69 -3.14 4.98
CA THR A 15 -1.24 -3.20 4.92
C THR A 15 -0.79 -4.61 4.54
N GLU A 16 -1.58 -5.59 4.95
CA GLU A 16 -1.31 -6.99 4.63
C GLU A 16 -1.68 -7.25 3.20
N ILE A 17 -2.74 -6.56 2.77
CA ILE A 17 -3.23 -6.66 1.41
C ILE A 17 -2.20 -6.04 0.48
N LEU A 18 -1.67 -4.91 0.92
CA LEU A 18 -0.67 -4.17 0.18
C LEU A 18 0.69 -4.84 0.31
N ASN A 19 1.00 -5.30 1.52
CA ASN A 19 2.26 -5.97 1.79
C ASN A 19 2.29 -7.29 1.06
N GLU A 20 1.19 -8.03 1.16
CA GLU A 20 1.07 -9.32 0.49
C GLU A 20 1.01 -9.09 -1.01
N TYR A 21 0.46 -7.95 -1.41
CA TYR A 21 0.36 -7.61 -2.84
C TYR A 21 1.69 -7.08 -3.35
N PHE A 22 2.42 -6.42 -2.48
CA PHE A 22 3.72 -5.85 -2.83
C PHE A 22 4.81 -6.92 -2.81
N TYR A 23 4.85 -7.69 -1.72
CA TYR A 23 5.83 -8.75 -1.58
C TYR A 23 5.62 -9.86 -2.61
N SER A 24 4.45 -10.49 -2.55
CA SER A 24 4.07 -11.55 -3.48
C SER A 24 4.57 -11.22 -4.88
N HIS A 25 4.41 -9.93 -5.19
CA HIS A 25 4.77 -9.38 -6.47
C HIS A 25 5.96 -8.43 -6.37
N LEU A 26 6.82 -8.65 -5.39
CA LEU A 26 7.98 -7.81 -5.17
C LEU A 26 9.01 -8.00 -6.28
N SER A 27 8.93 -9.13 -6.99
CA SER A 27 9.85 -9.41 -8.08
C SER A 27 9.68 -8.37 -9.19
N ASN A 28 8.50 -7.76 -9.24
CA ASN A 28 8.19 -6.75 -10.24
C ASN A 28 6.80 -6.17 -9.99
N PRO A 29 6.62 -5.49 -8.85
CA PRO A 29 5.34 -4.90 -8.48
C PRO A 29 5.00 -3.66 -9.31
N TYR A 30 5.41 -2.48 -8.84
CA TYR A 30 5.13 -1.23 -9.55
C TYR A 30 3.69 -1.18 -10.04
N PRO A 31 2.71 -1.41 -9.14
CA PRO A 31 1.29 -1.41 -9.49
C PRO A 31 0.90 -0.17 -10.29
N SER A 32 0.57 -0.39 -11.57
CA SER A 32 0.17 0.71 -12.44
C SER A 32 -1.01 1.47 -11.84
N GLU A 33 -1.52 2.43 -12.59
CA GLU A 33 -2.66 3.23 -12.12
C GLU A 33 -3.85 2.33 -11.81
N GLU A 34 -3.96 1.22 -12.53
CA GLU A 34 -5.07 0.28 -12.33
C GLU A 34 -4.93 -0.47 -11.01
N ALA A 35 -3.81 -1.19 -10.85
CA ALA A 35 -3.57 -1.97 -9.65
C ALA A 35 -3.71 -1.11 -8.39
N LYS A 36 -3.06 0.05 -8.39
CA LYS A 36 -3.12 0.95 -7.26
C LYS A 36 -4.57 1.33 -6.98
N GLU A 37 -5.23 1.91 -7.97
CA GLU A 37 -6.63 2.29 -7.83
C GLU A 37 -7.45 1.07 -7.41
N GLU A 38 -7.09 -0.09 -7.94
CA GLU A 38 -7.78 -1.33 -7.62
C GLU A 38 -7.75 -1.56 -6.12
N LEU A 39 -6.55 -1.60 -5.54
CA LEU A 39 -6.40 -1.80 -4.11
C LEU A 39 -7.05 -0.64 -3.37
N ALA A 40 -6.92 0.55 -3.94
CA ALA A 40 -7.50 1.75 -3.34
C ALA A 40 -9.00 1.57 -3.11
N LYS A 41 -9.69 1.05 -4.12
CA LYS A 41 -11.13 0.83 -4.03
C LYS A 41 -11.46 -0.35 -3.12
N LYS A 42 -10.55 -1.32 -3.05
CA LYS A 42 -10.76 -2.50 -2.21
C LYS A 42 -11.21 -2.10 -0.82
N CYS A 43 -10.40 -1.30 -0.14
CA CYS A 43 -10.72 -0.85 1.21
C CYS A 43 -11.43 0.49 1.21
N GLY A 44 -11.86 0.94 0.02
CA GLY A 44 -12.56 2.22 -0.07
C GLY A 44 -11.85 3.32 0.68
N ILE A 45 -10.55 3.44 0.47
CA ILE A 45 -9.74 4.45 1.14
C ILE A 45 -9.49 5.65 0.24
N THR A 46 -8.24 5.80 -0.16
CA THR A 46 -7.80 6.87 -1.02
C THR A 46 -6.48 6.45 -1.62
N VAL A 47 -6.38 6.59 -2.91
CA VAL A 47 -5.23 6.17 -3.61
C VAL A 47 -3.95 6.66 -2.99
N SER A 48 -3.92 7.88 -2.49
CA SER A 48 -2.70 8.37 -1.88
C SER A 48 -2.28 7.41 -0.76
N GLN A 49 -3.26 6.75 -0.16
CA GLN A 49 -2.96 5.75 0.86
C GLN A 49 -2.15 4.66 0.18
N VAL A 50 -2.59 4.33 -1.04
CA VAL A 50 -1.92 3.37 -1.88
C VAL A 50 -0.79 4.08 -2.63
N SER A 51 -1.16 5.11 -3.40
CA SER A 51 -0.20 5.90 -4.15
C SER A 51 1.10 6.12 -3.37
N ASN A 52 0.96 6.54 -2.13
CA ASN A 52 2.11 6.82 -1.27
C ASN A 52 2.76 5.55 -0.72
N TRP A 53 1.94 4.59 -0.28
CA TRP A 53 2.45 3.35 0.30
C TRP A 53 3.51 2.67 -0.57
N PHE A 54 3.14 2.40 -1.82
CA PHE A 54 4.04 1.73 -2.74
C PHE A 54 5.22 2.62 -3.12
N GLY A 55 4.92 3.84 -3.57
CA GLY A 55 5.98 4.75 -3.95
C GLY A 55 6.92 5.07 -2.80
N ASN A 56 6.46 4.82 -1.58
CA ASN A 56 7.26 5.07 -0.39
C ASN A 56 7.92 3.78 0.07
N LYS A 57 7.14 2.78 0.42
CA LYS A 57 7.71 1.51 0.89
C LYS A 57 8.79 1.01 -0.06
N ARG A 58 8.79 1.51 -1.28
CA ARG A 58 9.83 1.13 -2.23
C ARG A 58 11.16 1.73 -1.80
N ILE A 59 11.14 2.60 -0.78
CA ILE A 59 12.36 3.21 -0.29
C ILE A 59 13.35 2.15 0.17
N ARG A 60 13.07 1.57 1.33
CA ARG A 60 13.88 0.51 1.91
C ARG A 60 13.02 -0.31 2.87
N TYR A 61 12.10 -1.07 2.30
CA TYR A 61 11.19 -1.89 3.08
C TYR A 61 11.89 -3.07 3.77
N LYS A 62 13.21 -3.00 3.86
CA LYS A 62 13.98 -4.06 4.49
C LYS A 62 15.32 -3.49 4.97
N LYS A 63 16.32 -4.36 5.07
CA LYS A 63 17.65 -3.94 5.53
C LYS A 63 18.48 -3.36 4.39
N ASN A 64 17.80 -2.86 3.35
CA ASN A 64 18.49 -2.27 2.21
C ASN A 64 17.62 -1.21 1.53
N SER A 1 12.29 9.05 16.53
CA SER A 1 12.80 7.92 15.71
C SER A 1 11.72 6.87 15.51
N SER A 2 11.47 6.50 14.26
CA SER A 2 10.47 5.50 13.94
C SER A 2 9.08 5.93 14.43
N GLY A 3 8.28 6.48 13.53
CA GLY A 3 6.95 6.92 13.91
C GLY A 3 5.87 6.06 13.29
N HIS A 4 4.61 6.38 13.60
CA HIS A 4 3.48 5.64 13.06
C HIS A 4 3.53 4.17 13.49
N ILE A 5 2.72 3.81 14.47
CA ILE A 5 2.69 2.44 14.96
C ILE A 5 1.32 2.11 15.57
N GLU A 6 0.68 1.08 15.03
CA GLU A 6 -0.63 0.67 15.51
C GLU A 6 -1.64 1.80 15.42
N GLY A 7 -1.44 2.69 14.43
CA GLY A 7 -2.34 3.81 14.25
C GLY A 7 -3.71 3.38 13.75
N ARG A 8 -3.73 2.34 12.90
CA ARG A 8 -4.98 1.83 12.35
C ARG A 8 -5.60 2.84 11.39
N HIS A 9 -5.36 2.65 10.10
CA HIS A 9 -5.89 3.54 9.08
C HIS A 9 -5.96 2.85 7.72
N MET A 10 -4.85 2.26 7.31
CA MET A 10 -4.77 1.55 6.04
C MET A 10 -5.38 0.15 6.13
N ASN A 11 -6.20 -0.07 7.14
CA ASN A 11 -6.86 -1.36 7.35
C ASN A 11 -5.87 -2.51 7.34
N LYS A 12 -5.70 -3.16 8.49
CA LYS A 12 -4.78 -4.30 8.61
C LYS A 12 -4.88 -5.18 7.37
N GLN A 13 -6.11 -5.63 7.09
CA GLN A 13 -6.39 -6.46 5.93
C GLN A 13 -5.85 -5.80 4.67
N ALA A 14 -6.21 -4.53 4.48
CA ALA A 14 -5.77 -3.77 3.31
C ALA A 14 -4.25 -3.65 3.30
N THR A 15 -3.72 -2.99 4.31
CA THR A 15 -2.28 -2.80 4.47
C THR A 15 -1.54 -4.09 4.23
N GLU A 16 -2.07 -5.16 4.81
CA GLU A 16 -1.48 -6.48 4.65
C GLU A 16 -1.71 -6.95 3.23
N ILE A 17 -2.86 -6.57 2.69
CA ILE A 17 -3.21 -6.87 1.32
C ILE A 17 -2.19 -6.22 0.41
N LEU A 18 -1.78 -5.02 0.81
CA LEU A 18 -0.80 -4.25 0.09
C LEU A 18 0.58 -4.86 0.28
N ASN A 19 0.89 -5.21 1.52
CA ASN A 19 2.16 -5.82 1.85
C ASN A 19 2.30 -7.15 1.13
N GLU A 20 1.32 -8.04 1.34
CA GLU A 20 1.32 -9.33 0.69
C GLU A 20 1.27 -9.16 -0.82
N TYR A 21 0.70 -8.04 -1.26
CA TYR A 21 0.62 -7.74 -2.69
C TYR A 21 1.96 -7.21 -3.19
N PHE A 22 2.64 -6.47 -2.32
CA PHE A 22 3.94 -5.88 -2.66
C PHE A 22 5.04 -6.94 -2.62
N TYR A 23 5.13 -7.65 -1.50
CA TYR A 23 6.15 -8.68 -1.33
C TYR A 23 6.04 -9.76 -2.41
N SER A 24 4.92 -10.48 -2.40
CA SER A 24 4.64 -11.53 -3.38
C SER A 24 5.13 -11.11 -4.76
N HIS A 25 4.98 -9.82 -5.00
CA HIS A 25 5.33 -9.21 -6.25
C HIS A 25 6.52 -8.27 -6.11
N LEU A 26 7.45 -8.64 -5.24
CA LEU A 26 8.63 -7.83 -5.00
C LEU A 26 9.56 -7.85 -6.20
N SER A 27 9.54 -8.96 -6.94
CA SER A 27 10.39 -9.11 -8.12
C SER A 27 10.01 -8.08 -9.19
N ASN A 28 8.74 -7.67 -9.18
CA ASN A 28 8.25 -6.68 -10.14
C ASN A 28 6.86 -6.19 -9.76
N PRO A 29 6.76 -5.44 -8.64
CA PRO A 29 5.48 -4.91 -8.17
C PRO A 29 4.97 -3.76 -9.04
N TYR A 30 5.35 -2.53 -8.69
CA TYR A 30 4.94 -1.35 -9.45
C TYR A 30 3.47 -1.43 -9.88
N PRO A 31 2.54 -1.12 -8.97
CA PRO A 31 1.11 -1.17 -9.26
C PRO A 31 0.66 -0.03 -10.17
N SER A 32 0.30 -0.38 -11.41
CA SER A 32 -0.15 0.61 -12.38
C SER A 32 -1.36 1.36 -11.86
N GLU A 33 -1.85 2.31 -12.65
CA GLU A 33 -3.03 3.09 -12.27
C GLU A 33 -4.21 2.19 -11.98
N GLU A 34 -4.36 1.14 -12.78
CA GLU A 34 -5.47 0.19 -12.59
C GLU A 34 -5.26 -0.65 -11.34
N ALA A 35 -4.01 -0.79 -10.92
CA ALA A 35 -3.68 -1.57 -9.73
C ALA A 35 -3.96 -0.79 -8.47
N LYS A 36 -3.38 0.40 -8.38
CA LYS A 36 -3.58 1.26 -7.21
C LYS A 36 -5.06 1.55 -7.01
N GLU A 37 -5.74 1.85 -8.11
CA GLU A 37 -7.17 2.14 -8.06
C GLU A 37 -7.94 0.92 -7.56
N GLU A 38 -7.51 -0.25 -8.01
CA GLU A 38 -8.15 -1.50 -7.60
C GLU A 38 -8.05 -1.68 -6.10
N LEU A 39 -6.82 -1.62 -5.58
CA LEU A 39 -6.60 -1.76 -4.15
C LEU A 39 -7.32 -0.66 -3.38
N ALA A 40 -7.37 0.53 -3.98
CA ALA A 40 -8.02 1.67 -3.37
C ALA A 40 -9.46 1.33 -2.97
N LYS A 41 -10.13 0.58 -3.83
CA LYS A 41 -11.52 0.19 -3.57
C LYS A 41 -11.63 -0.72 -2.35
N LYS A 42 -10.84 -1.79 -2.34
CA LYS A 42 -10.84 -2.73 -1.22
C LYS A 42 -10.81 -2.00 0.12
N CYS A 43 -9.92 -1.03 0.22
CA CYS A 43 -9.77 -0.25 1.45
C CYS A 43 -10.76 0.91 1.48
N GLY A 44 -11.27 1.29 0.31
CA GLY A 44 -12.20 2.41 0.25
C GLY A 44 -11.56 3.68 0.76
N ILE A 45 -10.24 3.75 0.65
CA ILE A 45 -9.49 4.92 1.11
C ILE A 45 -9.27 5.91 -0.03
N THR A 46 -8.02 6.33 -0.20
CA THR A 46 -7.63 7.24 -1.24
C THR A 46 -6.31 6.74 -1.74
N VAL A 47 -6.19 6.66 -3.02
CA VAL A 47 -5.01 6.14 -3.62
C VAL A 47 -3.74 6.70 -3.04
N SER A 48 -3.75 7.92 -2.57
CA SER A 48 -2.54 8.46 -1.98
C SER A 48 -2.11 7.55 -0.83
N GLN A 49 -3.09 6.91 -0.18
CA GLN A 49 -2.79 5.95 0.88
C GLN A 49 -1.98 4.83 0.23
N VAL A 50 -2.40 4.49 -0.98
CA VAL A 50 -1.74 3.49 -1.81
C VAL A 50 -0.58 4.19 -2.51
N SER A 51 -0.92 5.18 -3.34
CA SER A 51 0.07 5.97 -4.07
C SER A 51 1.31 6.24 -3.21
N ASN A 52 1.09 6.65 -1.97
CA ASN A 52 2.18 6.96 -1.04
C ASN A 52 2.84 5.70 -0.49
N TRP A 53 2.03 4.67 -0.21
CA TRP A 53 2.56 3.42 0.35
C TRP A 53 3.66 2.86 -0.53
N PHE A 54 3.29 2.48 -1.75
CA PHE A 54 4.22 1.89 -2.70
C PHE A 54 5.36 2.85 -3.04
N GLY A 55 5.04 4.11 -3.25
CA GLY A 55 6.07 5.09 -3.58
C GLY A 55 7.37 4.87 -2.82
N ASN A 56 7.27 4.76 -1.51
CA ASN A 56 8.42 4.53 -0.65
C ASN A 56 8.54 3.05 -0.31
N LYS A 57 7.42 2.45 0.08
CA LYS A 57 7.41 1.04 0.45
C LYS A 57 7.83 0.17 -0.72
N ARG A 58 7.83 0.72 -1.94
CA ARG A 58 8.29 -0.03 -3.09
C ARG A 58 9.68 -0.50 -2.78
N ILE A 59 10.40 0.35 -2.06
CA ILE A 59 11.73 0.01 -1.62
C ILE A 59 11.62 -0.66 -0.25
N ARG A 60 11.84 0.13 0.81
CA ARG A 60 11.74 -0.34 2.20
C ARG A 60 12.10 -1.81 2.40
N TYR A 61 12.89 -2.36 1.50
CA TYR A 61 13.25 -3.77 1.61
C TYR A 61 14.57 -4.00 2.32
N LYS A 62 15.62 -3.93 1.56
CA LYS A 62 16.96 -4.15 2.08
C LYS A 62 17.43 -2.91 2.81
N LYS A 63 18.38 -2.22 2.21
CA LYS A 63 18.92 -1.01 2.80
C LYS A 63 18.00 0.18 2.55
N ASN A 64 16.72 -0.10 2.26
CA ASN A 64 15.75 0.95 2.00
C ASN A 64 16.18 1.83 0.82
N SER A 1 -21.69 0.89 10.21
CA SER A 1 -21.69 1.90 9.11
C SER A 1 -20.33 1.97 8.43
N SER A 2 -20.21 2.88 7.47
CA SER A 2 -18.96 3.05 6.74
C SER A 2 -18.68 4.53 6.47
N GLY A 3 -17.95 5.16 7.38
CA GLY A 3 -17.63 6.57 7.23
C GLY A 3 -17.26 7.23 8.55
N HIS A 4 -18.18 8.04 9.07
CA HIS A 4 -17.95 8.74 10.33
C HIS A 4 -16.76 9.68 10.22
N ILE A 5 -16.63 10.58 11.19
CA ILE A 5 -15.53 11.54 11.20
C ILE A 5 -14.29 10.95 11.88
N GLU A 6 -13.12 11.48 11.53
CA GLU A 6 -11.87 11.00 12.10
C GLU A 6 -11.65 9.53 11.79
N GLY A 7 -11.18 9.25 10.57
CA GLY A 7 -10.94 7.88 10.17
C GLY A 7 -9.46 7.54 10.12
N ARG A 8 -8.79 7.63 11.26
CA ARG A 8 -7.37 7.33 11.34
C ARG A 8 -7.13 5.83 11.37
N HIS A 9 -7.32 5.17 10.22
CA HIS A 9 -7.12 3.74 10.12
C HIS A 9 -6.87 3.31 8.67
N MET A 10 -5.76 2.61 8.46
CA MET A 10 -5.40 2.12 7.14
C MET A 10 -6.09 0.79 6.87
N ASN A 11 -7.38 0.75 7.17
CA ASN A 11 -8.18 -0.45 7.00
C ASN A 11 -7.58 -1.63 7.78
N LYS A 12 -8.39 -2.65 7.99
CA LYS A 12 -7.93 -3.83 8.72
C LYS A 12 -6.66 -4.41 8.10
N GLN A 13 -6.80 -5.47 7.30
CA GLN A 13 -5.65 -6.09 6.66
C GLN A 13 -5.26 -5.38 5.37
N ALA A 14 -5.71 -4.15 5.20
CA ALA A 14 -5.38 -3.38 3.99
C ALA A 14 -3.87 -3.28 3.82
N THR A 15 -3.19 -2.73 4.83
CA THR A 15 -1.75 -2.60 4.79
C THR A 15 -1.11 -3.97 4.53
N GLU A 16 -1.84 -5.01 4.92
CA GLU A 16 -1.38 -6.38 4.70
C GLU A 16 -1.66 -6.76 3.26
N ILE A 17 -2.75 -6.22 2.75
CA ILE A 17 -3.15 -6.42 1.37
C ILE A 17 -2.11 -5.78 0.47
N LEU A 18 -1.88 -4.50 0.73
CA LEU A 18 -0.89 -3.72 0.01
C LEU A 18 0.46 -4.41 0.05
N ASN A 19 0.89 -4.72 1.26
CA ASN A 19 2.16 -5.40 1.47
C ASN A 19 2.13 -6.75 0.78
N GLU A 20 1.21 -7.62 1.21
CA GLU A 20 1.06 -8.94 0.61
C GLU A 20 1.06 -8.81 -0.91
N TYR A 21 0.57 -7.68 -1.41
CA TYR A 21 0.54 -7.44 -2.85
C TYR A 21 1.93 -7.09 -3.35
N PHE A 22 2.39 -5.89 -3.03
CA PHE A 22 3.71 -5.41 -3.43
C PHE A 22 4.80 -6.46 -3.16
N TYR A 23 4.63 -7.20 -2.08
CA TYR A 23 5.59 -8.22 -1.68
C TYR A 23 5.44 -9.52 -2.47
N SER A 24 4.26 -10.15 -2.38
CA SER A 24 3.94 -11.39 -3.06
C SER A 24 4.54 -11.41 -4.44
N HIS A 25 4.52 -10.25 -5.05
CA HIS A 25 5.01 -10.07 -6.38
C HIS A 25 6.12 -9.03 -6.43
N LEU A 26 6.97 -9.08 -5.41
CA LEU A 26 8.09 -8.17 -5.28
C LEU A 26 9.05 -8.29 -6.47
N SER A 27 9.06 -9.45 -7.11
CA SER A 27 9.93 -9.69 -8.25
C SER A 27 9.75 -8.59 -9.31
N ASN A 28 8.59 -7.96 -9.30
CA ASN A 28 8.28 -6.88 -10.23
C ASN A 28 6.92 -6.28 -9.89
N PRO A 29 6.88 -5.37 -8.90
CA PRO A 29 5.64 -4.74 -8.46
C PRO A 29 5.18 -3.63 -9.42
N TYR A 30 5.76 -2.44 -9.27
CA TYR A 30 5.41 -1.30 -10.12
C TYR A 30 3.93 -1.31 -10.51
N PRO A 31 3.04 -1.46 -9.51
CA PRO A 31 1.59 -1.49 -9.74
C PRO A 31 1.09 -0.22 -10.44
N SER A 32 0.76 -0.35 -11.72
CA SER A 32 0.27 0.78 -12.50
C SER A 32 -0.92 1.44 -11.81
N GLU A 33 -1.45 2.50 -12.42
CA GLU A 33 -2.59 3.21 -11.87
C GLU A 33 -3.76 2.25 -11.61
N GLU A 34 -3.77 1.14 -12.34
CA GLU A 34 -4.84 0.14 -12.19
C GLU A 34 -4.73 -0.60 -10.86
N ALA A 35 -3.60 -1.27 -10.65
CA ALA A 35 -3.37 -2.02 -9.43
C ALA A 35 -3.58 -1.15 -8.19
N LYS A 36 -3.07 0.07 -8.24
CA LYS A 36 -3.21 1.01 -7.14
C LYS A 36 -4.68 1.36 -6.94
N GLU A 37 -5.31 1.83 -8.00
CA GLU A 37 -6.73 2.18 -7.95
C GLU A 37 -7.55 0.98 -7.50
N GLU A 38 -7.20 -0.19 -8.02
CA GLU A 38 -7.90 -1.42 -7.68
C GLU A 38 -7.90 -1.63 -6.17
N LEU A 39 -6.72 -1.74 -5.58
CA LEU A 39 -6.59 -1.93 -4.13
C LEU A 39 -7.29 -0.80 -3.39
N ALA A 40 -7.13 0.42 -3.91
CA ALA A 40 -7.75 1.59 -3.31
C ALA A 40 -9.23 1.36 -3.00
N LYS A 41 -9.95 0.80 -3.97
CA LYS A 41 -11.38 0.55 -3.80
C LYS A 41 -11.63 -0.52 -2.74
N LYS A 42 -10.85 -1.59 -2.79
CA LYS A 42 -11.00 -2.69 -1.84
C LYS A 42 -11.10 -2.17 -0.40
N CYS A 43 -10.14 -1.34 -0.02
CA CYS A 43 -10.11 -0.78 1.33
C CYS A 43 -11.01 0.44 1.44
N GLY A 44 -11.49 0.94 0.30
CA GLY A 44 -12.36 2.11 0.31
C GLY A 44 -11.70 3.30 0.99
N ILE A 45 -10.42 3.51 0.69
CA ILE A 45 -9.66 4.59 1.27
C ILE A 45 -9.45 5.73 0.27
N THR A 46 -8.20 6.00 -0.03
CA THR A 46 -7.81 7.02 -0.98
C THR A 46 -6.51 6.57 -1.57
N VAL A 47 -6.42 6.65 -2.87
CA VAL A 47 -5.26 6.19 -3.53
C VAL A 47 -3.97 6.67 -2.92
N SER A 48 -3.95 7.86 -2.38
CA SER A 48 -2.72 8.32 -1.75
C SER A 48 -2.31 7.32 -0.68
N GLN A 49 -3.29 6.66 -0.05
CA GLN A 49 -2.99 5.63 0.93
C GLN A 49 -2.19 4.56 0.21
N VAL A 50 -2.61 4.30 -1.03
CA VAL A 50 -1.94 3.37 -1.91
C VAL A 50 -0.81 4.11 -2.61
N SER A 51 -1.16 5.15 -3.37
CA SER A 51 -0.20 5.97 -4.08
C SER A 51 1.08 6.18 -3.26
N ASN A 52 0.91 6.52 -1.99
CA ASN A 52 2.06 6.76 -1.10
C ASN A 52 2.72 5.46 -0.64
N TRP A 53 1.90 4.48 -0.24
CA TRP A 53 2.43 3.21 0.25
C TRP A 53 3.47 2.62 -0.67
N PHE A 54 3.12 2.46 -1.94
CA PHE A 54 4.02 1.89 -2.93
C PHE A 54 5.18 2.84 -3.21
N GLY A 55 4.90 4.12 -3.12
CA GLY A 55 5.94 5.11 -3.35
C GLY A 55 6.85 5.25 -2.13
N ASN A 56 6.48 4.56 -1.06
CA ASN A 56 7.24 4.58 0.18
C ASN A 56 8.14 3.35 0.24
N LYS A 57 7.54 2.16 0.10
CA LYS A 57 8.30 0.92 0.12
C LYS A 57 9.44 0.95 -0.88
N ARG A 58 9.35 1.84 -1.86
CA ARG A 58 10.40 1.99 -2.83
C ARG A 58 11.62 2.63 -2.15
N ILE A 59 11.45 2.95 -0.86
CA ILE A 59 12.52 3.54 -0.06
C ILE A 59 13.58 2.52 0.28
N ARG A 60 13.30 1.27 -0.11
CA ARG A 60 14.15 0.14 0.15
C ARG A 60 13.83 -0.45 1.51
N TYR A 61 12.78 -1.28 1.48
CA TYR A 61 12.26 -1.97 2.65
C TYR A 61 13.29 -2.93 3.28
N LYS A 62 14.56 -2.73 2.95
CA LYS A 62 15.64 -3.57 3.49
C LYS A 62 15.58 -4.98 2.90
N LYS A 63 15.18 -5.06 1.63
CA LYS A 63 15.10 -6.35 0.93
C LYS A 63 14.45 -7.42 1.82
N ASN A 64 13.13 -7.53 1.72
CA ASN A 64 12.40 -8.51 2.51
C ASN A 64 12.61 -8.29 4.01
N SER A 1 5.60 15.01 15.50
CA SER A 1 6.60 14.01 15.03
C SER A 1 6.63 13.94 13.50
N SER A 2 7.70 14.49 12.91
CA SER A 2 7.85 14.49 11.47
C SER A 2 6.73 15.28 10.79
N GLY A 3 7.10 16.32 10.06
CA GLY A 3 6.11 17.14 9.38
C GLY A 3 5.12 17.77 10.35
N HIS A 4 3.89 17.96 9.87
CA HIS A 4 2.84 18.56 10.71
C HIS A 4 1.94 17.49 11.30
N ILE A 5 2.47 16.27 11.43
CA ILE A 5 1.73 15.14 11.99
C ILE A 5 0.36 14.97 11.29
N GLU A 6 -0.25 13.81 11.50
CA GLU A 6 -1.54 13.51 10.91
C GLU A 6 -2.33 12.56 11.82
N GLY A 7 -3.12 11.68 11.23
CA GLY A 7 -3.90 10.74 12.02
C GLY A 7 -3.53 9.31 11.74
N ARG A 8 -4.54 8.45 11.66
CA ARG A 8 -4.33 7.02 11.40
C ARG A 8 -5.56 6.40 10.77
N HIS A 9 -5.48 6.13 9.46
CA HIS A 9 -6.58 5.52 8.74
C HIS A 9 -6.09 4.84 7.47
N MET A 10 -6.19 3.51 7.44
CA MET A 10 -5.76 2.73 6.29
C MET A 10 -6.32 1.31 6.35
N ASN A 11 -7.61 1.21 6.69
CA ASN A 11 -8.28 -0.07 6.78
C ASN A 11 -7.56 -1.01 7.75
N LYS A 12 -8.24 -2.05 8.18
CA LYS A 12 -7.66 -3.02 9.11
C LYS A 12 -6.53 -3.81 8.46
N GLN A 13 -6.88 -4.87 7.74
CA GLN A 13 -5.89 -5.71 7.07
C GLN A 13 -5.47 -5.16 5.72
N ALA A 14 -5.81 -3.90 5.44
CA ALA A 14 -5.46 -3.28 4.17
C ALA A 14 -3.94 -3.29 3.99
N THR A 15 -3.22 -2.78 4.98
CA THR A 15 -1.77 -2.75 4.92
C THR A 15 -1.23 -4.15 4.69
N GLU A 16 -2.02 -5.15 5.09
CA GLU A 16 -1.64 -6.55 4.90
C GLU A 16 -1.96 -6.93 3.47
N ILE A 17 -3.02 -6.31 2.95
CA ILE A 17 -3.44 -6.53 1.58
C ILE A 17 -2.37 -5.96 0.66
N LEU A 18 -1.87 -4.80 1.05
CA LEU A 18 -0.82 -4.11 0.32
C LEU A 18 0.50 -4.83 0.50
N ASN A 19 0.71 -5.36 1.71
CA ASN A 19 1.93 -6.08 2.02
C ASN A 19 1.94 -7.40 1.27
N GLU A 20 0.81 -8.09 1.33
CA GLU A 20 0.65 -9.36 0.63
C GLU A 20 0.62 -9.09 -0.87
N TYR A 21 0.13 -7.92 -1.26
CA TYR A 21 0.06 -7.56 -2.67
C TYR A 21 1.41 -7.09 -3.17
N PHE A 22 2.15 -6.39 -2.31
CA PHE A 22 3.46 -5.86 -2.66
C PHE A 22 4.49 -6.97 -2.71
N TYR A 23 4.69 -7.63 -1.57
CA TYR A 23 5.64 -8.72 -1.47
C TYR A 23 5.43 -9.75 -2.57
N SER A 24 4.26 -10.38 -2.57
CA SER A 24 3.89 -11.36 -3.59
C SER A 24 4.40 -10.92 -4.94
N HIS A 25 4.31 -9.62 -5.15
CA HIS A 25 4.70 -8.97 -6.37
C HIS A 25 5.96 -8.13 -6.18
N LEU A 26 6.86 -8.61 -5.33
CA LEU A 26 8.10 -7.91 -5.04
C LEU A 26 9.01 -7.89 -6.27
N SER A 27 8.76 -8.78 -7.22
CA SER A 27 9.54 -8.85 -8.44
C SER A 27 9.11 -7.75 -9.41
N ASN A 28 7.83 -7.41 -9.35
CA ASN A 28 7.26 -6.37 -10.20
C ASN A 28 6.15 -5.64 -9.44
N PRO A 29 6.48 -5.02 -8.30
CA PRO A 29 5.52 -4.30 -7.46
C PRO A 29 5.29 -2.87 -7.92
N TYR A 30 5.06 -2.68 -9.22
CA TYR A 30 4.82 -1.36 -9.77
C TYR A 30 3.35 -1.18 -10.12
N PRO A 31 2.49 -0.98 -9.10
CA PRO A 31 1.04 -0.80 -9.30
C PRO A 31 0.72 0.43 -10.14
N SER A 32 0.38 0.20 -11.40
CA SER A 32 0.04 1.31 -12.30
C SER A 32 -1.35 1.85 -11.97
N GLU A 33 -1.92 2.60 -12.91
CA GLU A 33 -3.25 3.17 -12.71
C GLU A 33 -4.28 2.08 -12.44
N GLU A 34 -4.10 0.94 -13.11
CA GLU A 34 -5.02 -0.19 -12.95
C GLU A 34 -4.86 -0.84 -11.58
N ALA A 35 -3.64 -0.82 -11.06
CA ALA A 35 -3.36 -1.41 -9.75
C ALA A 35 -3.79 -0.48 -8.62
N LYS A 36 -3.31 0.74 -8.65
CA LYS A 36 -3.64 1.72 -7.62
C LYS A 36 -5.16 1.79 -7.42
N GLU A 37 -5.89 1.79 -8.53
CA GLU A 37 -7.35 1.84 -8.47
C GLU A 37 -7.87 0.57 -7.81
N GLU A 38 -7.24 -0.57 -8.11
CA GLU A 38 -7.64 -1.84 -7.54
C GLU A 38 -7.46 -1.82 -6.03
N LEU A 39 -6.25 -1.52 -5.58
CA LEU A 39 -5.96 -1.46 -4.16
C LEU A 39 -6.89 -0.47 -3.46
N ALA A 40 -7.19 0.62 -4.15
CA ALA A 40 -8.08 1.65 -3.61
C ALA A 40 -9.41 1.05 -3.18
N LYS A 41 -10.04 0.30 -4.08
CA LYS A 41 -11.33 -0.34 -3.79
C LYS A 41 -11.16 -1.38 -2.69
N LYS A 42 -10.13 -2.21 -2.81
CA LYS A 42 -9.87 -3.26 -1.84
C LYS A 42 -9.97 -2.73 -0.41
N CYS A 43 -9.25 -1.65 -0.12
CA CYS A 43 -9.26 -1.06 1.20
C CYS A 43 -10.30 0.06 1.31
N GLY A 44 -10.87 0.46 0.18
CA GLY A 44 -11.87 1.50 0.17
C GLY A 44 -11.33 2.80 0.75
N ILE A 45 -10.09 3.13 0.40
CA ILE A 45 -9.44 4.34 0.87
C ILE A 45 -9.22 5.34 -0.27
N THR A 46 -8.00 5.78 -0.43
CA THR A 46 -7.60 6.69 -1.46
C THR A 46 -6.21 6.30 -1.88
N VAL A 47 -6.03 6.18 -3.16
CA VAL A 47 -4.78 5.75 -3.68
C VAL A 47 -3.59 6.48 -3.13
N SER A 48 -3.74 7.73 -2.78
CA SER A 48 -2.59 8.43 -2.22
C SER A 48 -2.09 7.67 -1.00
N GLN A 49 -3.00 6.95 -0.34
CA GLN A 49 -2.63 6.11 0.78
C GLN A 49 -1.75 4.99 0.22
N VAL A 50 -2.17 4.52 -0.95
CA VAL A 50 -1.45 3.50 -1.69
C VAL A 50 -0.31 4.18 -2.45
N SER A 51 -0.67 5.16 -3.27
CA SER A 51 0.29 5.93 -4.06
C SER A 51 1.59 6.18 -3.27
N ASN A 52 1.43 6.62 -2.03
CA ASN A 52 2.57 6.90 -1.17
C ASN A 52 3.20 5.61 -0.62
N TRP A 53 2.35 4.65 -0.24
CA TRP A 53 2.81 3.39 0.32
C TRP A 53 3.83 2.71 -0.59
N PHE A 54 3.41 2.42 -1.81
CA PHE A 54 4.28 1.75 -2.77
C PHE A 54 5.35 2.70 -3.28
N GLY A 55 5.11 3.99 -3.16
CA GLY A 55 6.09 4.95 -3.61
C GLY A 55 7.41 4.80 -2.88
N ASN A 56 7.35 4.82 -1.55
CA ASN A 56 8.54 4.69 -0.72
C ASN A 56 8.75 3.26 -0.22
N LYS A 57 7.70 2.68 0.35
CA LYS A 57 7.75 1.32 0.91
C LYS A 57 8.18 0.28 -0.13
N ARG A 58 8.11 0.62 -1.42
CA ARG A 58 8.48 -0.31 -2.46
C ARG A 58 9.99 -0.31 -2.67
N ILE A 59 10.60 0.86 -2.51
CA ILE A 59 12.03 1.00 -2.67
C ILE A 59 12.77 0.75 -1.37
N ARG A 60 12.01 0.67 -0.29
CA ARG A 60 12.57 0.41 1.03
C ARG A 60 12.96 -1.05 1.14
N TYR A 61 13.18 -1.68 -0.02
CA TYR A 61 13.52 -3.05 -0.06
C TYR A 61 15.00 -3.29 -0.13
N LYS A 62 15.62 -2.84 0.92
CA LYS A 62 17.06 -2.96 1.13
C LYS A 62 17.79 -1.72 0.64
N LYS A 63 17.12 -0.99 -0.22
CA LYS A 63 17.66 0.24 -0.76
C LYS A 63 17.33 1.41 0.16
N ASN A 64 16.70 1.09 1.29
CA ASN A 64 16.32 2.08 2.28
C ASN A 64 15.61 3.27 1.63
N SER A 1 -8.61 26.24 11.98
CA SER A 1 -9.23 26.60 13.28
C SER A 1 -10.21 25.53 13.75
N SER A 2 -9.90 24.27 13.42
CA SER A 2 -10.75 23.15 13.81
C SER A 2 -9.91 22.00 14.33
N GLY A 3 -10.23 21.54 15.54
CA GLY A 3 -9.50 20.44 16.14
C GLY A 3 -10.21 19.12 15.97
N HIS A 4 -10.74 18.87 14.77
CA HIS A 4 -11.46 17.63 14.49
C HIS A 4 -11.28 17.23 13.03
N ILE A 5 -10.36 16.29 12.79
CA ILE A 5 -10.09 15.81 11.44
C ILE A 5 -9.53 14.39 11.47
N GLU A 6 -10.42 13.41 11.43
CA GLU A 6 -10.01 12.01 11.46
C GLU A 6 -9.67 11.52 10.05
N GLY A 7 -8.54 11.97 9.53
CA GLY A 7 -8.12 11.57 8.20
C GLY A 7 -6.78 10.84 8.19
N ARG A 8 -6.10 10.85 9.33
CA ARG A 8 -4.81 10.19 9.45
C ARG A 8 -4.98 8.69 9.61
N HIS A 9 -3.88 7.99 9.90
CA HIS A 9 -3.91 6.54 10.08
C HIS A 9 -4.23 5.84 8.76
N MET A 10 -3.47 4.80 8.45
CA MET A 10 -3.69 4.03 7.25
C MET A 10 -4.78 3.00 7.50
N ASN A 11 -4.84 1.97 6.67
CA ASN A 11 -5.85 0.95 6.87
C ASN A 11 -5.26 -0.27 7.56
N LYS A 12 -6.09 -0.98 8.30
CA LYS A 12 -5.66 -2.17 9.03
C LYS A 12 -5.29 -3.30 8.08
N GLN A 13 -6.29 -4.03 7.59
CA GLN A 13 -6.06 -5.16 6.69
C GLN A 13 -5.50 -4.71 5.34
N ALA A 14 -5.84 -3.51 4.91
CA ALA A 14 -5.34 -3.02 3.63
C ALA A 14 -3.81 -3.16 3.57
N THR A 15 -3.15 -2.72 4.63
CA THR A 15 -1.69 -2.82 4.71
C THR A 15 -1.26 -4.27 4.50
N GLU A 16 -2.13 -5.20 4.87
CA GLU A 16 -1.86 -6.61 4.70
C GLU A 16 -2.15 -6.99 3.26
N ILE A 17 -3.12 -6.29 2.69
CA ILE A 17 -3.50 -6.49 1.31
C ILE A 17 -2.38 -5.98 0.41
N LEU A 18 -1.91 -4.80 0.76
CA LEU A 18 -0.82 -4.14 0.04
C LEU A 18 0.45 -4.95 0.19
N ASN A 19 0.71 -5.42 1.40
CA ASN A 19 1.89 -6.22 1.70
C ASN A 19 1.81 -7.54 0.95
N GLU A 20 0.69 -8.24 1.13
CA GLU A 20 0.48 -9.50 0.45
C GLU A 20 0.43 -9.29 -1.05
N TYR A 21 0.00 -8.10 -1.47
CA TYR A 21 -0.07 -7.79 -2.89
C TYR A 21 1.30 -7.40 -3.42
N PHE A 22 2.01 -6.64 -2.63
CA PHE A 22 3.33 -6.16 -3.01
C PHE A 22 4.38 -7.24 -2.85
N TYR A 23 4.53 -7.75 -1.62
CA TYR A 23 5.51 -8.78 -1.35
C TYR A 23 5.39 -9.92 -2.36
N SER A 24 4.24 -10.59 -2.36
CA SER A 24 3.95 -11.67 -3.30
C SER A 24 4.51 -11.33 -4.66
N HIS A 25 4.43 -10.05 -4.97
CA HIS A 25 4.85 -9.50 -6.24
C HIS A 25 6.06 -8.59 -6.10
N LEU A 26 6.94 -8.92 -5.17
CA LEU A 26 8.14 -8.13 -4.92
C LEU A 26 9.15 -8.23 -6.07
N SER A 27 8.87 -9.08 -7.05
CA SER A 27 9.77 -9.25 -8.19
C SER A 27 10.09 -7.91 -8.85
N ASN A 28 9.10 -7.03 -8.89
CA ASN A 28 9.28 -5.70 -9.48
C ASN A 28 8.01 -4.87 -9.31
N PRO A 29 7.86 -4.21 -8.14
CA PRO A 29 6.70 -3.37 -7.81
C PRO A 29 6.10 -2.66 -9.02
N TYR A 30 4.81 -2.89 -9.26
CA TYR A 30 4.12 -2.29 -10.38
C TYR A 30 2.83 -1.61 -9.92
N PRO A 31 2.94 -0.60 -9.05
CA PRO A 31 1.77 0.13 -8.55
C PRO A 31 1.19 1.08 -9.58
N SER A 32 0.80 0.55 -10.73
CA SER A 32 0.24 1.35 -11.80
C SER A 32 -1.10 1.95 -11.37
N GLU A 33 -1.83 2.49 -12.35
CA GLU A 33 -3.13 3.10 -12.08
C GLU A 33 -4.18 2.04 -11.79
N GLU A 34 -4.15 0.96 -12.56
CA GLU A 34 -5.12 -0.13 -12.38
C GLU A 34 -4.84 -0.92 -11.10
N ALA A 35 -3.60 -0.88 -10.63
CA ALA A 35 -3.22 -1.59 -9.42
C ALA A 35 -3.59 -0.78 -8.18
N LYS A 36 -3.22 0.49 -8.18
CA LYS A 36 -3.51 1.38 -7.06
C LYS A 36 -5.01 1.56 -6.90
N GLU A 37 -5.70 1.79 -8.01
CA GLU A 37 -7.15 1.97 -7.99
C GLU A 37 -7.83 0.71 -7.47
N GLU A 38 -7.38 -0.45 -7.98
CA GLU A 38 -7.95 -1.72 -7.58
C GLU A 38 -7.92 -1.86 -6.05
N LEU A 39 -6.73 -1.75 -5.48
CA LEU A 39 -6.58 -1.85 -4.02
C LEU A 39 -7.36 -0.75 -3.34
N ALA A 40 -7.36 0.43 -3.95
CA ALA A 40 -8.08 1.57 -3.41
C ALA A 40 -9.51 1.22 -3.04
N LYS A 41 -10.20 0.51 -3.94
CA LYS A 41 -11.57 0.11 -3.71
C LYS A 41 -11.65 -1.01 -2.69
N LYS A 42 -10.70 -1.94 -2.77
CA LYS A 42 -10.66 -3.08 -1.84
C LYS A 42 -10.79 -2.62 -0.39
N CYS A 43 -9.98 -1.63 -0.02
CA CYS A 43 -10.01 -1.10 1.34
C CYS A 43 -10.94 0.11 1.43
N GLY A 44 -11.14 0.79 0.31
CA GLY A 44 -12.01 1.95 0.29
C GLY A 44 -11.38 3.16 0.95
N ILE A 45 -10.08 3.34 0.71
CA ILE A 45 -9.35 4.47 1.28
C ILE A 45 -9.18 5.58 0.24
N THR A 46 -7.94 5.90 -0.06
CA THR A 46 -7.58 6.90 -1.04
C THR A 46 -6.28 6.45 -1.62
N VAL A 47 -6.21 6.48 -2.93
CA VAL A 47 -5.05 6.03 -3.61
C VAL A 47 -3.77 6.58 -3.03
N SER A 48 -3.77 7.79 -2.56
CA SER A 48 -2.54 8.32 -1.98
C SER A 48 -2.07 7.39 -0.87
N GLN A 49 -3.03 6.74 -0.19
CA GLN A 49 -2.68 5.76 0.83
C GLN A 49 -1.86 4.68 0.15
N VAL A 50 -2.29 4.34 -1.07
CA VAL A 50 -1.62 3.38 -1.91
C VAL A 50 -0.53 4.12 -2.68
N SER A 51 -0.94 5.11 -3.48
CA SER A 51 -0.03 5.93 -4.27
C SER A 51 1.27 6.22 -3.51
N ASN A 52 1.14 6.65 -2.27
CA ASN A 52 2.29 6.97 -1.43
C ASN A 52 2.99 5.73 -0.89
N TRP A 53 2.21 4.69 -0.60
CA TRP A 53 2.77 3.44 -0.06
C TRP A 53 3.81 2.83 -0.98
N PHE A 54 3.38 2.45 -2.17
CA PHE A 54 4.27 1.83 -3.15
C PHE A 54 5.34 2.80 -3.60
N GLY A 55 5.05 4.08 -3.54
CA GLY A 55 6.02 5.08 -3.95
C GLY A 55 7.35 4.93 -3.25
N ASN A 56 7.30 4.87 -1.91
CA ASN A 56 8.50 4.72 -1.10
C ASN A 56 8.73 3.26 -0.72
N LYS A 57 7.66 2.59 -0.29
CA LYS A 57 7.74 1.20 0.11
C LYS A 57 8.30 0.33 -1.00
N ARG A 58 8.27 0.84 -2.23
CA ARG A 58 8.80 0.12 -3.37
C ARG A 58 10.30 0.03 -3.23
N ILE A 59 10.92 1.14 -2.86
CA ILE A 59 12.34 1.18 -2.69
C ILE A 59 12.75 0.81 -1.27
N ARG A 60 11.79 0.80 -0.37
CA ARG A 60 12.03 0.44 1.02
C ARG A 60 12.20 -1.06 1.13
N TYR A 61 12.51 -1.70 0.02
CA TYR A 61 12.65 -3.11 -0.03
C TYR A 61 14.07 -3.59 0.11
N LYS A 62 14.66 -3.20 1.21
CA LYS A 62 16.01 -3.59 1.57
C LYS A 62 17.04 -2.70 0.90
N LYS A 63 16.64 -1.49 0.54
CA LYS A 63 17.54 -0.55 -0.12
C LYS A 63 18.28 -1.21 -1.28
N ASN A 64 17.58 -2.08 -2.00
CA ASN A 64 18.16 -2.79 -3.12
C ASN A 64 19.35 -3.64 -2.69
N SER A 1 -16.06 13.45 12.77
CA SER A 1 -15.86 14.48 11.71
C SER A 1 -14.49 14.34 11.06
N SER A 2 -13.99 13.11 10.97
CA SER A 2 -12.70 12.84 10.36
C SER A 2 -11.58 13.56 11.13
N GLY A 3 -11.20 12.99 12.26
CA GLY A 3 -10.14 13.59 13.07
C GLY A 3 -10.13 13.07 14.49
N HIS A 4 -10.25 11.76 14.64
CA HIS A 4 -10.26 11.14 15.95
C HIS A 4 -8.84 10.82 16.42
N ILE A 5 -8.70 10.52 17.70
CA ILE A 5 -7.39 10.20 18.27
C ILE A 5 -7.08 8.71 18.10
N GLU A 6 -6.11 8.41 17.23
CA GLU A 6 -5.71 7.03 16.98
C GLU A 6 -6.90 6.21 16.47
N GLY A 7 -7.74 6.84 15.65
CA GLY A 7 -8.90 6.17 15.11
C GLY A 7 -8.53 5.15 14.05
N ARG A 8 -9.23 5.21 12.91
CA ARG A 8 -8.98 4.28 11.82
C ARG A 8 -7.72 4.68 11.03
N HIS A 9 -6.58 4.58 11.68
CA HIS A 9 -5.30 4.93 11.05
C HIS A 9 -4.79 3.78 10.19
N MET A 10 -5.09 3.85 8.89
CA MET A 10 -4.68 2.82 7.94
C MET A 10 -5.70 1.69 7.94
N ASN A 11 -5.66 0.86 6.92
CA ASN A 11 -6.62 -0.24 6.81
C ASN A 11 -6.11 -1.48 7.55
N LYS A 12 -7.03 -2.26 8.09
CA LYS A 12 -6.69 -3.46 8.83
C LYS A 12 -6.08 -4.53 7.91
N GLN A 13 -6.92 -5.19 7.13
CA GLN A 13 -6.46 -6.24 6.23
C GLN A 13 -5.87 -5.67 4.94
N ALA A 14 -6.43 -4.57 4.45
CA ALA A 14 -5.93 -3.96 3.22
C ALA A 14 -4.42 -3.76 3.30
N THR A 15 -3.95 -3.35 4.47
CA THR A 15 -2.52 -3.16 4.70
C THR A 15 -1.80 -4.48 4.53
N GLU A 16 -2.50 -5.55 4.88
CA GLU A 16 -1.96 -6.90 4.76
C GLU A 16 -2.09 -7.35 3.32
N ILE A 17 -3.00 -6.70 2.61
CA ILE A 17 -3.25 -6.97 1.22
C ILE A 17 -2.19 -6.26 0.39
N LEU A 18 -1.89 -5.04 0.81
CA LEU A 18 -0.89 -4.21 0.17
C LEU A 18 0.49 -4.81 0.40
N ASN A 19 0.71 -5.29 1.60
CA ASN A 19 1.98 -5.92 1.98
C ASN A 19 2.14 -7.22 1.20
N GLU A 20 1.07 -8.01 1.20
CA GLU A 20 1.07 -9.27 0.49
C GLU A 20 1.07 -9.00 -1.02
N TYR A 21 0.52 -7.86 -1.41
CA TYR A 21 0.47 -7.48 -2.81
C TYR A 21 1.81 -6.91 -3.26
N PHE A 22 2.48 -6.24 -2.33
CA PHE A 22 3.78 -5.63 -2.60
C PHE A 22 4.88 -6.68 -2.62
N TYR A 23 4.90 -7.55 -1.61
CA TYR A 23 5.91 -8.58 -1.52
C TYR A 23 5.79 -9.58 -2.68
N SER A 24 4.67 -10.28 -2.73
CA SER A 24 4.39 -11.26 -3.78
C SER A 24 4.89 -10.73 -5.11
N HIS A 25 4.72 -9.42 -5.26
CA HIS A 25 5.09 -8.72 -6.45
C HIS A 25 6.27 -7.78 -6.20
N LEU A 26 7.19 -8.23 -5.37
CA LEU A 26 8.37 -7.45 -5.02
C LEU A 26 9.30 -7.29 -6.22
N SER A 27 9.16 -8.18 -7.19
CA SER A 27 9.99 -8.13 -8.40
C SER A 27 9.54 -6.97 -9.29
N ASN A 28 8.25 -6.66 -9.22
CA ASN A 28 7.67 -5.58 -10.00
C ASN A 28 6.50 -4.95 -9.25
N PRO A 29 6.80 -4.31 -8.10
CA PRO A 29 5.77 -3.67 -7.26
C PRO A 29 5.32 -2.31 -7.81
N TYR A 30 4.93 -2.29 -9.07
CA TYR A 30 4.49 -1.05 -9.70
C TYR A 30 3.10 -1.22 -10.28
N PRO A 31 2.06 -1.23 -9.43
CA PRO A 31 0.67 -1.39 -9.85
C PRO A 31 0.24 -0.33 -10.85
N SER A 32 -0.30 -0.77 -11.98
CA SER A 32 -0.76 0.14 -13.02
C SER A 32 -2.06 0.82 -12.61
N GLU A 33 -2.66 1.55 -13.55
CA GLU A 33 -3.90 2.25 -13.28
C GLU A 33 -5.00 1.28 -12.83
N GLU A 34 -4.89 0.03 -13.28
CA GLU A 34 -5.87 -0.99 -12.91
C GLU A 34 -5.73 -1.39 -11.46
N ALA A 35 -4.56 -1.89 -11.08
CA ALA A 35 -4.31 -2.32 -9.70
C ALA A 35 -4.52 -1.16 -8.73
N LYS A 36 -3.90 -0.03 -9.04
CA LYS A 36 -4.01 1.17 -8.22
C LYS A 36 -5.47 1.47 -7.89
N GLU A 37 -6.28 1.65 -8.93
CA GLU A 37 -7.70 1.93 -8.73
C GLU A 37 -8.34 0.79 -7.92
N GLU A 38 -7.80 -0.42 -8.08
CA GLU A 38 -8.32 -1.57 -7.36
C GLU A 38 -7.96 -1.51 -5.88
N LEU A 39 -6.67 -1.41 -5.57
CA LEU A 39 -6.22 -1.33 -4.19
C LEU A 39 -7.03 -0.30 -3.42
N ALA A 40 -7.25 0.85 -4.05
CA ALA A 40 -8.03 1.91 -3.42
C ALA A 40 -9.32 1.37 -2.85
N LYS A 41 -10.14 0.75 -3.72
CA LYS A 41 -11.42 0.18 -3.30
C LYS A 41 -11.26 -0.71 -2.07
N LYS A 42 -10.29 -1.62 -2.12
CA LYS A 42 -10.03 -2.54 -1.03
C LYS A 42 -10.01 -1.83 0.32
N CYS A 43 -9.26 -0.74 0.41
CA CYS A 43 -9.16 0.02 1.65
C CYS A 43 -10.18 1.16 1.69
N GLY A 44 -10.86 1.39 0.58
CA GLY A 44 -11.83 2.48 0.51
C GLY A 44 -11.20 3.81 0.86
N ILE A 45 -9.88 3.88 0.72
CA ILE A 45 -9.13 5.09 1.02
C ILE A 45 -8.87 5.93 -0.24
N THR A 46 -7.63 6.33 -0.43
CA THR A 46 -7.22 7.09 -1.57
C THR A 46 -5.91 6.50 -2.01
N VAL A 47 -5.82 6.23 -3.28
CA VAL A 47 -4.67 5.60 -3.81
C VAL A 47 -3.37 6.21 -3.38
N SER A 48 -3.34 7.50 -3.12
CA SER A 48 -2.10 8.08 -2.65
C SER A 48 -1.68 7.34 -1.39
N GLN A 49 -2.67 6.83 -0.66
CA GLN A 49 -2.41 6.03 0.53
C GLN A 49 -1.65 4.80 0.06
N VAL A 50 -2.09 4.28 -1.09
CA VAL A 50 -1.47 3.16 -1.74
C VAL A 50 -0.28 3.68 -2.56
N SER A 51 -0.58 4.57 -3.51
CA SER A 51 0.43 5.18 -4.35
C SER A 51 1.71 5.46 -3.56
N ASN A 52 1.55 6.07 -2.39
CA ASN A 52 2.69 6.39 -1.54
C ASN A 52 3.23 5.16 -0.81
N TRP A 53 2.33 4.37 -0.23
CA TRP A 53 2.71 3.17 0.52
C TRP A 53 3.77 2.36 -0.20
N PHE A 54 3.60 2.18 -1.50
CA PHE A 54 4.53 1.39 -2.28
C PHE A 54 5.84 2.13 -2.50
N GLY A 55 5.72 3.39 -2.92
CA GLY A 55 6.91 4.20 -3.17
C GLY A 55 7.60 4.63 -1.89
N ASN A 56 7.00 4.30 -0.74
CA ASN A 56 7.57 4.66 0.55
C ASN A 56 8.38 3.50 1.13
N LYS A 57 7.84 2.29 1.02
CA LYS A 57 8.50 1.10 1.54
C LYS A 57 9.55 0.56 0.57
N ARG A 58 9.40 0.87 -0.71
CA ARG A 58 10.35 0.41 -1.72
C ARG A 58 11.75 0.96 -1.45
N ILE A 59 11.82 1.96 -0.56
CA ILE A 59 13.08 2.59 -0.23
C ILE A 59 14.12 1.58 0.32
N ARG A 60 13.79 0.97 1.44
CA ARG A 60 14.64 -0.02 2.08
C ARG A 60 13.81 -0.78 3.10
N TYR A 61 12.83 -1.50 2.60
CA TYR A 61 11.92 -2.26 3.45
C TYR A 61 12.63 -3.40 4.22
N LYS A 62 13.95 -3.32 4.32
CA LYS A 62 14.73 -4.32 5.04
C LYS A 62 14.43 -5.73 4.57
N LYS A 63 14.20 -5.89 3.27
CA LYS A 63 13.90 -7.20 2.69
C LYS A 63 12.99 -8.02 3.59
N ASN A 64 11.68 -7.79 3.50
CA ASN A 64 10.70 -8.50 4.30
C ASN A 64 11.10 -8.53 5.78
N SER A 1 -12.43 12.36 8.08
CA SER A 1 -13.14 11.23 7.44
C SER A 1 -13.21 10.02 8.36
N SER A 2 -12.22 9.90 9.24
CA SER A 2 -12.17 8.79 10.20
C SER A 2 -11.02 8.97 11.18
N GLY A 3 -11.26 8.58 12.42
CA GLY A 3 -10.23 8.71 13.45
C GLY A 3 -9.21 7.57 13.38
N HIS A 4 -8.50 7.36 14.47
CA HIS A 4 -7.49 6.31 14.54
C HIS A 4 -7.89 5.22 15.53
N ILE A 5 -9.20 5.05 15.71
CA ILE A 5 -9.72 4.04 16.63
C ILE A 5 -9.84 2.68 15.93
N GLU A 6 -8.98 1.75 16.33
CA GLU A 6 -9.00 0.41 15.74
C GLU A 6 -8.75 0.48 14.23
N GLY A 7 -7.54 0.90 13.87
CA GLY A 7 -7.19 1.00 12.47
C GLY A 7 -6.41 2.26 12.15
N ARG A 8 -5.39 2.13 11.30
CA ARG A 8 -4.56 3.27 10.94
C ARG A 8 -5.28 4.17 9.92
N HIS A 9 -5.04 3.91 8.63
CA HIS A 9 -5.67 4.69 7.57
C HIS A 9 -5.65 3.94 6.24
N MET A 10 -5.61 2.61 6.32
CA MET A 10 -5.57 1.78 5.12
C MET A 10 -6.01 0.34 5.44
N ASN A 11 -6.85 0.21 6.47
CA ASN A 11 -7.35 -1.10 6.90
C ASN A 11 -6.22 -2.12 7.04
N LYS A 12 -6.00 -2.60 8.26
CA LYS A 12 -4.96 -3.58 8.51
C LYS A 12 -5.04 -4.72 7.50
N GLN A 13 -6.27 -5.04 7.08
CA GLN A 13 -6.49 -6.09 6.10
C GLN A 13 -5.99 -5.64 4.73
N ALA A 14 -6.19 -4.36 4.44
CA ALA A 14 -5.73 -3.78 3.18
C ALA A 14 -4.21 -3.67 3.21
N THR A 15 -3.70 -3.28 4.36
CA THR A 15 -2.26 -3.13 4.57
C THR A 15 -1.55 -4.45 4.30
N GLU A 16 -2.18 -5.53 4.73
CA GLU A 16 -1.63 -6.87 4.53
C GLU A 16 -1.86 -7.30 3.10
N ILE A 17 -2.85 -6.67 2.47
CA ILE A 17 -3.18 -6.93 1.08
C ILE A 17 -2.15 -6.21 0.22
N LEU A 18 -1.82 -5.00 0.64
CA LEU A 18 -0.84 -4.17 -0.03
C LEU A 18 0.53 -4.76 0.14
N ASN A 19 0.84 -5.14 1.38
CA ASN A 19 2.13 -5.74 1.70
C ASN A 19 2.24 -7.08 1.00
N GLU A 20 1.22 -7.92 1.19
CA GLU A 20 1.19 -9.23 0.55
C GLU A 20 1.26 -9.06 -0.96
N TYR A 21 0.76 -7.93 -1.45
CA TYR A 21 0.79 -7.65 -2.89
C TYR A 21 2.17 -7.16 -3.29
N PHE A 22 2.62 -6.11 -2.61
CA PHE A 22 3.92 -5.53 -2.86
C PHE A 22 5.02 -6.58 -2.75
N TYR A 23 4.83 -7.50 -1.81
CA TYR A 23 5.78 -8.57 -1.57
C TYR A 23 5.63 -9.72 -2.57
N SER A 24 4.45 -10.35 -2.58
CA SER A 24 4.13 -11.45 -3.48
C SER A 24 4.75 -11.22 -4.84
N HIS A 25 4.81 -9.96 -5.19
CA HIS A 25 5.32 -9.56 -6.46
C HIS A 25 6.23 -8.34 -6.33
N LEU A 26 7.05 -8.37 -5.29
CA LEU A 26 7.98 -7.29 -5.01
C LEU A 26 9.12 -7.22 -6.03
N SER A 27 9.13 -8.15 -6.99
CA SER A 27 10.16 -8.15 -8.03
C SER A 27 9.89 -6.99 -8.97
N ASN A 28 8.61 -6.65 -9.12
CA ASN A 28 8.18 -5.54 -9.97
C ASN A 28 6.95 -4.89 -9.35
N PRO A 29 7.13 -4.22 -8.20
CA PRO A 29 6.03 -3.56 -7.48
C PRO A 29 5.58 -2.27 -8.13
N TYR A 30 5.21 -2.34 -9.39
CA TYR A 30 4.75 -1.17 -10.12
C TYR A 30 3.35 -1.41 -10.68
N PRO A 31 2.39 -1.73 -9.79
CA PRO A 31 1.00 -1.99 -10.18
C PRO A 31 0.41 -0.86 -11.01
N SER A 32 -0.09 -1.21 -12.20
CA SER A 32 -0.69 -0.22 -13.08
C SER A 32 -1.79 0.55 -12.35
N GLU A 33 -2.37 1.54 -13.04
CA GLU A 33 -3.43 2.34 -12.46
C GLU A 33 -4.56 1.47 -11.94
N GLU A 34 -4.93 0.45 -12.73
CA GLU A 34 -6.01 -0.46 -12.36
C GLU A 34 -5.71 -1.14 -11.02
N ALA A 35 -4.56 -1.78 -10.92
CA ALA A 35 -4.17 -2.48 -9.70
C ALA A 35 -4.27 -1.56 -8.49
N LYS A 36 -3.63 -0.41 -8.56
CA LYS A 36 -3.65 0.55 -7.47
C LYS A 36 -5.08 1.02 -7.19
N GLU A 37 -5.71 1.64 -8.18
CA GLU A 37 -7.08 2.11 -8.02
C GLU A 37 -7.97 0.97 -7.54
N GLU A 38 -7.65 -0.25 -7.99
CA GLU A 38 -8.42 -1.43 -7.60
C GLU A 38 -8.35 -1.63 -6.09
N LEU A 39 -7.15 -1.81 -5.57
CA LEU A 39 -6.96 -2.00 -4.13
C LEU A 39 -7.55 -0.82 -3.37
N ALA A 40 -7.37 0.37 -3.94
CA ALA A 40 -7.89 1.58 -3.33
C ALA A 40 -9.36 1.45 -2.96
N LYS A 41 -10.11 0.73 -3.79
CA LYS A 41 -11.53 0.53 -3.56
C LYS A 41 -11.77 -0.45 -2.41
N LYS A 42 -10.95 -1.49 -2.33
CA LYS A 42 -11.08 -2.50 -1.28
C LYS A 42 -11.28 -1.85 0.08
N CYS A 43 -10.37 -0.94 0.45
CA CYS A 43 -10.46 -0.25 1.72
C CYS A 43 -11.21 1.07 1.60
N GLY A 44 -11.49 1.49 0.37
CA GLY A 44 -12.19 2.74 0.14
C GLY A 44 -11.46 3.94 0.72
N ILE A 45 -10.14 3.93 0.60
CA ILE A 45 -9.31 5.01 1.12
C ILE A 45 -9.00 6.04 0.03
N THR A 46 -7.74 6.43 -0.06
CA THR A 46 -7.27 7.35 -1.05
C THR A 46 -5.99 6.79 -1.57
N VAL A 47 -5.90 6.73 -2.86
CA VAL A 47 -4.79 6.14 -3.51
C VAL A 47 -3.45 6.64 -3.01
N SER A 48 -3.37 7.89 -2.64
CA SER A 48 -2.08 8.37 -2.13
C SER A 48 -1.67 7.49 -0.97
N GLN A 49 -2.66 6.91 -0.28
CA GLN A 49 -2.37 5.98 0.80
C GLN A 49 -1.65 4.80 0.18
N VAL A 50 -2.14 4.40 -1.00
CA VAL A 50 -1.56 3.35 -1.78
C VAL A 50 -0.41 3.95 -2.59
N SER A 51 -0.73 4.93 -3.43
CA SER A 51 0.26 5.62 -4.25
C SER A 51 1.57 5.83 -3.47
N ASN A 52 1.45 6.33 -2.25
CA ASN A 52 2.62 6.59 -1.40
C ASN A 52 3.17 5.30 -0.77
N TRP A 53 2.28 4.46 -0.26
CA TRP A 53 2.69 3.20 0.39
C TRP A 53 3.75 2.46 -0.39
N PHE A 54 3.57 2.38 -1.70
CA PHE A 54 4.48 1.66 -2.56
C PHE A 54 5.75 2.45 -2.83
N GLY A 55 5.58 3.72 -3.14
CA GLY A 55 6.72 4.57 -3.44
C GLY A 55 7.62 4.81 -2.24
N ASN A 56 7.16 4.45 -1.05
CA ASN A 56 7.94 4.63 0.16
C ASN A 56 8.66 3.34 0.53
N LYS A 57 7.91 2.24 0.61
CA LYS A 57 8.48 0.94 0.96
C LYS A 57 9.70 0.64 0.09
N ARG A 58 9.75 1.25 -1.08
CA ARG A 58 10.89 1.07 -1.96
C ARG A 58 12.14 1.63 -1.28
N ILE A 59 11.94 2.28 -0.13
CA ILE A 59 13.03 2.87 0.64
C ILE A 59 14.06 1.80 1.02
N ARG A 60 13.72 1.05 2.05
CA ARG A 60 14.56 -0.03 2.56
C ARG A 60 13.72 -0.93 3.44
N TYR A 61 12.79 -1.64 2.83
CA TYR A 61 11.90 -2.53 3.55
C TYR A 61 12.63 -3.70 4.22
N LYS A 62 13.94 -3.57 4.38
CA LYS A 62 14.75 -4.61 5.01
C LYS A 62 14.88 -5.86 4.15
N LYS A 63 15.11 -5.67 2.85
CA LYS A 63 15.27 -6.78 1.91
C LYS A 63 14.29 -7.91 2.21
N ASN A 64 13.11 -7.56 2.70
CA ASN A 64 12.09 -8.56 3.03
C ASN A 64 11.24 -8.89 1.80
N SER A 1 -14.70 20.85 24.20
CA SER A 1 -13.99 21.17 22.94
C SER A 1 -12.49 21.31 23.17
N SER A 2 -11.71 20.70 22.28
CA SER A 2 -10.26 20.75 22.37
C SER A 2 -9.62 20.64 21.00
N GLY A 3 -9.69 19.45 20.41
CA GLY A 3 -9.11 19.23 19.09
C GLY A 3 -9.92 18.26 18.26
N HIS A 4 -9.30 17.74 17.21
CA HIS A 4 -9.97 16.79 16.32
C HIS A 4 -9.53 15.36 16.62
N ILE A 5 -10.34 14.65 17.39
CA ILE A 5 -10.02 13.27 17.75
C ILE A 5 -10.52 12.30 16.68
N GLU A 6 -9.95 11.09 16.67
CA GLU A 6 -10.34 10.08 15.70
C GLU A 6 -9.95 10.50 14.28
N GLY A 7 -9.06 9.73 13.67
CA GLY A 7 -8.60 10.03 12.33
C GLY A 7 -8.42 8.78 11.49
N ARG A 8 -9.29 8.60 10.50
CA ARG A 8 -9.22 7.44 9.63
C ARG A 8 -8.12 7.61 8.59
N HIS A 9 -7.22 6.64 8.52
CA HIS A 9 -6.11 6.67 7.58
C HIS A 9 -5.56 5.26 7.33
N MET A 10 -5.96 4.65 6.23
CA MET A 10 -5.52 3.31 5.87
C MET A 10 -6.38 2.28 6.59
N ASN A 11 -6.56 1.12 5.97
CA ASN A 11 -7.38 0.07 6.55
C ASN A 11 -6.54 -0.83 7.46
N LYS A 12 -7.22 -1.66 8.24
CA LYS A 12 -6.55 -2.56 9.17
C LYS A 12 -5.76 -3.64 8.43
N GLN A 13 -6.48 -4.53 7.74
CA GLN A 13 -5.83 -5.61 7.01
C GLN A 13 -5.35 -5.17 5.63
N ALA A 14 -5.59 -3.90 5.28
CA ALA A 14 -5.15 -3.39 3.99
C ALA A 14 -3.63 -3.47 3.89
N THR A 15 -2.94 -3.12 4.97
CA THR A 15 -1.50 -3.19 5.01
C THR A 15 -1.05 -4.64 4.80
N GLU A 16 -1.94 -5.57 5.15
CA GLU A 16 -1.68 -6.99 4.97
C GLU A 16 -1.94 -7.35 3.52
N ILE A 17 -2.82 -6.57 2.90
CA ILE A 17 -3.19 -6.73 1.51
C ILE A 17 -2.06 -6.18 0.65
N LEU A 18 -1.75 -4.92 0.91
CA LEU A 18 -0.70 -4.21 0.20
C LEU A 18 0.62 -4.96 0.28
N ASN A 19 0.98 -5.39 1.48
CA ASN A 19 2.22 -6.13 1.67
C ASN A 19 2.11 -7.49 1.01
N GLU A 20 0.98 -8.16 1.25
CA GLU A 20 0.73 -9.45 0.64
C GLU A 20 0.77 -9.31 -0.88
N TYR A 21 0.39 -8.13 -1.36
CA TYR A 21 0.40 -7.85 -2.78
C TYR A 21 1.81 -7.48 -3.23
N PHE A 22 2.27 -6.31 -2.80
CA PHE A 22 3.59 -5.80 -3.12
C PHE A 22 4.64 -6.90 -3.10
N TYR A 23 4.93 -7.39 -1.91
CA TYR A 23 5.92 -8.44 -1.70
C TYR A 23 5.68 -9.67 -2.58
N SER A 24 4.47 -10.25 -2.52
CA SER A 24 4.10 -11.42 -3.31
C SER A 24 4.68 -11.33 -4.69
N HIS A 25 4.66 -10.12 -5.18
CA HIS A 25 5.14 -9.81 -6.50
C HIS A 25 6.25 -8.76 -6.43
N LEU A 26 7.09 -8.91 -5.41
CA LEU A 26 8.21 -8.00 -5.19
C LEU A 26 9.22 -8.04 -6.34
N SER A 27 9.08 -9.01 -7.24
CA SER A 27 9.99 -9.12 -8.38
C SER A 27 9.78 -7.92 -9.32
N ASN A 28 8.54 -7.46 -9.38
CA ASN A 28 8.18 -6.32 -10.21
C ASN A 28 6.94 -5.63 -9.63
N PRO A 29 7.09 -5.00 -8.45
CA PRO A 29 5.99 -4.34 -7.77
C PRO A 29 5.76 -2.91 -8.24
N TYR A 30 5.34 -2.76 -9.49
CA TYR A 30 5.07 -1.45 -10.05
C TYR A 30 3.61 -1.33 -10.46
N PRO A 31 2.69 -1.47 -9.48
CA PRO A 31 1.26 -1.39 -9.72
C PRO A 31 0.87 -0.17 -10.56
N SER A 32 0.34 -0.42 -11.75
CA SER A 32 -0.08 0.66 -12.65
C SER A 32 -1.21 1.46 -12.02
N GLU A 33 -1.85 2.31 -12.83
CA GLU A 33 -2.95 3.13 -12.35
C GLU A 33 -4.12 2.25 -11.89
N GLU A 34 -4.30 1.13 -12.57
CA GLU A 34 -5.39 0.20 -12.24
C GLU A 34 -5.13 -0.50 -10.91
N ALA A 35 -3.92 -1.05 -10.75
CA ALA A 35 -3.56 -1.76 -9.53
C ALA A 35 -3.82 -0.90 -8.30
N LYS A 36 -3.23 0.29 -8.27
CA LYS A 36 -3.41 1.19 -7.15
C LYS A 36 -4.90 1.53 -6.98
N GLU A 37 -5.56 1.80 -8.11
CA GLU A 37 -6.97 2.12 -8.11
C GLU A 37 -7.79 0.93 -7.62
N GLU A 38 -7.21 -0.27 -7.73
CA GLU A 38 -7.88 -1.48 -7.29
C GLU A 38 -7.71 -1.67 -5.79
N LEU A 39 -6.47 -1.64 -5.34
CA LEU A 39 -6.17 -1.79 -3.92
C LEU A 39 -6.78 -0.64 -3.14
N ALA A 40 -6.80 0.53 -3.78
CA ALA A 40 -7.37 1.72 -3.16
C ALA A 40 -8.85 1.53 -2.86
N LYS A 41 -9.59 1.05 -3.86
CA LYS A 41 -11.02 0.82 -3.70
C LYS A 41 -11.29 -0.38 -2.80
N LYS A 42 -10.44 -1.41 -2.91
CA LYS A 42 -10.60 -2.61 -2.10
C LYS A 42 -10.86 -2.25 -0.64
N CYS A 43 -10.09 -1.29 -0.14
CA CYS A 43 -10.23 -0.84 1.24
C CYS A 43 -11.17 0.36 1.34
N GLY A 44 -11.38 1.03 0.22
CA GLY A 44 -12.26 2.20 0.21
C GLY A 44 -11.61 3.40 0.86
N ILE A 45 -10.34 3.62 0.52
CA ILE A 45 -9.58 4.74 1.07
C ILE A 45 -9.37 5.84 0.03
N THR A 46 -8.12 6.00 -0.37
CA THR A 46 -7.72 6.98 -1.35
C THR A 46 -6.40 6.53 -1.90
N VAL A 47 -6.27 6.57 -3.20
CA VAL A 47 -5.08 6.10 -3.83
C VAL A 47 -3.83 6.65 -3.20
N SER A 48 -3.85 7.87 -2.72
CA SER A 48 -2.66 8.40 -2.09
C SER A 48 -2.25 7.49 -0.95
N GLN A 49 -3.23 6.84 -0.32
CA GLN A 49 -2.94 5.87 0.74
C GLN A 49 -2.11 4.78 0.09
N VAL A 50 -2.50 4.45 -1.13
CA VAL A 50 -1.81 3.48 -1.95
C VAL A 50 -0.66 4.18 -2.67
N SER A 51 -1.00 5.18 -3.50
CA SER A 51 -0.01 5.98 -4.23
C SER A 51 1.24 6.23 -3.38
N ASN A 52 1.03 6.72 -2.17
CA ASN A 52 2.14 7.02 -1.26
C ASN A 52 2.78 5.75 -0.74
N TRP A 53 1.96 4.74 -0.47
CA TRP A 53 2.46 3.45 0.04
C TRP A 53 3.52 2.87 -0.88
N PHE A 54 3.12 2.60 -2.12
CA PHE A 54 4.03 2.02 -3.09
C PHE A 54 5.13 2.98 -3.49
N GLY A 55 4.98 4.25 -3.11
CA GLY A 55 5.99 5.23 -3.44
C GLY A 55 7.25 5.03 -2.61
N ASN A 56 7.06 4.93 -1.29
CA ASN A 56 8.16 4.71 -0.36
C ASN A 56 8.23 3.24 0.01
N LYS A 57 7.08 2.69 0.40
CA LYS A 57 6.97 1.29 0.77
C LYS A 57 7.41 0.42 -0.39
N ARG A 58 7.60 1.03 -1.57
CA ARG A 58 8.08 0.31 -2.73
C ARG A 58 9.33 -0.42 -2.29
N ILE A 59 10.00 0.18 -1.31
CA ILE A 59 11.19 -0.43 -0.75
C ILE A 59 10.80 -1.35 0.42
N ARG A 60 10.77 -0.78 1.62
CA ARG A 60 10.42 -1.52 2.83
C ARG A 60 11.41 -2.63 3.16
N TYR A 61 12.03 -3.14 2.13
CA TYR A 61 12.99 -4.22 2.27
C TYR A 61 14.43 -3.71 2.38
N LYS A 62 14.58 -2.48 2.86
CA LYS A 62 15.90 -1.87 3.03
C LYS A 62 16.74 -2.01 1.76
N LYS A 63 16.65 -1.02 0.88
CA LYS A 63 17.40 -1.03 -0.36
C LYS A 63 17.47 0.37 -0.97
N ASN A 64 17.64 1.37 -0.11
CA ASN A 64 17.72 2.76 -0.55
C ASN A 64 18.57 3.58 0.41
N SER A 1 6.45 8.20 9.28
CA SER A 1 5.46 9.28 9.50
C SER A 1 5.27 9.57 10.98
N SER A 2 5.46 10.82 11.36
CA SER A 2 5.32 11.25 12.75
C SER A 2 6.33 10.54 13.65
N GLY A 3 6.04 9.29 14.01
CA GLY A 3 6.93 8.53 14.85
C GLY A 3 6.27 7.30 15.44
N HIS A 4 5.89 7.39 16.72
CA HIS A 4 5.23 6.28 17.39
C HIS A 4 3.95 6.74 18.09
N ILE A 5 2.86 6.77 17.34
CA ILE A 5 1.58 7.19 17.88
C ILE A 5 0.42 6.58 17.11
N GLU A 6 0.65 5.39 16.55
CA GLU A 6 -0.37 4.69 15.78
C GLU A 6 -0.86 5.54 14.62
N GLY A 7 -0.15 5.46 13.50
CA GLY A 7 -0.53 6.23 12.33
C GLY A 7 -0.73 5.35 11.10
N ARG A 8 -1.03 4.08 11.33
CA ARG A 8 -1.26 3.14 10.24
C ARG A 8 -2.65 3.32 9.64
N HIS A 9 -2.88 4.47 9.03
CA HIS A 9 -4.17 4.76 8.42
C HIS A 9 -4.29 4.12 7.04
N MET A 10 -4.42 2.80 7.01
CA MET A 10 -4.54 2.07 5.74
C MET A 10 -5.14 0.69 5.95
N ASN A 11 -5.89 0.54 7.05
CA ASN A 11 -6.54 -0.72 7.38
C ASN A 11 -5.55 -1.90 7.37
N LYS A 12 -5.39 -2.55 8.53
CA LYS A 12 -4.48 -3.68 8.66
C LYS A 12 -4.62 -4.64 7.48
N GLN A 13 -5.82 -5.19 7.31
CA GLN A 13 -6.10 -6.11 6.22
C GLN A 13 -5.71 -5.49 4.87
N ALA A 14 -5.83 -4.17 4.76
CA ALA A 14 -5.46 -3.47 3.54
C ALA A 14 -3.95 -3.43 3.44
N THR A 15 -3.33 -2.86 4.46
CA THR A 15 -1.88 -2.78 4.54
C THR A 15 -1.30 -4.16 4.28
N GLU A 16 -2.00 -5.15 4.80
CA GLU A 16 -1.61 -6.54 4.63
C GLU A 16 -1.80 -6.91 3.17
N ILE A 17 -2.88 -6.40 2.61
CA ILE A 17 -3.20 -6.60 1.22
C ILE A 17 -2.10 -6.01 0.36
N LEU A 18 -1.75 -4.77 0.69
CA LEU A 18 -0.70 -4.03 0.01
C LEU A 18 0.62 -4.78 0.12
N ASN A 19 1.00 -5.07 1.37
CA ASN A 19 2.24 -5.80 1.63
C ASN A 19 2.21 -7.14 0.92
N GLU A 20 1.23 -7.97 1.28
CA GLU A 20 1.09 -9.28 0.66
C GLU A 20 1.14 -9.14 -0.86
N TYR A 21 0.70 -7.99 -1.36
CA TYR A 21 0.71 -7.72 -2.79
C TYR A 21 2.10 -7.32 -3.24
N PHE A 22 2.53 -6.14 -2.79
CA PHE A 22 3.84 -5.60 -3.11
C PHE A 22 4.94 -6.65 -2.99
N TYR A 23 4.82 -7.50 -1.98
CA TYR A 23 5.79 -8.54 -1.71
C TYR A 23 5.57 -9.76 -2.63
N SER A 24 4.33 -10.29 -2.63
CA SER A 24 3.97 -11.44 -3.47
C SER A 24 4.63 -11.31 -4.81
N HIS A 25 4.63 -10.08 -5.29
CA HIS A 25 5.16 -9.73 -6.56
C HIS A 25 6.29 -8.71 -6.42
N LEU A 26 7.02 -8.84 -5.32
CA LEU A 26 8.14 -7.96 -5.01
C LEU A 26 9.24 -8.04 -6.08
N SER A 27 9.18 -9.06 -6.93
CA SER A 27 10.17 -9.22 -7.99
C SER A 27 10.08 -8.06 -8.97
N ASN A 28 8.87 -7.54 -9.14
CA ASN A 28 8.62 -6.42 -10.05
C ASN A 28 7.34 -5.70 -9.64
N PRO A 29 7.38 -5.01 -8.49
CA PRO A 29 6.21 -4.29 -7.95
C PRO A 29 5.99 -2.94 -8.61
N TYR A 30 5.26 -2.94 -9.71
CA TYR A 30 4.94 -1.71 -10.43
C TYR A 30 3.46 -1.67 -10.79
N PRO A 31 2.59 -1.84 -9.78
CA PRO A 31 1.14 -1.83 -9.96
C PRO A 31 0.67 -0.60 -10.73
N SER A 32 0.25 -0.79 -11.98
CA SER A 32 -0.23 0.30 -12.81
C SER A 32 -1.34 1.06 -12.10
N GLU A 33 -1.82 2.12 -12.73
CA GLU A 33 -2.89 2.93 -12.15
C GLU A 33 -4.10 2.08 -11.81
N GLU A 34 -4.24 0.94 -12.48
CA GLU A 34 -5.37 0.04 -12.24
C GLU A 34 -5.24 -0.66 -10.89
N ALA A 35 -4.15 -1.37 -10.69
CA ALA A 35 -3.90 -2.09 -9.45
C ALA A 35 -4.04 -1.18 -8.24
N LYS A 36 -3.27 -0.09 -8.22
CA LYS A 36 -3.32 0.86 -7.12
C LYS A 36 -4.77 1.29 -6.84
N GLU A 37 -5.42 1.85 -7.85
CA GLU A 37 -6.81 2.27 -7.70
C GLU A 37 -7.67 1.09 -7.23
N GLU A 38 -7.37 -0.09 -7.77
CA GLU A 38 -8.10 -1.30 -7.40
C GLU A 38 -8.04 -1.52 -5.90
N LEU A 39 -6.82 -1.63 -5.36
CA LEU A 39 -6.64 -1.82 -3.93
C LEU A 39 -7.25 -0.64 -3.17
N ALA A 40 -7.09 0.55 -3.74
CA ALA A 40 -7.62 1.76 -3.14
C ALA A 40 -9.11 1.62 -2.85
N LYS A 41 -9.85 1.09 -3.81
CA LYS A 41 -11.29 0.89 -3.66
C LYS A 41 -11.59 -0.31 -2.75
N LYS A 42 -10.68 -1.28 -2.73
CA LYS A 42 -10.85 -2.47 -1.89
C LYS A 42 -11.30 -2.08 -0.49
N CYS A 43 -10.54 -1.19 0.14
CA CYS A 43 -10.87 -0.74 1.50
C CYS A 43 -11.72 0.52 1.48
N GLY A 44 -11.61 1.29 0.38
CA GLY A 44 -12.37 2.52 0.28
C GLY A 44 -11.67 3.67 0.97
N ILE A 45 -10.35 3.72 0.83
CA ILE A 45 -9.54 4.77 1.43
C ILE A 45 -9.29 5.91 0.45
N THR A 46 -8.04 6.13 0.12
CA THR A 46 -7.61 7.14 -0.81
C THR A 46 -6.33 6.65 -1.42
N VAL A 47 -6.26 6.72 -2.72
CA VAL A 47 -5.14 6.22 -3.43
C VAL A 47 -3.83 6.68 -2.87
N SER A 48 -3.74 7.89 -2.37
CA SER A 48 -2.48 8.34 -1.82
C SER A 48 -2.03 7.36 -0.75
N GLN A 49 -3.00 6.73 -0.07
CA GLN A 49 -2.67 5.73 0.92
C GLN A 49 -1.91 4.62 0.20
N VAL A 50 -2.41 4.31 -0.99
CA VAL A 50 -1.80 3.33 -1.86
C VAL A 50 -0.69 4.03 -2.66
N SER A 51 -1.08 5.06 -3.41
CA SER A 51 -0.14 5.85 -4.20
C SER A 51 1.18 6.06 -3.47
N ASN A 52 1.10 6.52 -2.23
CA ASN A 52 2.29 6.79 -1.42
C ASN A 52 2.95 5.52 -0.88
N TRP A 53 2.14 4.56 -0.44
CA TRP A 53 2.67 3.32 0.13
C TRP A 53 3.66 2.63 -0.79
N PHE A 54 3.26 2.40 -2.02
CA PHE A 54 4.12 1.72 -2.98
C PHE A 54 5.34 2.58 -3.32
N GLY A 55 5.11 3.86 -3.52
CA GLY A 55 6.20 4.77 -3.82
C GLY A 55 7.07 5.05 -2.60
N ASN A 56 6.56 4.69 -1.43
CA ASN A 56 7.28 4.90 -0.18
C ASN A 56 8.01 3.63 0.23
N LYS A 57 7.25 2.54 0.42
CA LYS A 57 7.83 1.26 0.81
C LYS A 57 8.97 0.88 -0.12
N ARG A 58 8.97 1.43 -1.33
CA ARG A 58 10.04 1.18 -2.27
C ARG A 58 11.35 1.73 -1.69
N ILE A 59 11.24 2.43 -0.56
CA ILE A 59 12.38 3.01 0.12
C ILE A 59 13.42 1.95 0.47
N ARG A 60 13.13 1.21 1.52
CA ARG A 60 14.00 0.15 2.00
C ARG A 60 13.27 -0.69 3.02
N TYR A 61 12.22 -1.34 2.56
CA TYR A 61 11.39 -2.20 3.39
C TYR A 61 12.16 -3.40 3.97
N LYS A 62 13.49 -3.31 3.97
CA LYS A 62 14.33 -4.38 4.49
C LYS A 62 14.20 -5.64 3.63
N LYS A 63 15.30 -6.00 2.97
CA LYS A 63 15.31 -7.18 2.11
C LYS A 63 15.43 -8.46 2.94
N ASN A 64 14.43 -8.68 3.80
CA ASN A 64 14.43 -9.87 4.65
C ASN A 64 15.64 -9.89 5.56
N SER A 1 10.30 11.26 17.19
CA SER A 1 9.15 11.59 18.08
C SER A 1 7.82 11.26 17.40
N SER A 2 7.81 11.37 16.08
CA SER A 2 6.60 11.07 15.31
C SER A 2 6.51 9.60 14.95
N GLY A 3 5.29 9.06 14.95
CA GLY A 3 5.10 7.66 14.63
C GLY A 3 4.30 7.46 13.35
N HIS A 4 3.02 7.82 13.39
CA HIS A 4 2.16 7.68 12.23
C HIS A 4 0.93 8.60 12.36
N ILE A 5 1.10 9.85 11.97
CA ILE A 5 0.02 10.83 12.04
C ILE A 5 0.20 11.93 11.00
N GLU A 6 -0.76 12.05 10.09
CA GLU A 6 -0.70 13.07 9.05
C GLU A 6 -2.09 13.40 8.53
N GLY A 7 -3.09 13.28 9.40
CA GLY A 7 -4.46 13.56 9.02
C GLY A 7 -5.18 12.33 8.49
N ARG A 8 -4.66 11.15 8.81
CA ARG A 8 -5.25 9.90 8.37
C ARG A 8 -4.82 8.75 9.26
N HIS A 9 -5.76 7.86 9.57
CA HIS A 9 -5.48 6.72 10.42
C HIS A 9 -4.82 5.58 9.64
N MET A 10 -4.94 5.61 8.32
CA MET A 10 -4.38 4.58 7.45
C MET A 10 -5.35 3.42 7.35
N ASN A 11 -5.03 2.47 6.49
CA ASN A 11 -5.91 1.32 6.32
C ASN A 11 -5.56 0.21 7.30
N LYS A 12 -6.59 -0.47 7.77
CA LYS A 12 -6.42 -1.56 8.72
C LYS A 12 -5.69 -2.75 8.11
N GLN A 13 -6.43 -3.60 7.40
CA GLN A 13 -5.86 -4.79 6.78
C GLN A 13 -5.23 -4.50 5.42
N ALA A 14 -5.68 -3.44 4.76
CA ALA A 14 -5.15 -3.07 3.45
C ALA A 14 -3.63 -3.19 3.41
N THR A 15 -2.98 -2.74 4.47
CA THR A 15 -1.52 -2.80 4.57
C THR A 15 -1.04 -4.21 4.25
N GLU A 16 -1.86 -5.20 4.60
CA GLU A 16 -1.51 -6.60 4.35
C GLU A 16 -1.79 -6.89 2.88
N ILE A 17 -2.82 -6.24 2.38
CA ILE A 17 -3.21 -6.37 0.98
C ILE A 17 -2.12 -5.77 0.12
N LEU A 18 -1.63 -4.62 0.56
CA LEU A 18 -0.56 -3.89 -0.11
C LEU A 18 0.76 -4.62 0.09
N ASN A 19 0.97 -5.09 1.30
CA ASN A 19 2.20 -5.82 1.62
C ASN A 19 2.21 -7.12 0.85
N GLU A 20 1.06 -7.77 0.81
CA GLU A 20 0.92 -9.03 0.09
C GLU A 20 1.02 -8.78 -1.40
N TYR A 21 0.53 -7.61 -1.83
CA TYR A 21 0.58 -7.26 -3.25
C TYR A 21 1.97 -6.74 -3.62
N PHE A 22 2.62 -6.12 -2.67
CA PHE A 22 3.96 -5.55 -2.87
C PHE A 22 5.04 -6.62 -2.76
N TYR A 23 4.85 -7.54 -1.80
CA TYR A 23 5.81 -8.61 -1.57
C TYR A 23 5.63 -9.76 -2.57
N SER A 24 4.50 -10.46 -2.46
CA SER A 24 4.16 -11.58 -3.34
C SER A 24 4.61 -11.27 -4.75
N HIS A 25 4.41 -10.02 -5.12
CA HIS A 25 4.73 -9.51 -6.42
C HIS A 25 5.89 -8.53 -6.36
N LEU A 26 6.84 -8.82 -5.51
CA LEU A 26 8.01 -7.95 -5.34
C LEU A 26 8.85 -7.92 -6.61
N SER A 27 8.77 -8.99 -7.40
CA SER A 27 9.51 -9.05 -8.65
C SER A 27 9.12 -7.89 -9.57
N ASN A 28 7.92 -7.36 -9.32
CA ASN A 28 7.39 -6.24 -10.09
C ASN A 28 6.54 -5.37 -9.17
N PRO A 29 7.19 -4.50 -8.37
CA PRO A 29 6.51 -3.62 -7.43
C PRO A 29 5.99 -2.34 -8.07
N TYR A 30 5.88 -2.33 -9.39
CA TYR A 30 5.38 -1.17 -10.10
C TYR A 30 3.99 -1.44 -10.67
N PRO A 31 2.99 -1.57 -9.79
CA PRO A 31 1.61 -1.84 -10.20
C PRO A 31 1.00 -0.69 -10.99
N SER A 32 0.31 -1.03 -12.07
CA SER A 32 -0.33 -0.02 -12.92
C SER A 32 -1.40 0.72 -12.14
N GLU A 33 -1.90 1.81 -12.72
CA GLU A 33 -2.94 2.61 -12.07
C GLU A 33 -4.14 1.75 -11.70
N GLU A 34 -4.33 0.64 -12.41
CA GLU A 34 -5.44 -0.26 -12.16
C GLU A 34 -5.24 -1.02 -10.85
N ALA A 35 -4.13 -1.73 -10.74
CA ALA A 35 -3.82 -2.50 -9.55
C ALA A 35 -3.86 -1.64 -8.30
N LYS A 36 -3.34 -0.42 -8.41
CA LYS A 36 -3.33 0.51 -7.29
C LYS A 36 -4.73 1.02 -7.04
N GLU A 37 -5.32 1.65 -8.05
CA GLU A 37 -6.68 2.17 -7.95
C GLU A 37 -7.62 1.06 -7.48
N GLU A 38 -7.31 -0.17 -7.89
CA GLU A 38 -8.12 -1.32 -7.53
C GLU A 38 -8.10 -1.53 -6.01
N LEU A 39 -6.90 -1.74 -5.46
CA LEU A 39 -6.76 -1.94 -4.02
C LEU A 39 -7.33 -0.75 -3.27
N ALA A 40 -7.10 0.44 -3.80
CA ALA A 40 -7.58 1.67 -3.19
C ALA A 40 -9.07 1.56 -2.84
N LYS A 41 -9.86 1.10 -3.80
CA LYS A 41 -11.30 0.95 -3.61
C LYS A 41 -11.62 -0.27 -2.74
N LYS A 42 -10.74 -1.27 -2.79
CA LYS A 42 -10.93 -2.50 -2.01
C LYS A 42 -11.33 -2.18 -0.58
N CYS A 43 -10.53 -1.34 0.08
CA CYS A 43 -10.81 -0.96 1.46
C CYS A 43 -11.62 0.33 1.53
N GLY A 44 -11.60 1.10 0.45
CA GLY A 44 -12.35 2.34 0.41
C GLY A 44 -11.59 3.47 1.07
N ILE A 45 -10.30 3.58 0.76
CA ILE A 45 -9.46 4.62 1.33
C ILE A 45 -9.22 5.75 0.35
N THR A 46 -7.98 5.88 -0.08
CA THR A 46 -7.56 6.88 -1.03
C THR A 46 -6.30 6.40 -1.65
N VAL A 47 -6.22 6.49 -2.95
CA VAL A 47 -5.09 6.01 -3.65
C VAL A 47 -3.78 6.46 -3.07
N SER A 48 -3.73 7.68 -2.58
CA SER A 48 -2.47 8.12 -1.98
C SER A 48 -2.10 7.15 -0.86
N GLN A 49 -3.12 6.57 -0.22
CA GLN A 49 -2.88 5.56 0.80
C GLN A 49 -2.09 4.44 0.15
N VAL A 50 -2.49 4.15 -1.09
CA VAL A 50 -1.83 3.15 -1.92
C VAL A 50 -0.69 3.83 -2.67
N SER A 51 -1.04 4.84 -3.47
CA SER A 51 -0.06 5.60 -4.23
C SER A 51 1.24 5.84 -3.45
N ASN A 52 1.09 6.33 -2.22
CA ASN A 52 2.25 6.63 -1.38
C ASN A 52 2.89 5.37 -0.78
N TRP A 53 2.06 4.48 -0.22
CA TRP A 53 2.55 3.25 0.41
C TRP A 53 3.60 2.55 -0.43
N PHE A 54 3.34 2.45 -1.72
CA PHE A 54 4.26 1.77 -2.63
C PHE A 54 5.51 2.60 -2.84
N GLY A 55 5.32 3.89 -3.06
CA GLY A 55 6.44 4.79 -3.27
C GLY A 55 7.24 5.00 -1.99
N ASN A 56 6.72 4.50 -0.87
CA ASN A 56 7.40 4.63 0.41
C ASN A 56 8.19 3.36 0.71
N LYS A 57 7.49 2.24 0.80
CA LYS A 57 8.12 0.95 1.09
C LYS A 57 9.29 0.70 0.15
N ARG A 58 9.28 1.37 -1.01
CA ARG A 58 10.39 1.25 -1.95
C ARG A 58 11.67 1.77 -1.28
N ILE A 59 11.50 2.34 -0.08
CA ILE A 59 12.60 2.87 0.70
C ILE A 59 13.66 1.80 0.96
N ARG A 60 13.39 1.01 1.98
CA ARG A 60 14.26 -0.08 2.42
C ARG A 60 13.46 -1.01 3.32
N TYR A 61 12.49 -1.70 2.76
CA TYR A 61 11.64 -2.57 3.52
C TYR A 61 12.42 -3.69 4.20
N LYS A 62 12.69 -4.70 3.44
CA LYS A 62 13.43 -5.86 3.95
C LYS A 62 14.14 -6.61 2.82
N LYS A 63 14.82 -5.87 1.96
CA LYS A 63 15.55 -6.46 0.85
C LYS A 63 16.56 -5.47 0.28
N ASN A 64 17.81 -5.56 0.74
CA ASN A 64 18.87 -4.67 0.28
C ASN A 64 19.54 -5.23 -0.96
N SER A 1 11.54 12.96 22.82
CA SER A 1 10.39 12.83 21.90
C SER A 1 10.06 11.36 21.64
N SER A 2 8.79 11.09 21.31
CA SER A 2 8.35 9.73 21.04
C SER A 2 7.07 9.74 20.20
N GLY A 3 6.13 10.60 20.57
CA GLY A 3 4.87 10.69 19.85
C GLY A 3 5.07 11.01 18.38
N HIS A 4 4.00 11.44 17.72
CA HIS A 4 4.06 11.78 16.30
C HIS A 4 4.36 10.53 15.46
N ILE A 5 4.04 10.61 14.18
CA ILE A 5 4.27 9.50 13.27
C ILE A 5 3.49 8.26 13.71
N GLU A 6 2.40 7.97 13.01
CA GLU A 6 1.58 6.82 13.32
C GLU A 6 0.78 6.36 12.09
N GLY A 7 1.02 5.13 11.67
CA GLY A 7 0.33 4.59 10.52
C GLY A 7 -1.18 4.72 10.63
N ARG A 8 -1.79 3.80 11.37
CA ARG A 8 -3.24 3.81 11.55
C ARG A 8 -3.97 3.93 10.21
N HIS A 9 -5.29 4.00 10.27
CA HIS A 9 -6.12 4.11 9.07
C HIS A 9 -5.70 3.09 8.01
N MET A 10 -6.29 3.19 6.83
CA MET A 10 -5.98 2.28 5.73
C MET A 10 -6.62 0.92 5.96
N ASN A 11 -7.87 0.93 6.42
CA ASN A 11 -8.61 -0.29 6.70
C ASN A 11 -7.83 -1.24 7.60
N LYS A 12 -8.51 -2.27 8.10
CA LYS A 12 -7.89 -3.24 8.98
C LYS A 12 -6.84 -4.07 8.26
N GLN A 13 -7.28 -5.11 7.56
CA GLN A 13 -6.39 -6.02 6.84
C GLN A 13 -6.01 -5.50 5.45
N ALA A 14 -6.00 -4.19 5.27
CA ALA A 14 -5.64 -3.60 3.99
C ALA A 14 -4.12 -3.62 3.82
N THR A 15 -3.42 -3.13 4.84
CA THR A 15 -1.96 -3.10 4.82
C THR A 15 -1.40 -4.50 4.57
N GLU A 16 -2.20 -5.51 4.89
CA GLU A 16 -1.78 -6.90 4.68
C GLU A 16 -2.00 -7.24 3.21
N ILE A 17 -3.01 -6.60 2.63
CA ILE A 17 -3.33 -6.77 1.23
C ILE A 17 -2.24 -6.11 0.39
N LEU A 18 -1.89 -4.90 0.81
CA LEU A 18 -0.86 -4.14 0.16
C LEU A 18 0.48 -4.85 0.30
N ASN A 19 0.77 -5.25 1.53
CA ASN A 19 2.00 -5.96 1.83
C ASN A 19 1.99 -7.30 1.11
N GLU A 20 0.81 -7.92 1.08
CA GLU A 20 0.66 -9.20 0.40
C GLU A 20 0.83 -9.01 -1.10
N TYR A 21 0.43 -7.83 -1.60
CA TYR A 21 0.57 -7.54 -3.02
C TYR A 21 2.00 -7.17 -3.35
N PHE A 22 2.45 -6.04 -2.82
CA PHE A 22 3.81 -5.54 -3.02
C PHE A 22 4.84 -6.66 -3.01
N TYR A 23 4.74 -7.54 -2.03
CA TYR A 23 5.66 -8.66 -1.87
C TYR A 23 5.55 -9.66 -3.03
N SER A 24 4.36 -10.26 -3.19
CA SER A 24 4.08 -11.22 -4.24
C SER A 24 4.75 -10.80 -5.53
N HIS A 25 4.76 -9.50 -5.72
CA HIS A 25 5.31 -8.89 -6.90
C HIS A 25 6.38 -7.86 -6.54
N LEU A 26 7.08 -8.13 -5.45
CA LEU A 26 8.12 -7.24 -4.97
C LEU A 26 9.29 -7.16 -5.96
N SER A 27 9.38 -8.14 -6.86
CA SER A 27 10.43 -8.13 -7.87
C SER A 27 10.29 -6.89 -8.75
N ASN A 28 9.05 -6.44 -8.88
CA ASN A 28 8.72 -5.26 -9.67
C ASN A 28 7.48 -4.60 -9.08
N PRO A 29 7.66 -3.82 -8.00
CA PRO A 29 6.54 -3.15 -7.31
C PRO A 29 6.06 -1.90 -8.04
N TYR A 30 5.76 -2.04 -9.32
CA TYR A 30 5.29 -0.93 -10.12
C TYR A 30 3.92 -1.26 -10.73
N PRO A 31 2.96 -1.64 -9.87
CA PRO A 31 1.59 -2.00 -10.31
C PRO A 31 0.97 -0.94 -11.20
N SER A 32 0.11 -1.39 -12.11
CA SER A 32 -0.57 -0.48 -13.02
C SER A 32 -1.40 0.54 -12.25
N GLU A 33 -2.34 1.19 -12.93
CA GLU A 33 -3.20 2.17 -12.29
C GLU A 33 -4.41 1.51 -11.64
N GLU A 34 -4.92 0.46 -12.29
CA GLU A 34 -6.08 -0.26 -11.79
C GLU A 34 -5.74 -1.08 -10.54
N ALA A 35 -4.48 -1.48 -10.42
CA ALA A 35 -4.03 -2.27 -9.29
C ALA A 35 -4.10 -1.46 -8.00
N LYS A 36 -3.33 -0.39 -7.92
CA LYS A 36 -3.31 0.47 -6.74
C LYS A 36 -4.71 1.04 -6.50
N GLU A 37 -5.44 1.25 -7.58
CA GLU A 37 -6.80 1.79 -7.50
C GLU A 37 -7.74 0.73 -6.97
N GLU A 38 -7.61 -0.49 -7.49
CA GLU A 38 -8.46 -1.60 -7.06
C GLU A 38 -8.36 -1.78 -5.56
N LEU A 39 -7.13 -1.97 -5.07
CA LEU A 39 -6.91 -2.15 -3.64
C LEU A 39 -7.35 -0.89 -2.89
N ALA A 40 -7.15 0.26 -3.53
CA ALA A 40 -7.53 1.53 -2.95
C ALA A 40 -9.04 1.62 -2.77
N LYS A 41 -9.77 1.43 -3.87
CA LYS A 41 -11.23 1.48 -3.83
C LYS A 41 -11.81 0.29 -3.06
N LYS A 42 -10.96 -0.68 -2.71
CA LYS A 42 -11.42 -1.85 -1.98
C LYS A 42 -11.64 -1.49 -0.51
N CYS A 43 -10.75 -0.65 0.03
CA CYS A 43 -10.88 -0.22 1.42
C CYS A 43 -11.64 1.09 1.51
N GLY A 44 -11.85 1.74 0.36
CA GLY A 44 -12.56 3.00 0.33
C GLY A 44 -11.73 4.13 0.90
N ILE A 45 -10.41 4.03 0.71
CA ILE A 45 -9.48 5.05 1.20
C ILE A 45 -9.17 6.08 0.12
N THR A 46 -7.90 6.21 -0.19
CA THR A 46 -7.40 7.12 -1.20
C THR A 46 -6.15 6.52 -1.76
N VAL A 47 -6.10 6.45 -3.05
CA VAL A 47 -5.01 5.83 -3.72
C VAL A 47 -3.67 6.28 -3.22
N SER A 48 -3.51 7.56 -2.92
CA SER A 48 -2.22 8.00 -2.42
C SER A 48 -1.83 7.19 -1.21
N GLN A 49 -2.82 6.68 -0.48
CA GLN A 49 -2.55 5.82 0.66
C GLN A 49 -1.82 4.61 0.14
N VAL A 50 -2.31 4.13 -1.01
CA VAL A 50 -1.71 3.00 -1.70
C VAL A 50 -0.64 3.53 -2.65
N SER A 51 -1.04 4.45 -3.54
CA SER A 51 -0.11 5.08 -4.48
C SER A 51 1.23 5.39 -3.83
N ASN A 52 1.18 6.04 -2.67
CA ASN A 52 2.39 6.40 -1.94
C ASN A 52 3.00 5.18 -1.24
N TRP A 53 2.15 4.25 -0.81
CA TRP A 53 2.61 3.05 -0.12
C TRP A 53 3.73 2.37 -0.90
N PHE A 54 3.49 2.13 -2.18
CA PHE A 54 4.48 1.46 -3.03
C PHE A 54 5.69 2.33 -3.28
N GLY A 55 5.47 3.62 -3.55
CA GLY A 55 6.57 4.52 -3.78
C GLY A 55 7.45 4.69 -2.55
N ASN A 56 7.00 4.18 -1.42
CA ASN A 56 7.75 4.27 -0.18
C ASN A 56 8.52 2.99 0.06
N LYS A 57 7.81 1.91 0.35
CA LYS A 57 8.45 0.63 0.61
C LYS A 57 9.48 0.27 -0.45
N ARG A 58 9.34 0.84 -1.64
CA ARG A 58 10.31 0.59 -2.70
C ARG A 58 11.65 1.25 -2.34
N ILE A 59 11.68 1.93 -1.19
CA ILE A 59 12.87 2.63 -0.72
C ILE A 59 13.89 1.70 -0.06
N ARG A 60 13.68 1.39 1.22
CA ARG A 60 14.59 0.54 1.98
C ARG A 60 14.26 -0.92 1.86
N TYR A 61 13.25 -1.21 1.09
CA TYR A 61 12.81 -2.56 0.94
C TYR A 61 13.42 -3.26 -0.26
N LYS A 62 12.76 -3.18 -1.37
CA LYS A 62 13.22 -3.82 -2.60
C LYS A 62 13.69 -5.25 -2.32
N LYS A 63 12.88 -6.22 -2.71
CA LYS A 63 13.22 -7.62 -2.49
C LYS A 63 14.35 -8.06 -3.41
N ASN A 64 15.57 -7.63 -3.06
CA ASN A 64 16.75 -7.96 -3.85
C ASN A 64 16.65 -7.37 -5.25
N SER A 1 5.24 -2.90 17.37
CA SER A 1 3.95 -2.16 17.48
C SER A 1 4.18 -0.67 17.71
N SER A 2 4.96 -0.35 18.74
CA SER A 2 5.26 1.04 19.07
C SER A 2 5.96 1.73 17.91
N GLY A 3 5.34 2.80 17.40
CA GLY A 3 5.92 3.52 16.29
C GLY A 3 5.62 5.00 16.35
N HIS A 4 5.12 5.56 15.24
CA HIS A 4 4.79 6.98 15.17
C HIS A 4 3.51 7.26 15.94
N ILE A 5 3.63 7.35 17.27
CA ILE A 5 2.49 7.62 18.14
C ILE A 5 1.25 6.84 17.72
N GLU A 6 1.21 5.56 18.10
CA GLU A 6 0.07 4.70 17.76
C GLU A 6 -0.02 4.51 16.27
N GLY A 7 -0.77 5.38 15.66
CA GLY A 7 -0.98 5.34 14.22
C GLY A 7 -2.21 6.11 13.78
N ARG A 8 -3.38 5.52 14.00
CA ARG A 8 -4.65 6.14 13.62
C ARG A 8 -4.59 6.69 12.20
N HIS A 9 -3.94 5.94 11.30
CA HIS A 9 -3.82 6.33 9.91
C HIS A 9 -3.54 5.13 9.02
N MET A 10 -4.31 5.01 7.93
CA MET A 10 -4.16 3.90 6.99
C MET A 10 -4.96 2.70 7.48
N ASN A 11 -5.17 1.73 6.61
CA ASN A 11 -5.93 0.55 6.98
C ASN A 11 -5.02 -0.51 7.61
N LYS A 12 -5.46 -1.08 8.71
CA LYS A 12 -4.70 -2.10 9.42
C LYS A 12 -4.58 -3.38 8.61
N GLN A 13 -5.68 -3.81 7.99
CA GLN A 13 -5.68 -5.04 7.20
C GLN A 13 -5.16 -4.80 5.77
N ALA A 14 -5.57 -3.69 5.15
CA ALA A 14 -5.13 -3.40 3.80
C ALA A 14 -3.62 -3.54 3.67
N THR A 15 -2.92 -3.17 4.73
CA THR A 15 -1.47 -3.27 4.78
C THR A 15 -1.01 -4.67 4.40
N GLU A 16 -1.80 -5.66 4.78
CA GLU A 16 -1.49 -7.04 4.49
C GLU A 16 -1.79 -7.32 3.03
N ILE A 17 -2.82 -6.65 2.53
CA ILE A 17 -3.23 -6.76 1.15
C ILE A 17 -2.20 -6.08 0.26
N LEU A 18 -1.68 -4.96 0.77
CA LEU A 18 -0.68 -4.19 0.08
C LEU A 18 0.68 -4.85 0.23
N ASN A 19 0.97 -5.33 1.43
CA ASN A 19 2.24 -6.01 1.70
C ASN A 19 2.29 -7.30 0.91
N GLU A 20 1.17 -8.03 0.93
CA GLU A 20 1.09 -9.28 0.19
C GLU A 20 1.08 -8.99 -1.31
N TYR A 21 0.52 -7.84 -1.68
CA TYR A 21 0.47 -7.45 -3.09
C TYR A 21 1.82 -6.86 -3.52
N PHE A 22 2.51 -6.24 -2.59
CA PHE A 22 3.81 -5.62 -2.85
C PHE A 22 4.93 -6.64 -2.74
N TYR A 23 4.78 -7.58 -1.82
CA TYR A 23 5.78 -8.62 -1.61
C TYR A 23 5.66 -9.72 -2.66
N SER A 24 4.54 -10.41 -2.67
CA SER A 24 4.25 -11.47 -3.64
C SER A 24 4.80 -11.08 -5.00
N HIS A 25 4.64 -9.80 -5.27
CA HIS A 25 5.04 -9.19 -6.51
C HIS A 25 6.23 -8.27 -6.30
N LEU A 26 7.13 -8.66 -5.43
CA LEU A 26 8.31 -7.88 -5.12
C LEU A 26 9.27 -7.83 -6.30
N SER A 27 9.23 -8.87 -7.14
CA SER A 27 10.09 -8.94 -8.31
C SER A 27 9.72 -7.84 -9.30
N ASN A 28 8.45 -7.44 -9.27
CA ASN A 28 7.94 -6.39 -10.15
C ASN A 28 6.86 -5.59 -9.44
N PRO A 29 7.23 -4.82 -8.41
CA PRO A 29 6.30 -4.02 -7.62
C PRO A 29 5.86 -2.74 -8.34
N TYR A 30 5.35 -2.90 -9.55
CA TYR A 30 4.89 -1.75 -10.33
C TYR A 30 3.44 -1.94 -10.77
N PRO A 31 2.51 -1.91 -9.81
CA PRO A 31 1.08 -2.07 -10.09
C PRO A 31 0.51 -0.90 -10.89
N SER A 32 -0.01 -1.19 -12.08
CA SER A 32 -0.59 -0.16 -12.93
C SER A 32 -1.63 0.65 -12.17
N GLU A 33 -2.11 1.72 -12.81
CA GLU A 33 -3.12 2.58 -12.20
C GLU A 33 -4.33 1.77 -11.72
N GLU A 34 -4.67 0.75 -12.50
CA GLU A 34 -5.81 -0.11 -12.17
C GLU A 34 -5.55 -0.89 -10.88
N ALA A 35 -4.41 -1.59 -10.84
CA ALA A 35 -4.05 -2.38 -9.67
C ALA A 35 -3.98 -1.52 -8.42
N LYS A 36 -3.43 -0.31 -8.57
CA LYS A 36 -3.31 0.62 -7.46
C LYS A 36 -4.68 1.21 -7.14
N GLU A 37 -5.29 1.83 -8.13
CA GLU A 37 -6.61 2.42 -7.97
C GLU A 37 -7.60 1.37 -7.48
N GLU A 38 -7.30 0.11 -7.76
CA GLU A 38 -8.17 -0.99 -7.35
C GLU A 38 -8.05 -1.23 -5.85
N LEU A 39 -6.84 -1.55 -5.38
CA LEU A 39 -6.61 -1.78 -3.96
C LEU A 39 -7.14 -0.61 -3.15
N ALA A 40 -6.82 0.60 -3.60
CA ALA A 40 -7.25 1.80 -2.93
C ALA A 40 -8.77 1.82 -2.76
N LYS A 41 -9.49 1.72 -3.89
CA LYS A 41 -10.95 1.70 -3.86
C LYS A 41 -11.49 0.38 -3.32
N LYS A 42 -10.60 -0.59 -3.12
CA LYS A 42 -11.02 -1.89 -2.60
C LYS A 42 -11.29 -1.79 -1.11
N CYS A 43 -10.51 -0.97 -0.43
CA CYS A 43 -10.67 -0.76 1.01
C CYS A 43 -11.58 0.43 1.28
N GLY A 44 -11.65 1.33 0.31
CA GLY A 44 -12.47 2.52 0.46
C GLY A 44 -11.65 3.65 1.08
N ILE A 45 -10.35 3.61 0.87
CA ILE A 45 -9.45 4.63 1.41
C ILE A 45 -9.21 5.75 0.42
N THR A 46 -7.99 5.82 -0.07
CA THR A 46 -7.57 6.82 -1.03
C THR A 46 -6.30 6.34 -1.66
N VAL A 47 -6.23 6.45 -2.95
CA VAL A 47 -5.09 5.98 -3.66
C VAL A 47 -3.79 6.44 -3.05
N SER A 48 -3.73 7.66 -2.57
CA SER A 48 -2.49 8.11 -1.96
C SER A 48 -2.12 7.16 -0.83
N GLN A 49 -3.14 6.57 -0.20
CA GLN A 49 -2.89 5.58 0.85
C GLN A 49 -2.12 4.45 0.21
N VAL A 50 -2.50 4.15 -1.03
CA VAL A 50 -1.87 3.15 -1.85
C VAL A 50 -0.72 3.80 -2.63
N SER A 51 -1.07 4.81 -3.44
CA SER A 51 -0.10 5.56 -4.23
C SER A 51 1.21 5.79 -3.48
N ASN A 52 1.10 6.30 -2.26
CA ASN A 52 2.27 6.60 -1.44
C ASN A 52 2.89 5.35 -0.82
N TRP A 53 2.06 4.49 -0.22
CA TRP A 53 2.55 3.27 0.44
C TRP A 53 3.57 2.54 -0.41
N PHE A 54 3.31 2.42 -1.70
CA PHE A 54 4.20 1.69 -2.59
C PHE A 54 5.47 2.48 -2.85
N GLY A 55 5.32 3.70 -3.34
CA GLY A 55 6.48 4.54 -3.61
C GLY A 55 7.17 5.00 -2.35
N ASN A 56 6.57 4.74 -1.20
CA ASN A 56 7.12 5.12 0.09
C ASN A 56 7.88 3.98 0.72
N LYS A 57 7.33 2.77 0.59
CA LYS A 57 7.96 1.57 1.15
C LYS A 57 9.04 1.01 0.23
N ARG A 58 8.93 1.30 -1.06
CA ARG A 58 9.91 0.83 -2.03
C ARG A 58 11.30 1.40 -1.73
N ILE A 59 11.35 2.41 -0.87
CA ILE A 59 12.60 3.05 -0.51
C ILE A 59 13.62 2.07 0.08
N ARG A 60 13.26 1.44 1.19
CA ARG A 60 14.09 0.47 1.88
C ARG A 60 13.22 -0.31 2.84
N TYR A 61 12.26 -1.03 2.29
CA TYR A 61 11.32 -1.80 3.10
C TYR A 61 11.99 -2.92 3.91
N LYS A 62 13.31 -2.86 4.03
CA LYS A 62 14.06 -3.85 4.80
C LYS A 62 13.64 -5.28 4.45
N LYS A 63 13.96 -5.71 3.23
CA LYS A 63 13.62 -7.05 2.79
C LYS A 63 14.47 -7.44 1.57
N ASN A 64 15.74 -7.71 1.82
CA ASN A 64 16.65 -8.09 0.75
C ASN A 64 16.72 -7.01 -0.32
N SER A 1 3.77 14.99 24.30
CA SER A 1 3.05 16.10 23.62
C SER A 1 3.50 16.24 22.17
N SER A 2 2.59 15.97 21.23
CA SER A 2 2.88 16.07 19.82
C SER A 2 3.99 15.08 19.43
N GLY A 3 3.62 13.81 19.33
CA GLY A 3 4.59 12.79 18.98
C GLY A 3 4.52 12.42 17.51
N HIS A 4 4.21 11.15 17.23
CA HIS A 4 4.12 10.67 15.85
C HIS A 4 3.19 9.47 15.75
N ILE A 5 1.91 9.70 16.03
CA ILE A 5 0.91 8.63 15.98
C ILE A 5 -0.48 9.20 15.69
N GLU A 6 -0.66 9.70 14.48
CA GLU A 6 -1.93 10.28 14.06
C GLU A 6 -2.84 9.17 13.52
N GLY A 7 -3.63 9.51 12.50
CA GLY A 7 -4.53 8.54 11.91
C GLY A 7 -4.75 8.78 10.43
N ARG A 8 -4.14 7.94 9.61
CA ARG A 8 -4.26 8.06 8.16
C ARG A 8 -5.61 7.50 7.67
N HIS A 9 -5.94 7.81 6.42
CA HIS A 9 -7.20 7.34 5.84
C HIS A 9 -7.06 5.93 5.26
N MET A 10 -6.02 5.21 5.69
CA MET A 10 -5.79 3.84 5.23
C MET A 10 -6.75 2.89 5.93
N ASN A 11 -6.29 1.68 6.22
CA ASN A 11 -7.13 0.71 6.90
C ASN A 11 -6.31 -0.14 7.86
N LYS A 12 -7.00 -1.02 8.59
CA LYS A 12 -6.35 -1.89 9.55
C LYS A 12 -5.42 -2.90 8.88
N GLN A 13 -6.00 -3.95 8.31
CA GLN A 13 -5.22 -4.99 7.66
C GLN A 13 -4.85 -4.62 6.22
N ALA A 14 -5.46 -3.57 5.69
CA ALA A 14 -5.18 -3.15 4.32
C ALA A 14 -3.67 -3.08 4.07
N THR A 15 -2.94 -2.57 5.05
CA THR A 15 -1.49 -2.48 4.95
C THR A 15 -0.90 -3.86 4.71
N GLU A 16 -1.55 -4.87 5.27
CA GLU A 16 -1.11 -6.24 5.12
C GLU A 16 -1.54 -6.74 3.75
N ILE A 17 -2.64 -6.16 3.27
CA ILE A 17 -3.17 -6.46 1.96
C ILE A 17 -2.22 -5.90 0.92
N LEU A 18 -1.68 -4.72 1.25
CA LEU A 18 -0.74 -4.03 0.40
C LEU A 18 0.63 -4.67 0.54
N ASN A 19 0.95 -5.10 1.76
CA ASN A 19 2.23 -5.75 2.02
C ASN A 19 2.25 -7.08 1.32
N GLU A 20 1.15 -7.82 1.45
CA GLU A 20 1.01 -9.10 0.79
C GLU A 20 0.96 -8.90 -0.71
N TYR A 21 0.43 -7.75 -1.13
CA TYR A 21 0.34 -7.42 -2.55
C TYR A 21 1.69 -6.92 -3.07
N PHE A 22 2.44 -6.30 -2.18
CA PHE A 22 3.76 -5.76 -2.53
C PHE A 22 4.78 -6.88 -2.69
N TYR A 23 4.72 -7.86 -1.80
CA TYR A 23 5.65 -8.98 -1.82
C TYR A 23 5.26 -9.98 -2.93
N SER A 24 4.07 -10.57 -2.79
CA SER A 24 3.55 -11.53 -3.75
C SER A 24 3.90 -11.10 -5.16
N HIS A 25 3.65 -9.83 -5.38
CA HIS A 25 3.86 -9.18 -6.66
C HIS A 25 5.08 -8.26 -6.61
N LEU A 26 6.05 -8.64 -5.78
CA LEU A 26 7.26 -7.85 -5.62
C LEU A 26 8.00 -7.69 -6.94
N SER A 27 7.70 -8.56 -7.90
CA SER A 27 8.34 -8.48 -9.22
C SER A 27 8.01 -7.13 -9.86
N ASN A 28 6.88 -6.56 -9.46
CA ASN A 28 6.43 -5.27 -9.98
C ASN A 28 5.71 -4.49 -8.89
N PRO A 29 6.46 -3.93 -7.93
CA PRO A 29 5.90 -3.16 -6.81
C PRO A 29 5.31 -1.83 -7.23
N TYR A 30 5.37 -1.52 -8.52
CA TYR A 30 4.84 -0.27 -9.03
C TYR A 30 3.49 -0.49 -9.72
N PRO A 31 2.41 -0.55 -8.92
CA PRO A 31 1.06 -0.78 -9.45
C PRO A 31 0.63 0.30 -10.43
N SER A 32 0.38 -0.10 -11.67
CA SER A 32 -0.05 0.83 -12.70
C SER A 32 -1.39 1.46 -12.33
N GLU A 33 -2.04 2.07 -13.31
CA GLU A 33 -3.34 2.70 -13.08
C GLU A 33 -4.38 1.67 -12.68
N GLU A 34 -4.36 0.51 -13.35
CA GLU A 34 -5.31 -0.55 -13.07
C GLU A 34 -5.02 -1.22 -11.73
N ALA A 35 -3.76 -1.18 -11.30
CA ALA A 35 -3.36 -1.78 -10.03
C ALA A 35 -3.69 -0.87 -8.86
N LYS A 36 -3.25 0.37 -8.93
CA LYS A 36 -3.52 1.34 -7.87
C LYS A 36 -5.01 1.48 -7.66
N GLU A 37 -5.75 1.53 -8.77
CA GLU A 37 -7.20 1.64 -8.72
C GLU A 37 -7.81 0.40 -8.09
N GLU A 38 -7.12 -0.74 -8.23
CA GLU A 38 -7.60 -1.99 -7.69
C GLU A 38 -7.42 -1.99 -6.17
N LEU A 39 -6.20 -1.72 -5.72
CA LEU A 39 -5.92 -1.67 -4.29
C LEU A 39 -6.80 -0.62 -3.63
N ALA A 40 -7.08 0.44 -4.36
CA ALA A 40 -7.91 1.53 -3.86
C ALA A 40 -9.29 1.02 -3.43
N LYS A 41 -9.85 0.09 -4.21
CA LYS A 41 -11.17 -0.46 -3.90
C LYS A 41 -11.09 -1.45 -2.75
N LYS A 42 -10.11 -2.35 -2.79
CA LYS A 42 -9.94 -3.36 -1.75
C LYS A 42 -10.06 -2.74 -0.35
N CYS A 43 -9.33 -1.65 -0.13
CA CYS A 43 -9.35 -0.97 1.16
C CYS A 43 -10.37 0.16 1.17
N GLY A 44 -10.90 0.50 -0.01
CA GLY A 44 -11.88 1.56 -0.09
C GLY A 44 -11.34 2.89 0.40
N ILE A 45 -10.06 3.13 0.12
CA ILE A 45 -9.40 4.35 0.54
C ILE A 45 -9.18 5.29 -0.66
N THR A 46 -7.94 5.72 -0.83
CA THR A 46 -7.56 6.57 -1.92
C THR A 46 -6.17 6.18 -2.29
N VAL A 47 -5.95 6.01 -3.56
CA VAL A 47 -4.67 5.55 -4.03
C VAL A 47 -3.51 6.27 -3.42
N SER A 48 -3.66 7.51 -3.04
CA SER A 48 -2.54 8.18 -2.40
C SER A 48 -2.11 7.37 -1.19
N GLN A 49 -3.09 6.70 -0.56
CA GLN A 49 -2.79 5.82 0.57
C GLN A 49 -1.88 4.72 0.03
N VAL A 50 -2.21 4.28 -1.17
CA VAL A 50 -1.45 3.27 -1.89
C VAL A 50 -0.25 3.95 -2.55
N SER A 51 -0.55 4.95 -3.39
CA SER A 51 0.47 5.73 -4.09
C SER A 51 1.68 5.96 -3.21
N ASN A 52 1.44 6.44 -1.99
CA ASN A 52 2.51 6.72 -1.04
C ASN A 52 3.06 5.44 -0.41
N TRP A 53 2.17 4.51 -0.08
CA TRP A 53 2.56 3.24 0.55
C TRP A 53 3.73 2.61 -0.19
N PHE A 54 3.53 2.36 -1.48
CA PHE A 54 4.54 1.72 -2.29
C PHE A 54 5.72 2.64 -2.52
N GLY A 55 5.47 3.94 -2.49
CA GLY A 55 6.54 4.90 -2.69
C GLY A 55 7.80 4.58 -1.89
N ASN A 56 7.64 4.38 -0.59
CA ASN A 56 8.74 4.04 0.29
C ASN A 56 8.76 2.54 0.53
N LYS A 57 7.60 2.02 0.91
CA LYS A 57 7.47 0.60 1.16
C LYS A 57 7.95 -0.22 -0.04
N ARG A 58 8.12 0.43 -1.19
CA ARG A 58 8.62 -0.25 -2.36
C ARG A 58 9.96 -0.86 -1.98
N ILE A 59 10.67 -0.15 -1.11
CA ILE A 59 11.93 -0.66 -0.64
C ILE A 59 11.69 -1.50 0.62
N ARG A 60 11.84 -0.89 1.78
CA ARG A 60 11.59 -1.54 3.08
C ARG A 60 12.30 -2.87 3.31
N TYR A 61 12.54 -3.59 2.25
CA TYR A 61 13.17 -4.90 2.33
C TYR A 61 14.70 -4.85 2.18
N LYS A 62 15.28 -3.70 2.49
CA LYS A 62 16.72 -3.52 2.40
C LYS A 62 17.18 -2.51 3.46
N LYS A 63 18.19 -1.73 3.14
CA LYS A 63 18.70 -0.72 4.06
C LYS A 63 19.52 0.33 3.31
N ASN A 64 19.17 0.54 2.04
CA ASN A 64 19.86 1.52 1.21
C ASN A 64 19.24 2.90 1.35
N SER A 1 10.02 19.21 4.00
CA SER A 1 9.79 18.06 4.92
C SER A 1 8.62 18.33 5.86
N SER A 2 7.42 17.92 5.44
CA SER A 2 6.23 18.12 6.25
C SER A 2 5.69 16.78 6.75
N GLY A 3 4.62 16.84 7.53
CA GLY A 3 4.02 15.63 8.07
C GLY A 3 2.94 15.92 9.10
N HIS A 4 2.33 14.87 9.63
CA HIS A 4 1.28 15.01 10.63
C HIS A 4 1.31 13.85 11.61
N ILE A 5 2.46 13.68 12.28
CA ILE A 5 2.63 12.61 13.26
C ILE A 5 2.10 11.28 12.74
N GLU A 6 2.34 11.01 11.47
CA GLU A 6 1.88 9.77 10.84
C GLU A 6 0.43 9.45 11.21
N GLY A 7 -0.51 9.97 10.44
CA GLY A 7 -1.91 9.72 10.72
C GLY A 7 -2.74 9.60 9.45
N ARG A 8 -2.26 8.80 8.50
CA ARG A 8 -2.95 8.60 7.24
C ARG A 8 -4.11 7.62 7.38
N HIS A 9 -4.35 7.13 8.59
CA HIS A 9 -5.43 6.19 8.84
C HIS A 9 -5.21 4.90 8.07
N MET A 10 -3.96 4.58 7.78
CA MET A 10 -3.60 3.37 7.07
C MET A 10 -3.63 2.17 8.01
N ASN A 11 -4.74 1.44 8.00
CA ASN A 11 -4.87 0.29 8.88
C ASN A 11 -4.30 -0.97 8.22
N LYS A 12 -3.83 -1.88 9.05
CA LYS A 12 -3.22 -3.13 8.60
C LYS A 12 -4.08 -3.88 7.58
N GLN A 13 -5.36 -3.58 7.52
CA GLN A 13 -6.25 -4.26 6.59
C GLN A 13 -5.77 -4.08 5.15
N ALA A 14 -5.40 -2.86 4.80
CA ALA A 14 -4.93 -2.56 3.46
C ALA A 14 -3.42 -2.73 3.40
N THR A 15 -2.74 -2.21 4.40
CA THR A 15 -1.30 -2.30 4.49
C THR A 15 -0.85 -3.76 4.34
N GLU A 16 -1.72 -4.67 4.78
CA GLU A 16 -1.44 -6.09 4.66
C GLU A 16 -1.76 -6.53 3.24
N ILE A 17 -2.82 -5.95 2.70
CA ILE A 17 -3.23 -6.21 1.34
C ILE A 17 -2.16 -5.70 0.38
N LEU A 18 -1.60 -4.55 0.74
CA LEU A 18 -0.56 -3.91 -0.04
C LEU A 18 0.77 -4.58 0.22
N ASN A 19 1.03 -4.89 1.49
CA ASN A 19 2.26 -5.57 1.88
C ASN A 19 2.30 -6.95 1.26
N GLU A 20 1.18 -7.66 1.38
CA GLU A 20 1.06 -8.99 0.82
C GLU A 20 1.03 -8.91 -0.70
N TYR A 21 0.49 -7.81 -1.21
CA TYR A 21 0.42 -7.60 -2.66
C TYR A 21 1.77 -7.18 -3.21
N PHE A 22 2.52 -6.43 -2.40
CA PHE A 22 3.82 -5.93 -2.78
C PHE A 22 4.83 -7.08 -2.88
N TYR A 23 5.17 -7.65 -1.72
CA TYR A 23 6.10 -8.75 -1.65
C TYR A 23 5.72 -9.87 -2.61
N SER A 24 4.49 -10.39 -2.47
CA SER A 24 3.96 -11.43 -3.35
C SER A 24 4.41 -11.17 -4.77
N HIS A 25 4.41 -9.88 -5.10
CA HIS A 25 4.76 -9.39 -6.40
C HIS A 25 6.02 -8.53 -6.34
N LEU A 26 6.89 -8.84 -5.39
CA LEU A 26 8.12 -8.09 -5.21
C LEU A 26 9.04 -8.22 -6.42
N SER A 27 8.85 -9.28 -7.20
CA SER A 27 9.64 -9.49 -8.41
C SER A 27 9.42 -8.35 -9.39
N ASN A 28 8.26 -7.70 -9.28
CA ASN A 28 7.92 -6.58 -10.16
C ASN A 28 6.60 -5.94 -9.71
N PRO A 29 6.60 -5.32 -8.52
CA PRO A 29 5.41 -4.68 -7.96
C PRO A 29 5.23 -3.24 -8.43
N TYR A 30 4.65 -3.07 -9.62
CA TYR A 30 4.42 -1.74 -10.17
C TYR A 30 2.94 -1.53 -10.45
N PRO A 31 2.15 -1.31 -9.39
CA PRO A 31 0.70 -1.10 -9.50
C PRO A 31 0.36 0.13 -10.35
N SER A 32 0.18 -0.08 -11.65
CA SER A 32 -0.15 1.00 -12.56
C SER A 32 -1.49 1.62 -12.20
N GLU A 33 -2.06 2.38 -13.12
CA GLU A 33 -3.35 3.03 -12.89
C GLU A 33 -4.43 2.00 -12.56
N GLU A 34 -4.30 0.81 -13.13
CA GLU A 34 -5.26 -0.26 -12.89
C GLU A 34 -5.13 -0.81 -11.47
N ALA A 35 -3.94 -1.31 -11.15
CA ALA A 35 -3.69 -1.87 -9.82
C ALA A 35 -3.99 -0.84 -8.74
N LYS A 36 -3.51 0.38 -8.95
CA LYS A 36 -3.73 1.47 -7.99
C LYS A 36 -5.22 1.62 -7.72
N GLU A 37 -5.97 2.01 -8.74
CA GLU A 37 -7.41 2.18 -8.60
C GLU A 37 -8.05 0.90 -8.08
N GLU A 38 -7.38 -0.24 -8.29
CA GLU A 38 -7.88 -1.52 -7.84
C GLU A 38 -7.71 -1.66 -6.33
N LEU A 39 -6.46 -1.60 -5.86
CA LEU A 39 -6.18 -1.70 -4.43
C LEU A 39 -7.05 -0.75 -3.64
N ALA A 40 -7.17 0.48 -4.14
CA ALA A 40 -7.97 1.49 -3.48
C ALA A 40 -9.35 0.95 -3.10
N LYS A 41 -10.06 0.39 -4.08
CA LYS A 41 -11.39 -0.17 -3.86
C LYS A 41 -11.35 -1.30 -2.84
N LYS A 42 -10.33 -2.14 -2.89
CA LYS A 42 -10.20 -3.26 -1.97
C LYS A 42 -10.47 -2.83 -0.53
N CYS A 43 -9.78 -1.80 -0.08
CA CYS A 43 -9.95 -1.29 1.28
C CYS A 43 -10.97 -0.15 1.33
N GLY A 44 -11.12 0.56 0.22
CA GLY A 44 -12.07 1.67 0.17
C GLY A 44 -11.52 2.93 0.80
N ILE A 45 -10.23 3.17 0.62
CA ILE A 45 -9.57 4.34 1.16
C ILE A 45 -9.30 5.36 0.06
N THR A 46 -8.10 5.89 0.04
CA THR A 46 -7.66 6.83 -0.96
C THR A 46 -6.28 6.40 -1.37
N VAL A 47 -6.09 6.27 -2.64
CA VAL A 47 -4.86 5.79 -3.17
C VAL A 47 -3.65 6.48 -2.64
N SER A 48 -3.75 7.72 -2.25
CA SER A 48 -2.57 8.37 -1.68
C SER A 48 -2.07 7.53 -0.52
N GLN A 49 -2.99 6.83 0.14
CA GLN A 49 -2.61 5.92 1.22
C GLN A 49 -1.76 4.83 0.58
N VAL A 50 -2.21 4.41 -0.59
CA VAL A 50 -1.53 3.42 -1.41
C VAL A 50 -0.37 4.12 -2.11
N SER A 51 -0.70 5.14 -2.93
CA SER A 51 0.28 5.93 -3.66
C SER A 51 1.55 6.15 -2.84
N ASN A 52 1.37 6.62 -1.62
CA ASN A 52 2.49 6.89 -0.72
C ASN A 52 3.12 5.59 -0.23
N TRP A 53 2.29 4.59 0.01
CA TRP A 53 2.76 3.29 0.48
C TRP A 53 3.82 2.72 -0.45
N PHE A 54 3.43 2.49 -1.69
CA PHE A 54 4.33 1.92 -2.69
C PHE A 54 5.45 2.89 -3.05
N GLY A 55 5.30 4.13 -2.62
CA GLY A 55 6.31 5.13 -2.90
C GLY A 55 7.53 5.01 -1.99
N ASN A 56 7.28 4.82 -0.69
CA ASN A 56 8.34 4.66 0.29
C ASN A 56 8.53 3.19 0.58
N LYS A 57 7.41 2.51 0.80
CA LYS A 57 7.44 1.09 1.08
C LYS A 57 7.99 0.33 -0.13
N ARG A 58 8.17 1.04 -1.25
CA ARG A 58 8.73 0.44 -2.43
C ARG A 58 10.08 -0.12 -2.07
N ILE A 59 10.74 0.58 -1.15
CA ILE A 59 12.03 0.14 -0.68
C ILE A 59 11.84 -0.79 0.52
N ARG A 60 11.95 -0.23 1.72
CA ARG A 60 11.77 -0.96 2.99
C ARG A 60 12.56 -2.27 3.12
N TYR A 61 12.81 -2.91 2.00
CA TYR A 61 13.53 -4.18 1.99
C TYR A 61 15.03 -4.02 1.79
N LYS A 62 15.54 -2.82 2.02
CA LYS A 62 16.96 -2.56 1.87
C LYS A 62 17.37 -1.32 2.66
N LYS A 63 18.28 -1.51 3.61
CA LYS A 63 18.75 -0.41 4.44
C LYS A 63 19.77 0.44 3.68
N ASN A 64 19.34 0.98 2.54
CA ASN A 64 20.20 1.82 1.72
C ASN A 64 20.13 3.28 2.17
N SER A 1 -21.38 8.70 6.98
CA SER A 1 -20.63 7.44 6.75
C SER A 1 -20.22 6.79 8.06
N SER A 2 -21.01 5.82 8.52
CA SER A 2 -20.72 5.12 9.77
C SER A 2 -21.30 3.71 9.75
N GLY A 3 -20.48 2.74 10.15
CA GLY A 3 -20.94 1.36 10.17
C GLY A 3 -19.85 0.40 10.62
N HIS A 4 -19.04 0.84 11.58
CA HIS A 4 -17.96 0.01 12.10
C HIS A 4 -16.93 -0.28 11.02
N ILE A 5 -15.66 -0.28 11.40
CA ILE A 5 -14.58 -0.55 10.47
C ILE A 5 -14.56 0.47 9.35
N GLU A 6 -13.43 0.57 8.66
CA GLU A 6 -13.28 1.51 7.55
C GLU A 6 -13.35 2.95 8.05
N GLY A 7 -12.25 3.67 7.96
CA GLY A 7 -12.21 5.05 8.40
C GLY A 7 -12.08 6.04 7.25
N ARG A 8 -11.95 5.52 6.04
CA ARG A 8 -11.81 6.36 4.86
C ARG A 8 -10.55 7.22 4.94
N HIS A 9 -9.57 6.75 5.70
CA HIS A 9 -8.31 7.47 5.86
C HIS A 9 -7.21 6.54 6.33
N MET A 10 -6.69 5.73 5.40
CA MET A 10 -5.62 4.78 5.70
C MET A 10 -6.16 3.53 6.38
N ASN A 11 -6.12 2.42 5.67
CA ASN A 11 -6.61 1.15 6.20
C ASN A 11 -5.50 0.41 6.93
N LYS A 12 -5.75 0.08 8.19
CA LYS A 12 -4.77 -0.63 9.01
C LYS A 12 -4.51 -2.05 8.51
N GLN A 13 -5.58 -2.72 8.09
CA GLN A 13 -5.46 -4.09 7.60
C GLN A 13 -5.05 -4.12 6.13
N ALA A 14 -5.51 -3.13 5.36
CA ALA A 14 -5.18 -3.06 3.94
C ALA A 14 -3.67 -3.20 3.75
N THR A 15 -2.92 -2.73 4.74
CA THR A 15 -1.47 -2.82 4.71
C THR A 15 -1.04 -4.26 4.47
N GLU A 16 -1.85 -5.19 4.95
CA GLU A 16 -1.58 -6.61 4.78
C GLU A 16 -1.88 -7.00 3.35
N ILE A 17 -2.89 -6.35 2.81
CA ILE A 17 -3.30 -6.56 1.43
C ILE A 17 -2.28 -5.95 0.49
N LEU A 18 -1.83 -4.77 0.85
CA LEU A 18 -0.84 -4.04 0.08
C LEU A 18 0.53 -4.66 0.25
N ASN A 19 0.87 -4.98 1.49
CA ASN A 19 2.16 -5.60 1.80
C ASN A 19 2.22 -6.99 1.19
N GLU A 20 1.14 -7.74 1.36
CA GLU A 20 1.06 -9.08 0.79
C GLU A 20 0.99 -9.00 -0.72
N TYR A 21 0.44 -7.90 -1.23
CA TYR A 21 0.33 -7.72 -2.68
C TYR A 21 1.65 -7.25 -3.26
N PHE A 22 2.33 -6.35 -2.54
CA PHE A 22 3.60 -5.81 -2.99
C PHE A 22 4.71 -6.85 -2.91
N TYR A 23 4.96 -7.36 -1.70
CA TYR A 23 5.99 -8.36 -1.48
C TYR A 23 5.86 -9.50 -2.49
N SER A 24 4.75 -10.24 -2.42
CA SER A 24 4.47 -11.34 -3.34
C SER A 24 4.93 -10.99 -4.73
N HIS A 25 4.72 -9.73 -5.06
CA HIS A 25 5.05 -9.17 -6.35
C HIS A 25 6.29 -8.30 -6.27
N LEU A 26 7.22 -8.70 -5.43
CA LEU A 26 8.47 -7.96 -5.23
C LEU A 26 9.37 -8.05 -6.46
N SER A 27 9.03 -8.94 -7.38
CA SER A 27 9.81 -9.11 -8.61
C SER A 27 9.47 -8.01 -9.60
N ASN A 28 8.20 -7.57 -9.57
CA ASN A 28 7.72 -6.52 -10.45
C ASN A 28 6.57 -5.76 -9.79
N PRO A 29 6.83 -5.18 -8.61
CA PRO A 29 5.81 -4.43 -7.86
C PRO A 29 5.65 -2.99 -8.35
N TYR A 30 4.99 -2.82 -9.47
CA TYR A 30 4.76 -1.50 -10.03
C TYR A 30 3.31 -1.33 -10.45
N PRO A 31 2.37 -1.40 -9.48
CA PRO A 31 0.94 -1.25 -9.74
C PRO A 31 0.62 -0.03 -10.59
N SER A 32 0.16 -0.26 -11.81
CA SER A 32 -0.18 0.83 -12.72
C SER A 32 -1.41 1.57 -12.22
N GLU A 33 -1.88 2.55 -13.00
CA GLU A 33 -3.05 3.33 -12.64
C GLU A 33 -4.24 2.42 -12.35
N GLU A 34 -4.40 1.40 -13.18
CA GLU A 34 -5.50 0.45 -13.02
C GLU A 34 -5.30 -0.43 -11.79
N ALA A 35 -4.04 -0.59 -11.38
CA ALA A 35 -3.72 -1.40 -10.22
C ALA A 35 -3.90 -0.62 -8.93
N LYS A 36 -3.25 0.53 -8.84
CA LYS A 36 -3.35 1.38 -7.67
C LYS A 36 -4.81 1.70 -7.36
N GLU A 37 -5.57 2.01 -8.41
CA GLU A 37 -6.98 2.30 -8.25
C GLU A 37 -7.71 1.08 -7.70
N GLU A 38 -7.34 -0.09 -8.19
CA GLU A 38 -7.94 -1.33 -7.75
C GLU A 38 -7.73 -1.52 -6.24
N LEU A 39 -6.47 -1.43 -5.81
CA LEU A 39 -6.14 -1.56 -4.40
C LEU A 39 -6.89 -0.53 -3.59
N ALA A 40 -6.94 0.70 -4.10
CA ALA A 40 -7.65 1.78 -3.43
C ALA A 40 -9.05 1.34 -3.05
N LYS A 41 -9.60 0.41 -3.83
CA LYS A 41 -10.93 -0.12 -3.56
C LYS A 41 -10.88 -1.07 -2.38
N LYS A 42 -9.79 -1.82 -2.28
CA LYS A 42 -9.60 -2.77 -1.19
C LYS A 42 -9.80 -2.06 0.15
N CYS A 43 -9.11 -0.94 0.32
CA CYS A 43 -9.23 -0.15 1.53
C CYS A 43 -10.30 0.93 1.33
N GLY A 44 -10.70 1.12 0.07
CA GLY A 44 -11.70 2.12 -0.25
C GLY A 44 -11.45 3.43 0.45
N ILE A 45 -10.19 3.85 0.48
CA ILE A 45 -9.84 5.10 1.16
C ILE A 45 -9.47 6.20 0.19
N THR A 46 -8.31 6.09 -0.36
CA THR A 46 -7.78 7.00 -1.33
C THR A 46 -6.56 6.36 -1.90
N VAL A 47 -6.34 6.47 -3.18
CA VAL A 47 -5.22 5.86 -3.78
C VAL A 47 -3.95 6.09 -3.01
N SER A 48 -3.86 7.21 -2.32
CA SER A 48 -2.66 7.47 -1.54
C SER A 48 -2.42 6.30 -0.58
N GLN A 49 -3.48 5.58 -0.22
CA GLN A 49 -3.31 4.41 0.63
C GLN A 49 -2.36 3.51 -0.12
N VAL A 50 -2.69 3.39 -1.40
CA VAL A 50 -1.91 2.63 -2.34
C VAL A 50 -0.78 3.51 -2.89
N SER A 51 -1.15 4.60 -3.57
CA SER A 51 -0.18 5.54 -4.14
C SER A 51 1.00 5.77 -3.21
N ASN A 52 0.72 6.11 -1.96
CA ASN A 52 1.78 6.40 -0.99
C ASN A 52 2.46 5.13 -0.46
N TRP A 53 1.67 4.10 -0.17
CA TRP A 53 2.21 2.86 0.37
C TRP A 53 3.36 2.31 -0.49
N PHE A 54 3.07 2.10 -1.77
CA PHE A 54 4.06 1.56 -2.68
C PHE A 54 5.16 2.58 -2.95
N GLY A 55 4.82 3.85 -2.79
CA GLY A 55 5.79 4.90 -3.02
C GLY A 55 7.01 4.77 -2.13
N ASN A 56 6.79 4.67 -0.82
CA ASN A 56 7.88 4.56 0.14
C ASN A 56 8.15 3.10 0.53
N LYS A 57 7.09 2.37 0.85
CA LYS A 57 7.21 0.97 1.25
C LYS A 57 7.98 0.15 0.21
N ARG A 58 8.05 0.65 -1.02
CA ARG A 58 8.76 -0.06 -2.07
C ARG A 58 10.26 0.05 -1.83
N ILE A 59 10.67 1.19 -1.29
CA ILE A 59 12.06 1.43 -1.00
C ILE A 59 12.42 0.94 0.39
N ARG A 60 11.40 0.62 1.17
CA ARG A 60 11.59 0.12 2.52
C ARG A 60 12.02 -1.32 2.50
N TYR A 61 12.59 -1.75 1.39
CA TYR A 61 13.00 -3.12 1.23
C TYR A 61 14.46 -3.36 1.60
N LYS A 62 15.31 -3.23 0.62
CA LYS A 62 16.74 -3.44 0.77
C LYS A 62 17.05 -4.57 1.75
N LYS A 63 16.49 -5.75 1.48
CA LYS A 63 16.70 -6.91 2.33
C LYS A 63 18.08 -7.53 2.09
N ASN A 64 19.12 -6.74 2.35
CA ASN A 64 20.49 -7.20 2.16
C ASN A 64 20.73 -7.62 0.72
N SER A 1 -26.98 -13.59 -7.14
CA SER A 1 -26.45 -14.98 -7.15
C SER A 1 -25.43 -15.17 -8.27
N SER A 2 -25.66 -14.51 -9.40
CA SER A 2 -24.76 -14.62 -10.54
C SER A 2 -24.08 -13.28 -10.83
N GLY A 3 -22.80 -13.20 -10.52
CA GLY A 3 -22.05 -11.97 -10.75
C GLY A 3 -20.57 -12.13 -10.44
N HIS A 4 -20.03 -13.30 -10.73
CA HIS A 4 -18.61 -13.57 -10.49
C HIS A 4 -18.29 -13.44 -9.01
N ILE A 5 -17.21 -14.09 -8.58
CA ILE A 5 -16.78 -14.04 -7.19
C ILE A 5 -15.90 -12.83 -6.93
N GLU A 6 -16.34 -11.97 -6.01
CA GLU A 6 -15.60 -10.77 -5.66
C GLU A 6 -14.56 -11.08 -4.59
N GLY A 7 -14.34 -10.14 -3.68
CA GLY A 7 -13.37 -10.34 -2.62
C GLY A 7 -12.51 -9.11 -2.39
N ARG A 8 -12.74 -8.43 -1.28
CA ARG A 8 -11.98 -7.23 -0.94
C ARG A 8 -10.59 -7.59 -0.41
N HIS A 9 -10.54 -8.04 0.84
CA HIS A 9 -9.28 -8.42 1.49
C HIS A 9 -8.52 -7.22 2.03
N MET A 10 -8.58 -6.09 1.32
CA MET A 10 -7.89 -4.87 1.77
C MET A 10 -8.67 -4.22 2.91
N ASN A 11 -8.85 -4.97 3.99
CA ASN A 11 -9.57 -4.47 5.15
C ASN A 11 -8.58 -3.83 6.11
N LYS A 12 -8.82 -3.94 7.42
CA LYS A 12 -7.92 -3.37 8.41
C LYS A 12 -6.48 -3.75 8.08
N GLN A 13 -6.31 -4.97 7.59
CA GLN A 13 -5.00 -5.49 7.19
C GLN A 13 -4.65 -5.06 5.77
N ALA A 14 -5.14 -3.91 5.35
CA ALA A 14 -4.88 -3.41 4.00
C ALA A 14 -3.38 -3.31 3.73
N THR A 15 -2.66 -2.65 4.61
CA THR A 15 -1.22 -2.52 4.46
C THR A 15 -0.58 -3.91 4.34
N GLU A 16 -1.26 -4.91 4.89
CA GLU A 16 -0.79 -6.28 4.81
C GLU A 16 -1.16 -6.85 3.46
N ILE A 17 -2.25 -6.33 2.91
CA ILE A 17 -2.73 -6.72 1.61
C ILE A 17 -1.77 -6.17 0.57
N LEU A 18 -1.39 -4.93 0.78
CA LEU A 18 -0.45 -4.23 -0.08
C LEU A 18 0.92 -4.84 0.09
N ASN A 19 1.25 -5.19 1.33
CA ASN A 19 2.53 -5.81 1.63
C ASN A 19 2.55 -7.19 0.99
N GLU A 20 1.53 -7.98 1.28
CA GLU A 20 1.42 -9.30 0.70
C GLU A 20 1.38 -9.20 -0.82
N TYR A 21 0.86 -8.08 -1.32
CA TYR A 21 0.80 -7.85 -2.76
C TYR A 21 2.17 -7.45 -3.28
N PHE A 22 2.63 -6.29 -2.84
CA PHE A 22 3.93 -5.77 -3.24
C PHE A 22 5.03 -6.83 -3.15
N TYR A 23 4.94 -7.65 -2.11
CA TYR A 23 5.91 -8.71 -1.88
C TYR A 23 5.66 -9.91 -2.80
N SER A 24 4.43 -10.44 -2.76
CA SER A 24 4.03 -11.58 -3.58
C SER A 24 4.63 -11.46 -4.95
N HIS A 25 4.68 -10.22 -5.40
CA HIS A 25 5.17 -9.88 -6.70
C HIS A 25 6.30 -8.85 -6.60
N LEU A 26 7.11 -8.99 -5.56
CA LEU A 26 8.23 -8.10 -5.30
C LEU A 26 9.27 -8.14 -6.42
N SER A 27 9.14 -9.11 -7.32
CA SER A 27 10.08 -9.24 -8.43
C SER A 27 9.90 -8.07 -9.40
N ASN A 28 8.67 -7.59 -9.50
CA ASN A 28 8.33 -6.47 -10.36
C ASN A 28 7.14 -5.71 -9.78
N PRO A 29 7.35 -5.05 -8.63
CA PRO A 29 6.31 -4.29 -7.94
C PRO A 29 6.03 -2.94 -8.57
N TYR A 30 5.32 -2.94 -9.68
CA TYR A 30 4.98 -1.70 -10.37
C TYR A 30 3.50 -1.68 -10.74
N PRO A 31 2.62 -1.79 -9.72
CA PRO A 31 1.17 -1.79 -9.93
C PRO A 31 0.70 -0.59 -10.74
N SER A 32 0.33 -0.84 -12.00
CA SER A 32 -0.14 0.23 -12.87
C SER A 32 -1.27 1.02 -12.22
N GLU A 33 -1.77 2.01 -12.94
CA GLU A 33 -2.86 2.83 -12.42
C GLU A 33 -4.07 1.97 -12.02
N GLU A 34 -4.19 0.81 -12.67
CA GLU A 34 -5.30 -0.10 -12.38
C GLU A 34 -5.15 -0.75 -11.01
N ALA A 35 -3.99 -1.38 -10.79
CA ALA A 35 -3.73 -2.05 -9.52
C ALA A 35 -3.96 -1.12 -8.33
N LYS A 36 -3.28 0.01 -8.33
CA LYS A 36 -3.40 0.99 -7.27
C LYS A 36 -4.86 1.37 -7.05
N GLU A 37 -5.49 1.94 -8.07
CA GLU A 37 -6.89 2.34 -7.99
C GLU A 37 -7.74 1.15 -7.53
N GLU A 38 -7.45 -0.03 -8.08
CA GLU A 38 -8.16 -1.25 -7.73
C GLU A 38 -8.17 -1.45 -6.22
N LEU A 39 -6.98 -1.55 -5.64
CA LEU A 39 -6.84 -1.73 -4.20
C LEU A 39 -7.53 -0.59 -3.46
N ALA A 40 -7.32 0.62 -3.96
CA ALA A 40 -7.92 1.80 -3.38
C ALA A 40 -9.42 1.63 -3.17
N LYS A 41 -10.04 0.82 -4.04
CA LYS A 41 -11.47 0.58 -3.96
C LYS A 41 -11.82 -0.38 -2.82
N LYS A 42 -11.00 -1.42 -2.64
CA LYS A 42 -11.25 -2.40 -1.58
C LYS A 42 -11.53 -1.73 -0.25
N CYS A 43 -10.59 -0.92 0.21
CA CYS A 43 -10.73 -0.22 1.48
C CYS A 43 -11.57 1.05 1.32
N GLY A 44 -11.72 1.52 0.09
CA GLY A 44 -12.47 2.72 -0.14
C GLY A 44 -11.81 3.91 0.52
N ILE A 45 -10.48 3.94 0.47
CA ILE A 45 -9.70 5.01 1.08
C ILE A 45 -9.38 6.10 0.05
N THR A 46 -8.12 6.43 -0.06
CA THR A 46 -7.64 7.41 -1.00
C THR A 46 -6.36 6.86 -1.54
N VAL A 47 -6.22 6.90 -2.82
CA VAL A 47 -5.08 6.35 -3.46
C VAL A 47 -3.78 6.74 -2.82
N SER A 48 -3.70 7.92 -2.27
CA SER A 48 -2.46 8.31 -1.61
C SER A 48 -2.13 7.26 -0.56
N GLN A 49 -3.16 6.62 -0.01
CA GLN A 49 -2.95 5.54 0.95
C GLN A 49 -2.19 4.45 0.22
N VAL A 50 -2.59 4.23 -1.03
CA VAL A 50 -1.95 3.30 -1.93
C VAL A 50 -0.75 4.00 -2.54
N SER A 51 -1.03 5.08 -3.28
CA SER A 51 0.02 5.89 -3.91
C SER A 51 1.24 6.02 -3.01
N ASN A 52 1.02 6.33 -1.75
CA ASN A 52 2.12 6.48 -0.79
C ASN A 52 2.70 5.13 -0.42
N TRP A 53 1.84 4.12 -0.25
CA TRP A 53 2.29 2.78 0.10
C TRP A 53 3.37 2.32 -0.86
N PHE A 54 3.06 2.36 -2.15
CA PHE A 54 3.99 1.93 -3.17
C PHE A 54 5.04 2.97 -3.47
N GLY A 55 4.89 4.14 -2.85
CA GLY A 55 5.86 5.20 -3.04
C GLY A 55 6.94 5.12 -1.99
N ASN A 56 6.51 4.90 -0.74
CA ASN A 56 7.42 4.77 0.40
C ASN A 56 7.62 3.29 0.71
N LYS A 57 6.55 2.66 1.17
CA LYS A 57 6.60 1.24 1.53
C LYS A 57 7.19 0.40 0.40
N ARG A 58 7.32 0.97 -0.79
CA ARG A 58 7.91 0.27 -1.91
C ARG A 58 9.32 -0.13 -1.52
N ILE A 59 9.88 0.59 -0.55
CA ILE A 59 11.21 0.26 -0.08
C ILE A 59 11.08 -0.77 1.03
N ARG A 60 11.11 -0.32 2.28
CA ARG A 60 10.94 -1.17 3.46
C ARG A 60 11.90 -2.37 3.54
N TYR A 61 12.25 -2.92 2.42
CA TYR A 61 13.12 -4.10 2.36
C TYR A 61 14.60 -3.74 2.23
N LYS A 62 14.95 -2.51 2.53
CA LYS A 62 16.34 -2.07 2.46
C LYS A 62 16.55 -0.81 3.30
N LYS A 63 17.36 -0.93 4.35
CA LYS A 63 17.64 0.20 5.22
C LYS A 63 18.67 1.13 4.59
N ASN A 64 18.41 1.58 3.37
CA ASN A 64 19.32 2.47 2.67
C ASN A 64 19.00 3.93 2.99
#